data_7PUY
#
_entry.id   7PUY
#
_cell.length_a   1.00
_cell.length_b   1.00
_cell.length_c   1.00
_cell.angle_alpha   90.00
_cell.angle_beta   90.00
_cell.angle_gamma   90.00
#
_symmetry.space_group_name_H-M   'P 1'
#
loop_
_entity.id
_entity.type
_entity.pdbx_description
1 polymer 'Glycoprotein G2'
2 polymer 'Pre-glycoprotein polyprotein GP complex'
3 branched 2-acetamido-2-deoxy-beta-D-glucopyranose-(1-4)-2-acetamido-2-deoxy-beta-D-glucopyranose
4 branched 'alpha-D-xylopyranose-(1-3)-beta-D-glucopyranuronic acid-(1-3)-alpha-D-xylopyranose'
5 non-polymer 2-acetamido-2-deoxy-beta-D-glucopyranose
#
loop_
_entity_poly.entity_id
_entity_poly.type
_entity_poly.pdbx_seq_one_letter_code
_entity_poly.pdbx_strand_id
1 'polypeptide(L)'
;GTFTWTLSDSEGKDTPGGYCLTRWMLIEAELKCFGNTAVAKCNEKHDEEFCDMLRLFDFNKQAIQRLKAEAQMSIQLINK
AVNALINDQLIMKNHLRDIMGIPYCNYSKYWYLNHTTTGRTSLPKCWLVSNGSYLNETHFSDDIEQQADNMITEMLQKEY
MERQGKTPLGLVDLFVFSTSFYLISIFLHLVKIPTHRHIVGKSCPKPHRLNHMGICSCGLYKQPGVPVKWKRGGGSDYKD
DDDK
;
a,b,c
2 'polypeptide(L)'
;MGQIVTFFQEVPHVIEEVMNIVLIALSVLAVLKGLYNFATCGLVGLVTFLLLCGRSCTTSLYKGVYELQTLELNMETLNM
TMPLSCTKNNSHHYIMVGNETGLELTLTNTSIINHKFCNLSDAHKKNLYDHALMSIISTFHLSIPNFNQYEAMSCDFNGG
KISVQYNLSHSYAGDAANHCGTVANGVLQTFMRMAWGGSYIALDSGRGNWDCIMTSYQYLIIQNTTWEDHCQFSRPSPIG
YLGLLSQRTRDIYISRRLL
;
A,B,C
#
loop_
_chem_comp.id
_chem_comp.type
_chem_comp.name
_chem_comp.formula
BDP D-saccharide, beta linking 'beta-D-glucopyranuronic acid' 'C6 H10 O7'
NAG D-saccharide, beta linking 2-acetamido-2-deoxy-beta-D-glucopyranose 'C8 H15 N O6'
XYS D-saccharide, alpha linking alpha-D-xylopyranose 'C5 H10 O5'
#
# COMPACT_ATOMS: atom_id res chain seq x y z
N GLY A 1 4.75 -2.18 1.68
CA GLY A 1 4.67 -1.29 0.54
C GLY A 1 3.64 -1.72 -0.48
N THR A 2 3.74 -1.18 -1.69
CA THR A 2 2.84 -1.50 -2.79
C THR A 2 3.68 -1.85 -4.03
N PHE A 3 2.98 -2.20 -5.10
CA PHE A 3 3.65 -2.50 -6.36
C PHE A 3 4.26 -1.24 -6.96
N THR A 4 5.40 -1.42 -7.64
CA THR A 4 6.06 -0.32 -8.32
C THR A 4 6.46 -0.63 -9.75
N TRP A 5 6.31 -1.87 -10.21
CA TRP A 5 6.72 -2.23 -11.57
C TRP A 5 5.90 -1.47 -12.60
N THR A 6 6.55 -1.13 -13.72
CA THR A 6 5.93 -0.40 -14.80
C THR A 6 5.93 -1.26 -16.06
N LEU A 7 4.90 -1.06 -16.89
CA LEU A 7 4.70 -1.91 -18.05
C LEU A 7 5.62 -1.49 -19.18
N SER A 8 6.32 -2.46 -19.75
CA SER A 8 7.21 -2.21 -20.88
C SER A 8 6.41 -1.80 -22.11
N ASP A 9 7.03 -0.99 -22.96
CA ASP A 9 6.39 -0.55 -24.20
C ASP A 9 6.00 -1.76 -25.05
N SER A 10 4.78 -1.73 -25.58
CA SER A 10 4.22 -2.83 -26.34
C SER A 10 4.12 -2.46 -27.82
N GLU A 11 4.52 -3.39 -28.69
CA GLU A 11 4.56 -3.15 -30.12
C GLU A 11 3.18 -3.37 -30.74
N GLY A 12 2.22 -2.55 -30.31
CA GLY A 12 0.90 -2.54 -30.89
C GLY A 12 0.54 -1.21 -31.50
N LYS A 13 0.27 -1.20 -32.81
CA LYS A 13 -0.02 0.06 -33.49
C LYS A 13 -1.28 0.71 -32.96
N ASP A 14 -2.33 -0.07 -32.74
CA ASP A 14 -3.58 0.50 -32.22
C ASP A 14 -3.41 1.01 -30.81
N THR A 15 -2.67 0.27 -29.96
CA THR A 15 -2.49 0.59 -28.55
C THR A 15 -1.01 0.83 -28.29
N PRO A 16 -0.55 2.08 -28.36
CA PRO A 16 0.89 2.36 -28.19
C PRO A 16 1.42 2.04 -26.80
N GLY A 17 0.70 2.46 -25.77
CA GLY A 17 1.20 2.35 -24.41
C GLY A 17 0.57 1.26 -23.57
N GLY A 18 -0.32 0.45 -24.16
CA GLY A 18 -1.09 -0.54 -23.42
C GLY A 18 -0.63 -1.95 -23.77
N TYR A 19 -0.46 -2.76 -22.72
CA TYR A 19 0.00 -4.14 -22.89
C TYR A 19 -0.94 -4.92 -23.80
N CYS A 20 -0.40 -5.41 -24.92
CA CYS A 20 -1.15 -6.22 -25.87
C CYS A 20 -0.75 -7.67 -25.72
N LEU A 21 -1.74 -8.55 -25.54
CA LEU A 21 -1.49 -9.97 -25.33
C LEU A 21 -1.41 -10.67 -26.68
N THR A 22 -0.34 -11.45 -26.87
CA THR A 22 -0.07 -12.07 -28.17
C THR A 22 -0.88 -13.36 -28.31
N ARG A 23 -0.57 -14.14 -29.35
CA ARG A 23 -1.26 -15.40 -29.58
C ARG A 23 -0.98 -16.41 -28.47
N TRP A 24 0.27 -16.49 -28.03
CA TRP A 24 0.65 -17.50 -27.05
C TRP A 24 -0.06 -17.29 -25.72
N MET A 25 -0.27 -16.03 -25.34
CA MET A 25 -0.83 -15.72 -24.03
C MET A 25 -2.26 -16.23 -23.88
N LEU A 26 -3.08 -16.02 -24.91
CA LEU A 26 -4.51 -16.36 -24.85
C LEU A 26 -4.75 -17.70 -25.54
N ILE A 27 -5.36 -18.64 -24.82
CA ILE A 27 -5.62 -19.97 -25.35
C ILE A 27 -6.61 -19.87 -26.50
N GLU A 28 -6.20 -20.32 -27.69
CA GLU A 28 -7.08 -20.49 -28.84
C GLU A 28 -7.89 -19.23 -29.15
N ALA A 29 -7.24 -18.07 -29.03
CA ALA A 29 -7.94 -16.82 -29.31
C ALA A 29 -7.07 -15.79 -30.01
N GLU A 30 -5.96 -16.20 -30.62
CA GLU A 30 -5.11 -15.35 -31.46
C GLU A 30 -4.59 -14.18 -30.59
N LEU A 31 -4.59 -12.96 -31.12
CA LEU A 31 -3.97 -11.82 -30.45
C LEU A 31 -5.04 -10.76 -30.19
N LYS A 32 -5.04 -10.20 -28.98
CA LYS A 32 -5.90 -9.09 -28.63
C LYS A 32 -5.09 -8.00 -27.95
N CYS A 33 -5.50 -6.75 -28.19
CA CYS A 33 -4.82 -5.57 -27.66
C CYS A 33 -5.81 -4.83 -26.77
N PHE A 34 -5.36 -4.42 -25.59
CA PHE A 34 -6.25 -3.84 -24.59
C PHE A 34 -6.28 -2.31 -24.63
N GLY A 35 -5.11 -1.68 -24.64
CA GLY A 35 -5.08 -0.23 -24.59
C GLY A 35 -4.41 0.30 -23.34
N ASN A 36 -4.03 1.58 -23.37
CA ASN A 36 -3.29 2.16 -22.25
C ASN A 36 -4.20 2.40 -21.04
N THR A 37 -5.47 2.73 -21.28
CA THR A 37 -6.38 3.05 -20.19
C THR A 37 -6.60 1.85 -19.27
N ALA A 38 -6.89 0.69 -19.87
CA ALA A 38 -7.20 -0.49 -19.08
C ALA A 38 -6.00 -0.94 -18.25
N VAL A 39 -4.81 -0.94 -18.85
CA VAL A 39 -3.63 -1.39 -18.12
C VAL A 39 -3.20 -0.36 -17.07
N ALA A 40 -3.36 0.93 -17.36
CA ALA A 40 -2.98 1.98 -16.42
C ALA A 40 -4.03 2.22 -15.34
N LYS A 41 -5.21 1.61 -15.47
CA LYS A 41 -6.25 1.77 -14.46
C LYS A 41 -5.77 1.44 -13.06
N CYS A 42 -5.04 0.33 -12.89
CA CYS A 42 -4.63 -0.09 -11.56
C CYS A 42 -3.24 0.43 -11.18
N ASN A 43 -2.85 1.61 -11.67
CA ASN A 43 -1.71 2.29 -11.08
C ASN A 43 -2.04 2.93 -9.75
N GLU A 44 -3.33 3.07 -9.44
CA GLU A 44 -3.80 3.41 -8.11
C GLU A 44 -4.64 2.33 -7.47
N LYS A 45 -5.16 1.38 -8.25
CA LYS A 45 -6.06 0.37 -7.72
C LYS A 45 -5.29 -0.79 -7.12
N HIS A 46 -5.80 -1.32 -6.00
CA HIS A 46 -5.24 -2.49 -5.35
C HIS A 46 -6.21 -3.68 -5.35
N ASP A 47 -7.33 -3.58 -6.08
CA ASP A 47 -8.40 -4.56 -6.00
C ASP A 47 -8.69 -5.24 -7.33
N GLU A 48 -7.78 -5.15 -8.30
CA GLU A 48 -7.93 -5.83 -9.58
C GLU A 48 -6.91 -6.95 -9.69
N GLU A 49 -7.33 -8.08 -10.27
CA GLU A 49 -6.48 -9.25 -10.38
C GLU A 49 -5.85 -9.42 -11.76
N PHE A 50 -6.55 -9.06 -12.83
CA PHE A 50 -6.03 -9.36 -14.17
C PHE A 50 -4.84 -8.48 -14.52
N CYS A 51 -4.83 -7.23 -14.08
CA CYS A 51 -3.71 -6.38 -14.45
C CYS A 51 -2.46 -6.75 -13.67
N ASP A 52 -2.62 -7.33 -12.47
CA ASP A 52 -1.51 -7.96 -11.80
C ASP A 52 -0.96 -9.12 -12.64
N MET A 53 -1.86 -9.92 -13.23
CA MET A 53 -1.43 -11.01 -14.11
C MET A 53 -0.66 -10.48 -15.31
N LEU A 54 -1.14 -9.39 -15.93
CA LEU A 54 -0.41 -8.88 -17.10
C LEU A 54 0.89 -8.20 -16.69
N ARG A 55 0.98 -7.69 -15.45
CA ARG A 55 2.28 -7.28 -14.92
C ARG A 55 3.22 -8.47 -14.78
N LEU A 56 2.69 -9.61 -14.34
CA LEU A 56 3.48 -10.84 -14.33
C LEU A 56 3.92 -11.22 -15.74
N PHE A 57 3.03 -11.06 -16.71
CA PHE A 57 3.34 -11.35 -18.11
C PHE A 57 4.50 -10.47 -18.59
N ASP A 58 4.41 -9.17 -18.30
CA ASP A 58 5.44 -8.24 -18.76
C ASP A 58 6.76 -8.48 -18.04
N PHE A 59 6.70 -8.83 -16.75
CA PHE A 59 7.92 -9.18 -16.03
C PHE A 59 8.58 -10.41 -16.64
N ASN A 60 7.78 -11.43 -16.98
CA ASN A 60 8.32 -12.60 -17.67
C ASN A 60 8.95 -12.21 -19.01
N LYS A 61 8.27 -11.35 -19.76
CA LYS A 61 8.80 -10.94 -21.07
C LYS A 61 10.13 -10.21 -20.92
N GLN A 62 10.21 -9.28 -19.96
CA GLN A 62 11.47 -8.60 -19.69
C GLN A 62 12.56 -9.58 -19.29
N ALA A 63 12.23 -10.52 -18.39
CA ALA A 63 13.23 -11.48 -17.94
C ALA A 63 13.72 -12.37 -19.08
N ILE A 64 12.86 -12.65 -20.06
CA ILE A 64 13.29 -13.49 -21.18
C ILE A 64 14.12 -12.69 -22.17
N GLN A 65 13.64 -11.51 -22.58
CA GLN A 65 14.28 -10.82 -23.69
C GLN A 65 15.60 -10.17 -23.26
N ARG A 66 15.65 -9.67 -22.02
CA ARG A 66 16.77 -8.85 -21.57
C ARG A 66 17.67 -9.59 -20.59
N LEU A 67 17.37 -10.86 -20.30
CA LEU A 67 18.31 -11.75 -19.63
C LEU A 67 18.46 -13.03 -20.48
N LYS A 68 19.06 -14.06 -19.92
CA LYS A 68 19.21 -15.34 -20.60
C LYS A 68 18.42 -16.41 -19.86
N ALA A 69 17.70 -17.23 -20.62
CA ALA A 69 16.87 -18.26 -20.02
C ALA A 69 17.70 -19.29 -19.26
N GLU A 70 18.77 -19.78 -19.90
CA GLU A 70 19.76 -20.68 -19.33
C GLU A 70 19.18 -22.07 -19.03
N ALA A 71 17.87 -22.26 -19.27
CA ALA A 71 17.13 -23.52 -19.14
C ALA A 71 16.91 -23.94 -17.69
N GLN A 72 17.42 -23.18 -16.72
CA GLN A 72 17.15 -23.43 -15.31
C GLN A 72 16.52 -22.20 -14.69
N MET A 73 15.60 -22.41 -13.76
CA MET A 73 14.78 -21.32 -13.24
C MET A 73 15.61 -20.40 -12.35
N SER A 74 15.32 -19.10 -12.43
CA SER A 74 15.84 -18.11 -11.50
C SER A 74 14.66 -17.56 -10.69
N ILE A 75 14.33 -18.27 -9.61
CA ILE A 75 13.28 -17.81 -8.69
C ILE A 75 13.64 -16.53 -7.96
N GLN A 76 14.91 -16.10 -8.02
CA GLN A 76 15.33 -14.90 -7.30
C GLN A 76 14.51 -13.69 -7.76
N LEU A 77 14.39 -13.51 -9.07
CA LEU A 77 13.69 -12.34 -9.60
C LEU A 77 12.24 -12.30 -9.15
N ILE A 78 11.54 -13.42 -9.26
CA ILE A 78 10.11 -13.42 -8.93
C ILE A 78 9.92 -13.27 -7.42
N ASN A 79 10.75 -13.93 -6.62
CA ASN A 79 10.62 -13.80 -5.18
C ASN A 79 10.94 -12.38 -4.71
N LYS A 80 11.85 -11.70 -5.39
CA LYS A 80 12.16 -10.32 -5.03
C LYS A 80 11.07 -9.36 -5.50
N ALA A 81 10.52 -9.57 -6.69
CA ALA A 81 9.62 -8.62 -7.33
C ALA A 81 8.14 -8.89 -7.11
N VAL A 82 7.79 -9.96 -6.39
CA VAL A 82 6.38 -10.32 -6.27
C VAL A 82 5.58 -9.20 -5.60
N ASN A 83 6.16 -8.54 -4.59
CA ASN A 83 5.47 -7.40 -3.99
C ASN A 83 5.52 -6.17 -4.88
N ALA A 84 6.42 -6.12 -5.85
CA ALA A 84 6.47 -5.01 -6.80
C ALA A 84 5.61 -5.23 -8.03
N LEU A 85 5.05 -6.42 -8.20
CA LEU A 85 4.22 -6.76 -9.36
C LEU A 85 2.75 -6.86 -9.03
N ILE A 86 2.39 -7.54 -7.94
CA ILE A 86 1.00 -7.84 -7.61
C ILE A 86 0.70 -7.34 -6.21
N ASN A 87 -0.59 -7.15 -5.95
CA ASN A 87 -1.05 -6.86 -4.60
C ASN A 87 -0.90 -8.11 -3.74
N ASP A 88 -0.59 -7.89 -2.46
CA ASP A 88 -0.21 -8.97 -1.57
C ASP A 88 -1.38 -9.57 -0.80
N GLN A 89 -2.51 -8.86 -0.69
CA GLN A 89 -3.62 -9.31 0.12
C GLN A 89 -4.91 -9.52 -0.68
N LEU A 90 -4.90 -9.25 -1.99
CA LEU A 90 -6.05 -9.56 -2.83
C LEU A 90 -6.29 -11.06 -2.89
N ILE A 91 -5.22 -11.84 -2.97
CA ILE A 91 -5.32 -13.29 -2.92
C ILE A 91 -5.87 -13.73 -1.57
N MET A 92 -5.48 -13.02 -0.50
CA MET A 92 -6.07 -13.27 0.80
C MET A 92 -7.56 -13.02 0.79
N LYS A 93 -8.00 -11.91 0.17
CA LYS A 93 -9.42 -11.62 0.10
C LYS A 93 -10.19 -12.72 -0.62
N ASN A 94 -9.59 -13.27 -1.69
CA ASN A 94 -10.30 -14.30 -2.43
C ASN A 94 -10.29 -15.63 -1.68
N HIS A 95 -9.20 -15.91 -0.96
CA HIS A 95 -9.18 -17.08 -0.07
C HIS A 95 -10.26 -16.97 0.99
N LEU A 96 -10.46 -15.78 1.54
CA LEU A 96 -11.49 -15.59 2.56
C LEU A 96 -12.89 -15.77 1.98
N ARG A 97 -13.16 -15.12 0.84
CA ARG A 97 -14.43 -15.35 0.15
C ARG A 97 -14.66 -16.84 -0.11
N ASP A 98 -13.59 -17.57 -0.44
CA ASP A 98 -13.72 -19.01 -0.66
C ASP A 98 -14.09 -19.74 0.64
N ILE A 99 -13.41 -19.40 1.74
CA ILE A 99 -13.68 -20.07 3.02
C ILE A 99 -15.11 -19.81 3.47
N MET A 100 -15.57 -18.56 3.35
CA MET A 100 -16.90 -18.19 3.81
C MET A 100 -17.98 -18.93 3.03
N GLY A 101 -17.76 -19.15 1.73
CA GLY A 101 -18.72 -19.85 0.89
C GLY A 101 -19.37 -18.99 -0.16
N ILE A 102 -18.88 -17.78 -0.38
CA ILE A 102 -19.35 -16.91 -1.46
C ILE A 102 -18.50 -17.23 -2.69
N PRO A 103 -18.97 -16.95 -3.91
CA PRO A 103 -18.14 -17.21 -5.08
C PRO A 103 -16.83 -16.42 -5.04
N TYR A 104 -15.73 -17.12 -5.32
CA TYR A 104 -14.41 -16.53 -5.30
C TYR A 104 -13.83 -16.47 -6.71
N CYS A 105 -12.80 -15.65 -6.86
CA CYS A 105 -12.05 -15.57 -8.11
C CYS A 105 -11.39 -16.89 -8.46
N ASN A 106 -11.52 -17.30 -9.72
CA ASN A 106 -10.83 -18.49 -10.20
C ASN A 106 -9.35 -18.21 -10.42
N TYR A 107 -9.03 -17.06 -11.03
CA TYR A 107 -7.71 -16.63 -11.50
C TYR A 107 -7.28 -17.31 -12.80
N SER A 108 -8.16 -18.05 -13.47
CA SER A 108 -7.88 -18.57 -14.80
C SER A 108 -8.69 -17.89 -15.89
N LYS A 109 -10.02 -17.84 -15.75
CA LYS A 109 -10.86 -17.12 -16.69
C LYS A 109 -11.08 -15.70 -16.21
N TYR A 110 -11.02 -14.76 -17.15
CA TYR A 110 -11.34 -13.36 -16.90
C TYR A 110 -12.30 -12.89 -17.97
N TRP A 111 -13.30 -12.11 -17.57
CA TRP A 111 -14.30 -11.60 -18.50
C TRP A 111 -14.21 -10.09 -18.59
N TYR A 112 -14.50 -9.58 -19.79
CA TYR A 112 -14.44 -8.17 -20.09
C TYR A 112 -15.48 -7.84 -21.14
N LEU A 113 -15.82 -6.55 -21.23
CA LEU A 113 -16.84 -6.08 -22.17
C LEU A 113 -16.13 -5.47 -23.37
N ASN A 114 -15.90 -6.29 -24.40
CA ASN A 114 -15.31 -5.80 -25.64
C ASN A 114 -16.31 -4.94 -26.38
N HIS A 115 -15.98 -3.67 -26.58
CA HIS A 115 -16.79 -2.78 -27.40
C HIS A 115 -16.60 -3.15 -28.87
N THR A 116 -17.66 -3.66 -29.50
CA THR A 116 -17.52 -4.27 -30.82
C THR A 116 -17.06 -3.25 -31.87
N THR A 117 -17.69 -2.07 -31.88
CA THR A 117 -17.43 -1.11 -32.94
C THR A 117 -16.05 -0.48 -32.80
N THR A 118 -15.68 -0.05 -31.59
CA THR A 118 -14.44 0.68 -31.38
C THR A 118 -13.28 -0.20 -30.94
N GLY A 119 -13.57 -1.34 -30.29
CA GLY A 119 -12.54 -2.24 -29.84
C GLY A 119 -11.94 -1.94 -28.49
N ARG A 120 -12.50 -0.97 -27.76
CA ARG A 120 -12.07 -0.76 -26.38
C ARG A 120 -12.47 -1.96 -25.52
N THR A 121 -11.79 -2.09 -24.37
CA THR A 121 -12.13 -3.11 -23.40
C THR A 121 -12.07 -2.52 -22.00
N SER A 122 -12.97 -3.00 -21.14
CA SER A 122 -12.75 -2.85 -19.71
C SER A 122 -11.56 -3.70 -19.29
N LEU A 123 -10.96 -3.33 -18.16
CA LEU A 123 -9.94 -4.19 -17.60
C LEU A 123 -10.60 -5.49 -17.18
N PRO A 124 -10.20 -6.62 -17.75
CA PRO A 124 -10.87 -7.90 -17.44
C PRO A 124 -10.81 -8.19 -15.95
N LYS A 125 -11.90 -8.73 -15.42
CA LYS A 125 -11.96 -9.11 -14.02
C LYS A 125 -12.38 -10.56 -13.89
N CYS A 126 -12.05 -11.14 -12.74
CA CYS A 126 -12.10 -12.58 -12.56
C CYS A 126 -13.52 -13.11 -12.69
N TRP A 127 -13.65 -14.24 -13.40
CA TRP A 127 -14.90 -14.97 -13.46
C TRP A 127 -15.09 -15.74 -12.16
N LEU A 128 -16.12 -15.39 -11.40
CA LEU A 128 -16.37 -16.03 -10.11
C LEU A 128 -16.67 -17.50 -10.29
N VAL A 129 -16.06 -18.32 -9.43
CA VAL A 129 -16.33 -19.77 -9.39
C VAL A 129 -16.85 -20.13 -8.00
N SER A 130 -17.89 -20.97 -7.97
CA SER A 130 -18.52 -21.35 -6.71
C SER A 130 -19.05 -22.77 -6.86
N ASN A 131 -19.21 -23.43 -5.71
CA ASN A 131 -19.89 -24.74 -5.63
C ASN A 131 -19.28 -25.75 -6.60
N GLY A 132 -18.01 -25.55 -6.93
CA GLY A 132 -17.33 -26.43 -7.87
C GLY A 132 -17.68 -26.21 -9.33
N SER A 133 -18.22 -25.05 -9.68
CA SER A 133 -18.56 -24.77 -11.07
C SER A 133 -18.53 -23.27 -11.32
N TYR A 134 -18.49 -22.91 -12.59
CA TYR A 134 -18.64 -21.51 -12.99
C TYR A 134 -20.04 -21.00 -12.70
N LEU A 135 -20.11 -19.78 -12.16
CA LEU A 135 -21.40 -19.12 -12.02
C LEU A 135 -22.00 -18.85 -13.39
N ASN A 136 -23.31 -19.06 -13.50
CA ASN A 136 -24.03 -18.66 -14.69
C ASN A 136 -23.95 -17.15 -14.89
N GLU A 137 -23.83 -16.75 -16.16
CA GLU A 137 -23.82 -15.32 -16.51
C GLU A 137 -25.07 -14.60 -15.99
N THR A 138 -26.17 -15.33 -15.80
CA THR A 138 -27.37 -14.74 -15.20
C THR A 138 -27.13 -14.38 -13.74
N HIS A 139 -26.35 -15.20 -13.01
CA HIS A 139 -26.18 -14.98 -11.58
C HIS A 139 -25.53 -13.64 -11.28
N PHE A 140 -24.44 -13.31 -11.99
CA PHE A 140 -23.75 -12.04 -11.80
C PHE A 140 -24.01 -11.05 -12.93
N SER A 141 -25.14 -11.20 -13.62
CA SER A 141 -25.56 -10.22 -14.62
C SER A 141 -25.55 -8.80 -14.05
N ASP A 142 -25.97 -8.65 -12.79
CA ASP A 142 -25.97 -7.35 -12.15
C ASP A 142 -24.57 -6.75 -12.12
N ASP A 143 -23.57 -7.57 -11.77
CA ASP A 143 -22.19 -7.10 -11.80
C ASP A 143 -21.76 -6.74 -13.21
N ILE A 144 -22.26 -7.47 -14.22
CA ILE A 144 -21.92 -7.15 -15.61
C ILE A 144 -22.44 -5.76 -15.97
N GLU A 145 -23.69 -5.47 -15.64
CA GLU A 145 -24.21 -4.13 -15.93
C GLU A 145 -23.51 -3.06 -15.10
N GLN A 146 -23.11 -3.39 -13.88
CA GLN A 146 -22.35 -2.45 -13.07
C GLN A 146 -21.01 -2.12 -13.72
N GLN A 147 -20.35 -3.13 -14.29
CA GLN A 147 -19.09 -2.90 -14.96
C GLN A 147 -19.29 -2.15 -16.28
N ALA A 148 -20.39 -2.39 -16.98
CA ALA A 148 -20.71 -1.59 -18.17
C ALA A 148 -20.87 -0.12 -17.80
N ASP A 149 -21.63 0.15 -16.74
CA ASP A 149 -21.77 1.52 -16.26
C ASP A 149 -20.45 2.10 -15.80
N ASN A 150 -19.59 1.27 -15.21
CA ASN A 150 -18.27 1.73 -14.79
C ASN A 150 -17.41 2.10 -15.98
N MET A 151 -17.48 1.31 -17.06
CA MET A 151 -16.78 1.66 -18.29
C MET A 151 -17.27 3.00 -18.82
N ILE A 152 -18.58 3.18 -18.87
CA ILE A 152 -19.15 4.42 -19.40
C ILE A 152 -18.68 5.61 -18.57
N THR A 153 -18.81 5.50 -17.24
CA THR A 153 -18.42 6.60 -16.37
C THR A 153 -16.93 6.90 -16.46
N GLU A 154 -16.10 5.86 -16.51
CA GLU A 154 -14.66 6.06 -16.52
C GLU A 154 -14.19 6.68 -17.82
N MET A 155 -14.79 6.28 -18.96
CA MET A 155 -14.40 6.92 -20.21
C MET A 155 -14.94 8.34 -20.30
N LEU A 156 -16.12 8.61 -19.76
CA LEU A 156 -16.62 9.98 -19.75
C LEU A 156 -15.88 10.86 -18.74
N GLN A 157 -15.19 10.25 -17.78
CA GLN A 157 -14.40 11.00 -16.79
C GLN A 157 -12.98 11.26 -17.26
N LYS A 158 -12.34 10.30 -17.92
CA LYS A 158 -10.96 10.48 -18.34
C LYS A 158 -10.82 11.61 -19.35
N GLU A 159 -11.77 11.73 -20.27
CA GLU A 159 -11.75 12.84 -21.21
C GLU A 159 -11.89 14.17 -20.50
N TYR A 160 -12.71 14.21 -19.44
CA TYR A 160 -12.81 15.42 -18.63
C TYR A 160 -11.47 15.75 -17.98
N MET A 161 -10.80 14.73 -17.42
CA MET A 161 -9.51 14.97 -16.80
C MET A 161 -8.49 15.46 -17.81
N GLU A 162 -8.50 14.91 -19.02
CA GLU A 162 -7.59 15.38 -20.07
C GLU A 162 -7.88 16.82 -20.45
N ARG A 163 -9.16 17.18 -20.57
CA ARG A 163 -9.53 18.56 -20.88
C ARG A 163 -9.06 19.49 -19.77
N GLN A 164 -9.24 19.08 -18.51
CA GLN A 164 -8.79 19.90 -17.38
C GLN A 164 -7.28 20.07 -17.42
N GLY A 165 -6.55 18.99 -17.74
CA GLY A 165 -5.10 19.07 -17.78
C GLY A 165 -4.60 20.01 -18.87
N LYS A 166 -5.24 19.98 -20.04
CA LYS A 166 -4.76 20.82 -21.13
C LYS A 166 -5.33 22.23 -21.09
N THR A 167 -6.59 22.40 -20.69
CA THR A 167 -7.21 23.71 -20.67
C THR A 167 -7.08 24.35 -19.30
N PRO A 168 -6.47 25.53 -19.18
CA PRO A 168 -6.36 26.17 -17.87
C PRO A 168 -7.68 26.80 -17.43
N LEU A 169 -7.75 27.13 -16.14
CA LEU A 169 -8.95 27.76 -15.61
C LEU A 169 -9.08 29.21 -16.02
N GLY A 170 -7.96 29.89 -16.29
CA GLY A 170 -8.07 31.26 -16.75
C GLY A 170 -8.86 31.40 -18.03
N LEU A 171 -8.94 30.34 -18.84
CA LEU A 171 -9.74 30.40 -20.05
C LEU A 171 -11.22 30.29 -19.74
N VAL A 172 -11.63 29.20 -19.08
CA VAL A 172 -13.06 29.03 -18.82
C VAL A 172 -13.57 30.14 -17.92
N ASP A 173 -12.74 30.64 -17.00
CA ASP A 173 -13.08 31.82 -16.23
C ASP A 173 -13.31 33.03 -17.13
N LEU A 174 -12.27 33.52 -17.81
CA LEU A 174 -12.45 34.74 -18.58
C LEU A 174 -13.53 34.57 -19.64
N PHE A 175 -13.83 33.32 -20.02
CA PHE A 175 -14.94 33.05 -20.94
C PHE A 175 -16.28 33.29 -20.27
N VAL A 176 -16.47 32.75 -19.06
CA VAL A 176 -17.77 32.92 -18.41
C VAL A 176 -17.96 34.36 -17.96
N PHE A 177 -16.88 35.04 -17.54
CA PHE A 177 -16.98 36.47 -17.25
C PHE A 177 -17.31 37.27 -18.50
N SER A 178 -16.69 36.96 -19.64
CA SER A 178 -16.96 37.74 -20.85
C SER A 178 -18.38 37.50 -21.35
N THR A 179 -18.84 36.25 -21.31
CA THR A 179 -20.21 35.95 -21.71
C THR A 179 -21.22 36.61 -20.77
N SER A 180 -20.93 36.62 -19.46
CA SER A 180 -21.80 37.31 -18.52
C SER A 180 -21.83 38.80 -18.78
N PHE A 181 -20.68 39.41 -19.08
CA PHE A 181 -20.67 40.85 -19.36
C PHE A 181 -21.36 41.18 -20.68
N TYR A 182 -21.32 40.27 -21.65
CA TYR A 182 -22.10 40.48 -22.87
C TYR A 182 -23.58 40.30 -22.60
N LEU A 183 -23.96 39.34 -21.76
CA LEU A 183 -25.36 39.22 -21.35
C LEU A 183 -25.83 40.48 -20.63
N ILE A 184 -24.94 41.09 -19.84
CA ILE A 184 -25.25 42.37 -19.20
C ILE A 184 -25.46 43.45 -20.25
N SER A 185 -24.62 43.45 -21.29
CA SER A 185 -24.79 44.42 -22.37
C SER A 185 -26.12 44.23 -23.07
N ILE A 186 -26.53 42.97 -23.28
CA ILE A 186 -27.84 42.71 -23.87
C ILE A 186 -28.95 43.17 -22.94
N PHE A 187 -28.75 43.03 -21.63
CA PHE A 187 -29.72 43.55 -20.67
C PHE A 187 -29.85 45.06 -20.80
N LEU A 188 -28.73 45.75 -20.98
CA LEU A 188 -28.77 47.20 -21.16
C LEU A 188 -29.49 47.58 -22.45
N HIS A 189 -29.27 46.81 -23.51
CA HIS A 189 -29.92 47.07 -24.80
C HIS A 189 -31.43 46.90 -24.69
N GLY B 1 1.42 -5.02 0.75
CA GLY B 1 0.19 -4.68 0.06
C GLY B 1 -0.68 -3.71 0.83
N THR B 2 -1.96 -3.62 0.43
CA THR B 2 -2.93 -2.75 1.09
C THR B 2 -4.18 -3.58 1.41
N PHE B 3 -5.14 -2.91 2.04
CA PHE B 3 -6.42 -3.55 2.36
C PHE B 3 -7.21 -3.83 1.09
N THR B 4 -7.94 -4.95 1.12
CA THR B 4 -8.80 -5.32 0.01
C THR B 4 -10.22 -5.70 0.42
N TRP B 5 -10.52 -5.79 1.71
CA TRP B 5 -11.85 -6.19 2.15
C TRP B 5 -12.90 -5.16 1.72
N THR B 6 -14.09 -5.66 1.41
CA THR B 6 -15.20 -4.84 0.97
C THR B 6 -16.34 -4.94 1.97
N LEU B 7 -17.10 -3.86 2.10
CA LEU B 7 -18.14 -3.78 3.12
C LEU B 7 -19.39 -4.52 2.67
N SER B 8 -19.89 -5.39 3.54
CA SER B 8 -21.11 -6.13 3.26
C SER B 8 -22.31 -5.19 3.20
N ASP B 9 -23.30 -5.57 2.39
CA ASP B 9 -24.52 -4.78 2.27
C ASP B 9 -25.19 -4.62 3.63
N SER B 10 -25.62 -3.39 3.93
CA SER B 10 -26.19 -3.04 5.22
C SER B 10 -27.69 -2.79 5.06
N GLU B 11 -28.47 -3.32 6.01
CA GLU B 11 -29.93 -3.22 5.94
C GLU B 11 -30.40 -1.89 6.54
N GLY B 12 -29.99 -0.80 5.88
CA GLY B 12 -30.45 0.53 6.22
C GLY B 12 -31.18 1.19 5.08
N LYS B 13 -32.45 1.54 5.30
CA LYS B 13 -33.26 2.12 4.23
C LYS B 13 -32.69 3.47 3.79
N ASP B 14 -32.30 4.32 4.73
CA ASP B 14 -31.75 5.62 4.39
C ASP B 14 -30.41 5.49 3.66
N THR B 15 -29.56 4.56 4.11
CA THR B 15 -28.22 4.38 3.57
C THR B 15 -28.12 2.96 3.00
N PRO B 16 -28.36 2.79 1.70
CA PRO B 16 -28.36 1.45 1.11
C PRO B 16 -26.99 0.77 1.13
N GLY B 17 -25.95 1.50 0.73
CA GLY B 17 -24.64 0.92 0.57
C GLY B 17 -23.62 1.25 1.63
N GLY B 18 -24.04 1.97 2.68
CA GLY B 18 -23.13 2.46 3.70
C GLY B 18 -23.34 1.73 5.01
N TYR B 19 -22.23 1.33 5.63
CA TYR B 19 -22.27 0.60 6.89
C TYR B 19 -23.00 1.40 7.96
N CYS B 20 -24.09 0.83 8.48
CA CYS B 20 -24.87 1.45 9.54
C CYS B 20 -24.59 0.73 10.85
N LEU B 21 -24.22 1.49 11.87
CA LEU B 21 -23.87 0.93 13.18
C LEU B 21 -25.13 0.78 14.03
N THR B 22 -25.33 -0.42 14.58
CA THR B 22 -26.55 -0.74 15.29
C THR B 22 -26.47 -0.22 16.73
N ARG B 23 -27.44 -0.63 17.56
CA ARG B 23 -27.47 -0.22 18.96
C ARG B 23 -26.28 -0.77 19.73
N TRP B 24 -25.93 -2.04 19.49
CA TRP B 24 -24.87 -2.68 20.27
C TRP B 24 -23.52 -2.03 20.03
N MET B 25 -23.28 -1.56 18.80
CA MET B 25 -21.97 -1.02 18.44
C MET B 25 -21.64 0.25 19.22
N LEU B 26 -22.61 1.16 19.32
CA LEU B 26 -22.40 2.47 19.93
C LEU B 26 -22.90 2.45 21.38
N ILE B 27 -22.03 2.81 22.31
CA ILE B 27 -22.37 2.80 23.73
C ILE B 27 -23.44 3.86 23.99
N GLU B 28 -24.59 3.42 24.49
CA GLU B 28 -25.65 4.31 25.00
C GLU B 28 -26.02 5.38 23.98
N ALA B 29 -26.10 4.99 22.70
CA ALA B 29 -26.47 5.97 21.68
C ALA B 29 -27.36 5.38 20.59
N GLU B 30 -27.99 4.25 20.85
CA GLU B 30 -29.00 3.65 19.94
C GLU B 30 -28.33 3.35 18.61
N LEU B 31 -28.98 3.63 17.48
CA LEU B 31 -28.51 3.25 16.16
C LEU B 31 -28.29 4.50 15.32
N LYS B 32 -27.16 4.54 14.62
CA LYS B 32 -26.87 5.61 13.68
C LYS B 32 -26.40 5.02 12.36
N CYS B 33 -26.74 5.70 11.27
CA CYS B 33 -26.42 5.26 9.92
C CYS B 33 -25.54 6.33 9.28
N PHE B 34 -24.46 5.92 8.64
CA PHE B 34 -23.47 6.86 8.12
C PHE B 34 -23.67 7.21 6.66
N GLY B 35 -23.86 6.22 5.79
CA GLY B 35 -23.98 6.49 4.38
C GLY B 35 -22.87 5.88 3.56
N ASN B 36 -23.07 5.79 2.24
CA ASN B 36 -22.09 5.13 1.39
C ASN B 36 -20.86 6.00 1.19
N THR B 37 -21.02 7.32 1.16
CA THR B 37 -19.90 8.21 0.88
C THR B 37 -18.84 8.12 1.97
N ALA B 38 -19.27 8.19 3.24
CA ALA B 38 -18.32 8.18 4.34
C ALA B 38 -17.54 6.87 4.42
N VAL B 39 -18.24 5.74 4.25
CA VAL B 39 -17.56 4.46 4.35
C VAL B 39 -16.69 4.20 3.11
N ALA B 40 -17.12 4.65 1.94
CA ALA B 40 -16.34 4.46 0.72
C ALA B 40 -15.21 5.46 0.57
N LYS B 41 -15.16 6.49 1.42
CA LYS B 41 -14.10 7.49 1.34
C LYS B 41 -12.71 6.86 1.38
N CYS B 42 -12.48 5.90 2.28
CA CYS B 42 -11.14 5.33 2.42
C CYS B 42 -10.95 4.08 1.58
N ASN B 43 -11.59 3.97 0.42
CA ASN B 43 -11.20 2.96 -0.55
C ASN B 43 -9.93 3.36 -1.28
N GLU B 44 -9.52 4.62 -1.18
CA GLU B 44 -8.21 5.08 -1.60
C GLU B 44 -7.37 5.64 -0.46
N LYS B 45 -7.99 5.97 0.67
CA LYS B 45 -7.28 6.61 1.78
C LYS B 45 -6.60 5.57 2.66
N HIS B 46 -5.40 5.89 3.12
CA HIS B 46 -4.66 5.06 4.05
C HIS B 46 -4.45 5.74 5.41
N ASP B 47 -5.08 6.89 5.63
CA ASP B 47 -4.79 7.72 6.80
C ASP B 47 -6.01 7.93 7.70
N GLU B 48 -7.06 7.12 7.55
CA GLU B 48 -8.23 7.20 8.40
C GLU B 48 -8.29 5.97 9.30
N GLU B 49 -8.71 6.18 10.55
CA GLU B 49 -8.75 5.10 11.53
C GLU B 49 -10.14 4.52 11.76
N PHE B 50 -11.19 5.33 11.69
CA PHE B 50 -12.52 4.86 12.04
C PHE B 50 -13.08 3.89 10.99
N CYS B 51 -12.79 4.14 9.71
CA CYS B 51 -13.34 3.24 8.71
C CYS B 51 -12.63 1.90 8.72
N ASP B 52 -11.37 1.88 9.15
CA ASP B 52 -10.72 0.60 9.44
C ASP B 52 -11.46 -0.12 10.56
N MET B 53 -11.88 0.62 11.59
CA MET B 53 -12.65 0.01 12.68
C MET B 53 -13.97 -0.56 12.16
N LEU B 54 -14.68 0.18 11.30
CA LEU B 54 -15.95 -0.36 10.81
C LEU B 54 -15.73 -1.51 9.83
N ARG B 55 -14.58 -1.56 9.15
CA ARG B 55 -14.21 -2.76 8.41
C ARG B 55 -14.00 -3.94 9.34
N LEU B 56 -13.40 -3.70 10.51
CA LEU B 56 -13.30 -4.73 11.53
C LEU B 56 -14.70 -5.17 11.99
N PHE B 57 -15.60 -4.20 12.16
CA PHE B 57 -16.97 -4.50 12.55
C PHE B 57 -17.65 -5.39 11.53
N ASP B 58 -17.52 -5.05 10.25
CA ASP B 58 -18.16 -5.83 9.20
C ASP B 58 -17.52 -7.21 9.05
N PHE B 59 -16.20 -7.30 9.25
CA PHE B 59 -15.55 -8.60 9.24
C PHE B 59 -16.07 -9.48 10.38
N ASN B 60 -16.22 -8.90 11.57
CA ASN B 60 -16.81 -9.64 12.68
C ASN B 60 -18.23 -10.10 12.36
N LYS B 61 -19.02 -9.21 11.75
CA LYS B 61 -20.40 -9.55 11.42
C LYS B 61 -20.46 -10.70 10.42
N GLN B 62 -19.63 -10.63 9.38
CA GLN B 62 -19.54 -11.73 8.42
C GLN B 62 -19.13 -13.02 9.10
N ALA B 63 -18.10 -12.96 9.95
CA ALA B 63 -17.61 -14.17 10.62
C ALA B 63 -18.68 -14.77 11.53
N ILE B 64 -19.55 -13.94 12.11
CA ILE B 64 -20.60 -14.48 12.98
C ILE B 64 -21.74 -15.06 12.16
N GLN B 65 -22.25 -14.31 11.18
CA GLN B 65 -23.48 -14.73 10.52
C GLN B 65 -23.23 -15.89 9.56
N ARG B 66 -22.08 -15.91 8.91
CA ARG B 66 -21.82 -16.84 7.82
C ARG B 66 -20.84 -17.94 8.22
N LEU B 67 -20.39 -17.94 9.47
CA LEU B 67 -19.70 -19.08 10.06
C LEU B 67 -20.39 -19.45 11.36
N LYS B 68 -19.77 -20.30 12.18
CA LYS B 68 -20.30 -20.68 13.47
C LYS B 68 -19.38 -20.18 14.58
N ALA B 69 -19.97 -19.61 15.62
CA ALA B 69 -19.18 -19.05 16.71
C ALA B 69 -18.40 -20.13 17.44
N GLU B 70 -19.05 -21.24 17.78
CA GLU B 70 -18.47 -22.44 18.38
C GLU B 70 -17.96 -22.18 19.79
N ALA B 71 -18.06 -20.95 20.29
CA ALA B 71 -17.72 -20.50 21.64
C ALA B 71 -16.22 -20.46 21.90
N GLN B 72 -15.39 -20.85 20.93
CA GLN B 72 -13.95 -20.72 21.05
C GLN B 72 -13.43 -19.87 19.90
N MET B 73 -12.41 -19.07 20.17
CA MET B 73 -11.95 -18.08 19.21
C MET B 73 -11.24 -18.73 18.03
N SER B 74 -11.45 -18.17 16.85
CA SER B 74 -10.69 -18.51 15.64
C SER B 74 -9.86 -17.29 15.26
N ILE B 75 -8.67 -17.17 15.86
CA ILE B 75 -7.73 -16.11 15.51
C ILE B 75 -7.19 -16.23 14.10
N GLN B 76 -7.40 -17.36 13.44
CA GLN B 76 -6.88 -17.56 12.10
C GLN B 76 -7.40 -16.49 11.14
N LEU B 77 -8.70 -16.24 11.17
CA LEU B 77 -9.31 -15.28 10.25
C LEU B 77 -8.75 -13.88 10.45
N ILE B 78 -8.66 -13.43 11.71
CA ILE B 78 -8.21 -12.06 11.95
C ILE B 78 -6.73 -11.92 11.64
N ASN B 79 -5.92 -12.93 12.00
CA ASN B 79 -4.50 -12.86 11.71
C ASN B 79 -4.23 -12.89 10.21
N LYS B 80 -5.06 -13.60 9.44
CA LYS B 80 -4.90 -13.61 8.00
C LYS B 80 -5.38 -12.31 7.35
N ALA B 81 -6.49 -11.75 7.84
CA ALA B 81 -7.16 -10.64 7.18
C ALA B 81 -6.78 -9.27 7.73
N VAL B 82 -5.92 -9.20 8.74
CA VAL B 82 -5.63 -7.90 9.37
C VAL B 82 -5.03 -6.93 8.35
N ASN B 83 -4.17 -7.41 7.46
CA ASN B 83 -3.65 -6.54 6.43
C ASN B 83 -4.67 -6.26 5.32
N ALA B 84 -5.72 -7.06 5.23
CA ALA B 84 -6.79 -6.82 4.27
C ALA B 84 -7.91 -5.95 4.82
N LEU B 85 -7.89 -5.65 6.12
CA LEU B 85 -8.93 -4.86 6.76
C LEU B 85 -8.47 -3.46 7.13
N ILE B 86 -7.28 -3.33 7.72
CA ILE B 86 -6.81 -2.06 8.26
C ILE B 86 -5.45 -1.74 7.64
N ASN B 87 -5.11 -0.45 7.68
CA ASN B 87 -3.76 -0.02 7.33
C ASN B 87 -2.77 -0.48 8.39
N ASP B 88 -1.56 -0.81 7.94
CA ASP B 88 -0.58 -1.47 8.79
C ASP B 88 0.34 -0.50 9.52
N GLN B 89 0.46 0.75 9.05
CA GLN B 89 1.41 1.70 9.61
C GLN B 89 0.76 2.95 10.18
N LEU B 90 -0.57 3.07 10.09
CA LEU B 90 -1.27 4.17 10.74
C LEU B 90 -1.13 4.09 12.25
N ILE B 91 -1.22 2.88 12.79
CA ILE B 91 -0.99 2.66 14.22
C ILE B 91 0.44 3.02 14.57
N MET B 92 1.38 2.74 13.67
CA MET B 92 2.76 3.18 13.86
C MET B 92 2.84 4.69 13.92
N LYS B 93 2.13 5.40 13.03
CA LYS B 93 2.15 6.85 13.04
C LYS B 93 1.63 7.40 14.36
N ASN B 94 0.58 6.76 14.91
CA ASN B 94 0.03 7.27 16.17
C ASN B 94 0.93 6.93 17.35
N HIS B 95 1.60 5.77 17.30
CA HIS B 95 2.60 5.44 18.30
C HIS B 95 3.73 6.46 18.30
N LEU B 96 4.15 6.88 17.10
CA LEU B 96 5.22 7.87 16.99
C LEU B 96 4.79 9.22 17.53
N ARG B 97 3.61 9.69 17.12
CA ARG B 97 3.05 10.91 17.70
C ARG B 97 2.99 10.84 19.21
N ASP B 98 2.67 9.66 19.75
CA ASP B 98 2.64 9.49 21.21
C ASP B 98 4.03 9.62 21.81
N ILE B 99 5.03 8.97 21.20
CA ILE B 99 6.39 9.02 21.73
C ILE B 99 6.93 10.43 21.71
N MET B 100 6.70 11.15 20.60
CA MET B 100 7.22 12.51 20.48
C MET B 100 6.63 13.45 21.52
N GLY B 101 5.35 13.25 21.86
CA GLY B 101 4.68 14.08 22.83
C GLY B 101 3.59 14.97 22.28
N ILE B 102 3.19 14.76 21.03
CA ILE B 102 2.06 15.47 20.43
C ILE B 102 0.82 14.64 20.73
N PRO B 103 -0.37 15.23 20.72
CA PRO B 103 -1.59 14.44 20.95
C PRO B 103 -1.74 13.33 19.91
N TYR B 104 -2.03 12.13 20.40
CA TYR B 104 -2.19 10.95 19.56
C TYR B 104 -3.65 10.49 19.56
N CYS B 105 -3.98 9.67 18.57
CA CYS B 105 -5.29 9.04 18.51
C CYS B 105 -5.53 8.11 19.69
N ASN B 106 -6.73 8.23 20.30
CA ASN B 106 -7.11 7.32 21.36
C ASN B 106 -7.50 5.95 20.81
N TYR B 107 -8.26 5.93 19.72
CA TYR B 107 -8.88 4.76 19.09
C TYR B 107 -10.12 4.27 19.83
N SER B 108 -10.62 5.01 20.82
CA SER B 108 -11.91 4.70 21.45
C SER B 108 -12.99 5.70 21.09
N LYS B 109 -12.74 6.99 21.31
CA LYS B 109 -13.69 8.02 20.91
C LYS B 109 -13.38 8.52 19.51
N TYR B 110 -14.42 8.72 18.71
CA TYR B 110 -14.30 9.32 17.39
C TYR B 110 -15.33 10.42 17.27
N TRP B 111 -14.95 11.54 16.67
CA TRP B 111 -15.84 12.67 16.50
C TRP B 111 -16.12 12.92 15.03
N TYR B 112 -17.34 13.38 14.76
CA TYR B 112 -17.81 13.63 13.41
C TYR B 112 -18.80 14.78 13.45
N LEU B 113 -19.01 15.40 12.29
CA LEU B 113 -19.91 16.55 12.16
C LEU B 113 -21.23 16.06 11.58
N ASN B 114 -22.16 15.72 12.46
CA ASN B 114 -23.50 15.32 12.04
C ASN B 114 -24.26 16.53 11.51
N HIS B 115 -24.63 16.48 10.23
CA HIS B 115 -25.48 17.51 9.65
C HIS B 115 -26.91 17.33 10.16
N THR B 116 -27.37 18.29 10.96
CA THR B 116 -28.63 18.10 11.69
C THR B 116 -29.82 17.94 10.75
N THR B 117 -29.92 18.80 9.75
CA THR B 117 -31.10 18.82 8.89
C THR B 117 -31.16 17.60 7.98
N THR B 118 -30.04 17.27 7.33
CA THR B 118 -30.02 16.20 6.34
C THR B 118 -29.58 14.86 6.90
N GLY B 119 -28.78 14.85 7.96
CA GLY B 119 -28.32 13.63 8.57
C GLY B 119 -27.06 13.03 7.97
N ARG B 120 -26.40 13.73 7.05
CA ARG B 120 -25.10 13.30 6.58
C ARG B 120 -24.07 13.38 7.70
N THR B 121 -22.98 12.62 7.54
CA THR B 121 -21.87 12.67 8.47
C THR B 121 -20.56 12.66 7.70
N SER B 122 -19.58 13.39 8.23
CA SER B 122 -18.20 13.13 7.86
C SER B 122 -17.78 11.75 8.38
N LEU B 123 -16.77 11.19 7.74
CA LEU B 123 -16.18 9.97 8.29
C LEU B 123 -15.57 10.31 9.65
N PRO B 124 -16.04 9.71 10.74
CA PRO B 124 -15.52 10.07 12.06
C PRO B 124 -14.01 9.86 12.14
N LYS B 125 -13.34 10.78 12.82
CA LYS B 125 -11.90 10.67 13.00
C LYS B 125 -11.57 10.76 14.49
N CYS B 126 -10.39 10.25 14.82
CA CYS B 126 -10.03 9.98 16.21
C CYS B 126 -9.99 11.25 17.04
N TRP B 127 -10.55 11.18 18.24
CA TRP B 127 -10.41 12.25 19.23
C TRP B 127 -9.02 12.19 19.84
N LEU B 128 -8.22 13.23 19.60
CA LEU B 128 -6.85 13.26 20.10
C LEU B 128 -6.83 13.24 21.62
N VAL B 129 -5.94 12.42 22.19
CA VAL B 129 -5.70 12.37 23.63
C VAL B 129 -4.24 12.72 23.91
N SER B 130 -4.02 13.55 24.92
CA SER B 130 -2.69 14.01 25.27
C SER B 130 -2.61 14.22 26.77
N ASN B 131 -1.38 14.17 27.30
CA ASN B 131 -1.10 14.54 28.68
C ASN B 131 -1.99 13.79 29.67
N GLY B 132 -2.45 12.60 29.26
CA GLY B 132 -3.34 11.81 30.09
C GLY B 132 -4.76 12.28 30.14
N SER B 133 -5.21 13.09 29.18
CA SER B 133 -6.59 13.56 29.17
C SER B 133 -7.01 13.86 27.74
N TYR B 134 -8.31 13.98 27.55
CA TYR B 134 -8.86 14.44 26.28
C TYR B 134 -8.52 15.90 26.03
N LEU B 135 -8.12 16.21 24.80
CA LEU B 135 -7.95 17.60 24.40
C LEU B 135 -9.29 18.32 24.44
N ASN B 136 -9.26 19.56 24.93
CA ASN B 136 -10.43 20.42 24.85
C ASN B 136 -10.81 20.68 23.40
N GLU B 137 -12.12 20.71 23.15
CA GLU B 137 -12.63 21.03 21.81
C GLU B 137 -12.10 22.38 21.31
N THR B 138 -11.74 23.28 22.22
CA THR B 138 -11.11 24.53 21.82
C THR B 138 -9.72 24.31 21.22
N HIS B 139 -8.98 23.34 21.75
CA HIS B 139 -7.59 23.13 21.32
C HIS B 139 -7.51 22.75 19.84
N PHE B 140 -8.35 21.82 19.40
CA PHE B 140 -8.36 21.40 18.00
C PHE B 140 -9.58 21.93 17.25
N SER B 141 -10.15 23.05 17.71
CA SER B 141 -11.21 23.72 16.98
C SER B 141 -10.82 23.98 15.53
N ASP B 142 -9.56 24.36 15.30
CA ASP B 142 -9.08 24.61 13.94
C ASP B 142 -9.24 23.36 13.08
N ASP B 143 -8.88 22.20 13.62
CA ASP B 143 -9.08 20.96 12.88
C ASP B 143 -10.56 20.70 12.63
N ILE B 144 -11.43 21.08 13.57
CA ILE B 144 -12.86 20.89 13.37
C ILE B 144 -13.35 21.72 12.19
N GLU B 145 -12.94 22.99 12.12
CA GLU B 145 -13.34 23.80 10.98
C GLU B 145 -12.70 23.30 9.68
N GLN B 146 -11.49 22.77 9.76
CA GLN B 146 -10.87 22.18 8.57
C GLN B 146 -11.66 20.98 8.07
N GLN B 147 -12.16 20.16 8.99
CA GLN B 147 -12.97 19.02 8.58
C GLN B 147 -14.34 19.44 8.07
N ALA B 148 -14.91 20.51 8.63
CA ALA B 148 -16.15 21.05 8.08
C ALA B 148 -15.94 21.51 6.64
N ASP B 149 -14.86 22.24 6.39
CA ASP B 149 -14.54 22.67 5.03
C ASP B 149 -14.27 21.47 4.14
N ASN B 150 -13.65 20.42 4.69
CA ASN B 150 -13.40 19.21 3.91
C ASN B 150 -14.71 18.52 3.52
N MET B 151 -15.66 18.47 4.45
CA MET B 151 -16.98 17.94 4.13
C MET B 151 -17.62 18.74 3.00
N ILE B 152 -17.58 20.07 3.12
CA ILE B 152 -18.20 20.90 2.10
C ILE B 152 -17.56 20.67 0.74
N THR B 153 -16.23 20.69 0.69
CA THR B 153 -15.53 20.51 -0.58
C THR B 153 -15.77 19.11 -1.15
N GLU B 154 -15.77 18.08 -0.30
CA GLU B 154 -15.92 16.72 -0.81
C GLU B 154 -17.33 16.47 -1.33
N MET B 155 -18.35 17.03 -0.67
CA MET B 155 -19.70 16.86 -1.21
C MET B 155 -19.92 17.70 -2.46
N LEU B 156 -19.31 18.89 -2.55
CA LEU B 156 -19.43 19.67 -3.77
C LEU B 156 -18.59 19.09 -4.91
N GLN B 157 -17.63 18.22 -4.60
CA GLN B 157 -16.80 17.56 -5.61
C GLN B 157 -17.41 16.25 -6.10
N LYS B 158 -18.01 15.46 -5.21
CA LYS B 158 -18.55 14.17 -5.61
C LYS B 158 -19.70 14.34 -6.60
N GLU B 159 -20.55 15.35 -6.39
CA GLU B 159 -21.61 15.61 -7.36
C GLU B 159 -21.05 16.00 -8.72
N TYR B 160 -19.93 16.75 -8.72
CA TYR B 160 -19.27 17.05 -9.98
C TYR B 160 -18.78 15.79 -10.66
N MET B 161 -18.17 14.88 -9.89
CA MET B 161 -17.68 13.64 -10.47
C MET B 161 -18.83 12.81 -11.03
N GLU B 162 -19.96 12.77 -10.32
CA GLU B 162 -21.13 12.05 -10.82
C GLU B 162 -21.66 12.66 -12.12
N ARG B 163 -21.71 14.00 -12.18
CA ARG B 163 -22.14 14.66 -13.41
C ARG B 163 -21.19 14.36 -14.56
N GLN B 164 -19.88 14.35 -14.28
CA GLN B 164 -18.91 14.03 -15.32
C GLN B 164 -19.09 12.60 -15.79
N GLY B 165 -19.33 11.68 -14.86
CA GLY B 165 -19.51 10.29 -15.23
C GLY B 165 -20.74 10.06 -16.09
N LYS B 166 -21.84 10.75 -15.78
CA LYS B 166 -23.06 10.53 -16.54
C LYS B 166 -23.14 11.38 -17.80
N THR B 167 -22.65 12.62 -17.76
CA THR B 167 -22.74 13.51 -18.91
C THR B 167 -21.46 13.45 -19.73
N PRO B 168 -21.53 13.09 -21.02
CA PRO B 168 -20.32 13.05 -21.85
C PRO B 168 -19.85 14.45 -22.23
N LEU B 169 -18.61 14.51 -22.71
CA LEU B 169 -18.05 15.80 -23.14
C LEU B 169 -18.62 16.24 -24.47
N GLY B 170 -19.06 15.32 -25.32
CA GLY B 170 -19.67 15.75 -26.56
C GLY B 170 -20.89 16.64 -26.37
N LEU B 171 -21.55 16.52 -25.23
CA LEU B 171 -22.70 17.38 -24.95
C LEU B 171 -22.25 18.79 -24.58
N VAL B 172 -21.43 18.92 -23.53
CA VAL B 172 -21.03 20.25 -23.09
C VAL B 172 -20.23 20.94 -24.18
N ASP B 173 -19.46 20.18 -24.97
CA ASP B 173 -18.79 20.74 -26.14
C ASP B 173 -19.80 21.26 -27.15
N LEU B 174 -20.62 20.39 -27.75
CA LEU B 174 -21.53 20.88 -28.79
C LEU B 174 -22.45 21.96 -28.26
N PHE B 175 -22.67 22.00 -26.94
CA PHE B 175 -23.45 23.07 -26.33
C PHE B 175 -22.69 24.39 -26.37
N VAL B 176 -21.42 24.40 -25.97
CA VAL B 176 -20.68 25.66 -25.95
C VAL B 176 -20.41 26.13 -27.37
N PHE B 177 -20.16 25.21 -28.30
CA PHE B 177 -20.02 25.59 -29.71
C PHE B 177 -21.33 26.16 -30.26
N SER B 178 -22.47 25.55 -29.93
CA SER B 178 -23.73 26.05 -30.46
C SER B 178 -24.08 27.41 -29.87
N THR B 179 -23.86 27.58 -28.57
CA THR B 179 -24.10 28.88 -27.94
C THR B 179 -23.17 29.95 -28.50
N SER B 180 -21.90 29.60 -28.74
CA SER B 180 -20.97 30.53 -29.36
C SER B 180 -21.41 30.91 -30.77
N PHE B 181 -21.87 29.94 -31.55
CA PHE B 181 -22.31 30.25 -32.91
C PHE B 181 -23.60 31.07 -32.92
N TYR B 182 -24.46 30.89 -31.91
CA TYR B 182 -25.61 31.76 -31.79
C TYR B 182 -25.22 33.16 -31.34
N LEU B 183 -24.23 33.27 -30.45
CA LEU B 183 -23.70 34.58 -30.10
C LEU B 183 -23.10 35.27 -31.31
N ILE B 184 -22.45 34.49 -32.20
CA ILE B 184 -21.94 35.04 -33.46
C ILE B 184 -23.10 35.53 -34.32
N SER B 185 -24.20 34.77 -34.35
CA SER B 185 -25.36 35.21 -35.12
C SER B 185 -25.93 36.51 -34.56
N ILE B 186 -25.95 36.65 -33.24
CA ILE B 186 -26.39 37.90 -32.62
C ILE B 186 -25.43 39.04 -32.97
N PHE B 187 -24.14 38.73 -33.04
CA PHE B 187 -23.17 39.73 -33.48
C PHE B 187 -23.47 40.20 -34.90
N LEU B 188 -23.82 39.26 -35.78
CA LEU B 188 -24.16 39.61 -37.15
C LEU B 188 -25.42 40.47 -37.20
N HIS B 189 -26.40 40.16 -36.36
CA HIS B 189 -27.64 40.92 -36.30
C HIS B 189 -27.39 42.35 -35.85
N GLY C 1 1.35 -2.61 4.58
CA GLY C 1 0.73 -1.30 4.60
C GLY C 1 1.45 -0.28 3.73
N THR C 2 1.16 1.00 3.96
CA THR C 2 1.78 2.10 3.23
C THR C 2 2.30 3.12 4.24
N PHE C 3 2.93 4.17 3.71
CA PHE C 3 3.43 5.25 4.55
C PHE C 3 2.28 6.04 5.16
N THR C 4 2.49 6.52 6.39
CA THR C 4 1.50 7.34 7.07
C THR C 4 2.07 8.62 7.67
N TRP C 5 3.39 8.81 7.65
CA TRP C 5 3.98 10.00 8.25
C TRP C 5 3.53 11.27 7.53
N THR C 6 3.37 12.34 8.30
CA THR C 6 2.94 13.63 7.79
C THR C 6 4.03 14.67 8.00
N LEU C 7 4.10 15.62 7.07
CA LEU C 7 5.18 16.60 7.08
C LEU C 7 4.93 17.67 8.11
N SER C 8 5.94 17.94 8.94
CA SER C 8 5.84 18.99 9.94
C SER C 8 5.78 20.36 9.29
N ASP C 9 5.11 21.28 9.96
CA ASP C 9 5.00 22.65 9.47
C ASP C 9 6.38 23.27 9.27
N SER C 10 6.56 23.93 8.12
CA SER C 10 7.85 24.49 7.74
C SER C 10 7.79 26.00 7.81
N GLU C 11 8.85 26.60 8.36
CA GLU C 11 8.90 28.05 8.58
C GLU C 11 9.37 28.76 7.30
N GLY C 12 8.56 28.63 6.25
CA GLY C 12 8.79 29.34 5.02
C GLY C 12 7.64 30.27 4.67
N LYS C 13 7.92 31.57 4.56
CA LYS C 13 6.86 32.54 4.30
C LYS C 13 6.21 32.30 2.94
N ASP C 14 7.02 32.04 1.91
CA ASP C 14 6.47 31.81 0.58
C ASP C 14 5.66 30.52 0.54
N THR C 15 6.15 29.46 1.20
CA THR C 15 5.52 28.15 1.18
C THR C 15 5.12 27.78 2.59
N PRO C 16 3.87 28.05 2.98
CA PRO C 16 3.45 27.80 4.37
C PRO C 16 3.43 26.32 4.74
N GLY C 17 2.86 25.48 3.87
CA GLY C 17 2.65 24.08 4.19
C GLY C 17 3.59 23.10 3.52
N GLY C 18 4.57 23.60 2.77
CA GLY C 18 5.45 22.76 1.98
C GLY C 18 6.85 22.74 2.55
N TYR C 19 7.42 21.53 2.62
CA TYR C 19 8.76 21.34 3.18
C TYR C 19 9.77 22.17 2.42
N CYS C 20 10.44 23.08 3.11
CA CYS C 20 11.49 23.92 2.54
C CYS C 20 12.85 23.41 3.01
N LEU C 21 13.75 23.15 2.05
CA LEU C 21 15.07 22.62 2.36
C LEU C 21 16.03 23.76 2.65
N THR C 22 16.73 23.67 3.78
CA THR C 22 17.59 24.75 4.25
C THR C 22 18.93 24.71 3.54
N ARG C 23 19.88 25.51 4.03
CA ARG C 23 21.23 25.55 3.44
C ARG C 23 21.95 24.23 3.63
N TRP C 24 21.83 23.63 4.82
CA TRP C 24 22.59 22.41 5.13
C TRP C 24 22.16 21.26 4.24
N MET C 25 20.88 21.18 3.91
CA MET C 25 20.34 20.04 3.17
C MET C 25 20.94 19.97 1.76
N LEU C 26 21.01 21.09 1.06
CA LEU C 26 21.45 21.13 -0.33
C LEU C 26 22.92 21.54 -0.40
N ILE C 27 23.73 20.70 -1.05
CA ILE C 27 25.16 20.95 -1.16
C ILE C 27 25.39 22.21 -2.00
N GLU C 28 26.04 23.21 -1.40
CA GLU C 28 26.51 24.40 -2.12
C GLU C 28 25.41 25.05 -2.94
N ALA C 29 24.21 25.12 -2.39
CA ALA C 29 23.11 25.74 -3.12
C ALA C 29 22.18 26.55 -2.23
N GLU C 30 22.61 26.91 -1.02
CA GLU C 30 21.88 27.82 -0.13
C GLU C 30 20.53 27.17 0.20
N LEU C 31 19.45 27.94 0.21
CA LEU C 31 18.14 27.47 0.67
C LEU C 31 17.15 27.57 -0.48
N LYS C 32 16.35 26.52 -0.67
CA LYS C 32 15.26 26.52 -1.63
C LYS C 32 13.98 26.00 -0.99
N CYS C 33 12.86 26.55 -1.43
CA CYS C 33 11.55 26.22 -0.90
C CYS C 33 10.72 25.63 -2.03
N PHE C 34 10.04 24.52 -1.76
CA PHE C 34 9.34 23.78 -2.81
C PHE C 34 7.86 24.14 -2.91
N GLY C 35 7.14 24.16 -1.80
CA GLY C 35 5.71 24.42 -1.86
C GLY C 35 4.88 23.25 -1.38
N ASN C 36 3.62 23.50 -1.08
CA ASN C 36 2.75 22.45 -0.53
C ASN C 36 2.35 21.45 -1.60
N THR C 37 2.19 21.90 -2.84
CA THR C 37 1.71 21.01 -3.90
C THR C 37 2.72 19.89 -4.17
N ALA C 38 4.00 20.25 -4.31
CA ALA C 38 5.01 19.25 -4.65
C ALA C 38 5.17 18.22 -3.55
N VAL C 39 5.19 18.67 -2.29
CA VAL C 39 5.39 17.73 -1.19
C VAL C 39 4.13 16.89 -0.96
N ALA C 40 2.94 17.47 -1.15
CA ALA C 40 1.69 16.74 -0.96
C ALA C 40 1.34 15.86 -2.15
N LYS C 41 2.06 15.98 -3.27
CA LYS C 41 1.76 15.17 -4.44
C LYS C 41 1.76 13.67 -4.13
N CYS C 42 2.75 13.20 -3.36
CA CYS C 42 2.84 11.76 -3.10
C CYS C 42 2.15 11.35 -1.82
N ASN C 43 1.07 12.03 -1.43
CA ASN C 43 0.19 11.48 -0.40
C ASN C 43 -0.69 10.37 -0.95
N GLU C 44 -0.77 10.24 -2.27
CA GLU C 44 -1.35 9.08 -2.93
C GLU C 44 -0.36 8.32 -3.80
N LYS C 45 0.77 8.92 -4.14
CA LYS C 45 1.73 8.31 -5.05
C LYS C 45 2.67 7.38 -4.29
N HIS C 46 2.98 6.24 -4.92
CA HIS C 46 3.95 5.29 -4.39
C HIS C 46 5.18 5.15 -5.27
N ASP C 47 5.34 6.00 -6.28
CA ASP C 47 6.37 5.83 -7.30
C ASP C 47 7.33 7.02 -7.38
N GLU C 48 7.36 7.87 -6.35
CA GLU C 48 8.30 8.98 -6.30
C GLU C 48 9.33 8.73 -5.21
N GLU C 49 10.59 9.09 -5.49
CA GLU C 49 11.68 8.86 -4.57
C GLU C 49 12.09 10.08 -3.75
N PHE C 50 12.02 11.28 -4.32
CA PHE C 50 12.54 12.45 -3.62
C PHE C 50 11.66 12.85 -2.45
N CYS C 51 10.34 12.69 -2.57
CA CYS C 51 9.50 13.10 -1.46
C CYS C 51 9.60 12.12 -0.30
N ASP C 52 9.93 10.86 -0.59
CA ASP C 52 10.32 9.94 0.47
C ASP C 52 11.57 10.44 1.18
N MET C 53 12.54 10.95 0.42
CA MET C 53 13.74 11.51 1.02
C MET C 53 13.41 12.70 1.90
N LEU C 54 12.53 13.60 1.45
CA LEU C 54 12.22 14.75 2.30
C LEU C 54 11.36 14.35 3.50
N ARG C 55 10.59 13.25 3.40
CA ARG C 55 9.97 12.69 4.58
C ARG C 55 11.02 12.18 5.56
N LEU C 56 12.09 11.56 5.05
CA LEU C 56 13.22 11.20 5.90
C LEU C 56 13.84 12.43 6.55
N PHE C 57 13.97 13.51 5.77
CA PHE C 57 14.52 14.76 6.29
C PHE C 57 13.65 15.29 7.44
N ASP C 58 12.34 15.30 7.24
CA ASP C 58 11.44 15.83 8.27
C ASP C 58 11.42 14.93 9.49
N PHE C 59 11.50 13.61 9.29
CA PHE C 59 11.59 12.69 10.42
C PHE C 59 12.86 12.94 11.22
N ASN C 60 13.98 13.15 10.54
CA ASN C 60 15.22 13.50 11.23
C ASN C 60 15.08 14.80 12.00
N LYS C 61 14.44 15.80 11.39
CA LYS C 61 14.27 17.10 12.04
C LYS C 61 13.42 16.96 13.30
N GLN C 62 12.31 16.23 13.20
CA GLN C 62 11.48 15.97 14.37
C GLN C 62 12.27 15.24 15.46
N ALA C 63 13.01 14.20 15.07
CA ALA C 63 13.78 13.44 16.05
C ALA C 63 14.85 14.29 16.73
N ILE C 64 15.39 15.29 16.04
CA ILE C 64 16.40 16.14 16.65
C ILE C 64 15.75 17.18 17.56
N GLN C 65 14.74 17.89 17.06
CA GLN C 65 14.23 19.04 17.81
C GLN C 65 13.41 18.61 19.01
N ARG C 66 12.66 17.51 18.89
CA ARG C 66 11.68 17.12 19.88
C ARG C 66 12.12 15.91 20.68
N LEU C 67 13.32 15.39 20.42
CA LEU C 67 13.97 14.45 21.32
C LEU C 67 15.37 14.97 21.65
N LYS C 68 16.22 14.13 22.24
CA LYS C 68 17.59 14.50 22.54
C LYS C 68 18.54 13.64 21.72
N ALA C 69 19.56 14.28 21.15
CA ALA C 69 20.52 13.58 20.31
C ALA C 69 21.28 12.53 21.09
N GLU C 70 21.81 12.92 22.26
CA GLU C 70 22.49 12.06 23.23
C GLU C 70 23.82 11.54 22.68
N ALA C 71 24.18 11.87 21.44
CA ALA C 71 25.44 11.56 20.76
C ALA C 71 25.56 10.09 20.38
N GLN C 72 24.58 9.25 20.71
CA GLN C 72 24.56 7.86 20.28
C GLN C 72 23.27 7.60 19.50
N MET C 73 23.37 6.77 18.48
CA MET C 73 22.26 6.59 17.55
C MET C 73 21.12 5.83 18.19
N SER C 74 19.89 6.22 17.85
CA SER C 74 18.68 5.46 18.19
C SER C 74 18.08 4.94 16.88
N ILE C 75 18.57 3.77 16.45
CA ILE C 75 18.02 3.10 15.27
C ILE C 75 16.60 2.62 15.46
N GLN C 76 16.09 2.63 16.69
CA GLN C 76 14.73 2.15 16.95
C GLN C 76 13.71 2.94 16.13
N LEU C 77 13.83 4.27 16.16
CA LEU C 77 12.85 5.12 15.49
C LEU C 77 12.84 4.85 13.99
N ILE C 78 14.02 4.80 13.36
CA ILE C 78 14.07 4.65 11.92
C ILE C 78 13.62 3.24 11.52
N ASN C 79 14.03 2.23 12.28
CA ASN C 79 13.61 0.86 11.95
C ASN C 79 12.11 0.68 12.12
N LYS C 80 11.51 1.38 13.08
CA LYS C 80 10.06 1.30 13.26
C LYS C 80 9.31 2.08 12.18
N ALA C 81 9.82 3.26 11.80
CA ALA C 81 9.09 4.19 10.95
C ALA C 81 9.43 4.08 9.47
N VAL C 82 10.36 3.20 9.08
CA VAL C 82 10.80 3.16 7.69
C VAL C 82 9.64 2.85 6.76
N ASN C 83 8.74 1.94 7.16
CA ASN C 83 7.56 1.68 6.34
C ASN C 83 6.53 2.80 6.43
N ALA C 84 6.62 3.67 7.44
CA ALA C 84 5.72 4.81 7.55
C ALA C 84 6.27 6.06 6.86
N LEU C 85 7.52 6.03 6.40
CA LEU C 85 8.15 7.18 5.76
C LEU C 85 8.31 7.00 4.25
N ILE C 86 8.78 5.84 3.81
CA ILE C 86 9.11 5.61 2.41
C ILE C 86 8.36 4.40 1.89
N ASN C 87 8.23 4.34 0.58
CA ASN C 87 7.71 3.15 -0.07
C ASN C 87 8.73 2.01 0.03
N ASP C 88 8.22 0.79 0.16
CA ASP C 88 9.06 -0.35 0.48
C ASP C 88 9.60 -1.09 -0.74
N GLN C 89 8.97 -0.92 -1.90
CA GLN C 89 9.34 -1.67 -3.10
C GLN C 89 9.81 -0.78 -4.25
N LEU C 90 9.81 0.53 -4.09
CA LEU C 90 10.39 1.41 -5.10
C LEU C 90 11.89 1.18 -5.25
N ILE C 91 12.57 0.97 -4.12
CA ILE C 91 13.98 0.62 -4.16
C ILE C 91 14.17 -0.73 -4.84
N MET C 92 13.23 -1.65 -4.63
CA MET C 92 13.25 -2.91 -5.37
C MET C 92 13.13 -2.66 -6.88
N LYS C 93 12.23 -1.78 -7.28
CA LYS C 93 12.06 -1.49 -8.70
C LYS C 93 13.35 -0.93 -9.29
N ASN C 94 14.06 -0.08 -8.54
CA ASN C 94 15.28 0.49 -9.09
C ASN C 94 16.42 -0.52 -9.09
N HIS C 95 16.46 -1.42 -8.10
CA HIS C 95 17.41 -2.52 -8.13
C HIS C 95 17.17 -3.41 -9.33
N LEU C 96 15.91 -3.66 -9.68
CA LEU C 96 15.60 -4.49 -10.83
C LEU C 96 16.01 -3.80 -12.14
N ARG C 97 15.64 -2.54 -12.30
CA ARG C 97 16.11 -1.75 -13.44
C ARG C 97 17.64 -1.80 -13.55
N ASP C 98 18.33 -1.77 -12.42
CA ASP C 98 19.79 -1.85 -12.44
C ASP C 98 20.26 -3.22 -12.93
N ILE C 99 19.65 -4.30 -12.42
CA ILE C 99 20.06 -5.64 -12.81
C ILE C 99 19.82 -5.87 -14.30
N MET C 100 18.67 -5.43 -14.81
CA MET C 100 18.34 -5.65 -16.21
C MET C 100 19.30 -4.92 -17.13
N GLY C 101 19.77 -3.74 -16.73
CA GLY C 101 20.70 -2.97 -17.53
C GLY C 101 20.13 -1.69 -18.10
N ILE C 102 18.96 -1.26 -17.65
CA ILE C 102 18.38 0.02 -18.03
C ILE C 102 18.87 1.05 -17.00
N PRO C 103 18.90 2.34 -17.33
CA PRO C 103 19.31 3.33 -16.33
C PRO C 103 18.43 3.31 -15.09
N TYR C 104 19.07 3.30 -13.93
CA TYR C 104 18.40 3.26 -12.65
C TYR C 104 18.58 4.57 -11.90
N CYS C 105 17.72 4.78 -10.90
CA CYS C 105 17.84 5.93 -10.02
C CYS C 105 19.15 5.90 -9.22
N ASN C 106 19.82 7.05 -9.18
CA ASN C 106 21.02 7.18 -8.36
C ASN C 106 20.67 7.28 -6.88
N TYR C 107 19.65 8.09 -6.56
CA TYR C 107 19.22 8.48 -5.21
C TYR C 107 20.11 9.54 -4.58
N SER C 108 21.04 10.14 -5.33
CA SER C 108 21.80 11.28 -4.85
C SER C 108 21.42 12.57 -5.55
N LYS C 109 21.48 12.60 -6.88
CA LYS C 109 21.04 13.77 -7.63
C LYS C 109 19.56 13.64 -7.99
N TYR C 110 18.83 14.75 -7.86
CA TYR C 110 17.45 14.84 -8.30
C TYR C 110 17.30 16.09 -9.14
N TRP C 111 16.53 15.99 -10.22
CA TRP C 111 16.32 17.11 -11.12
C TRP C 111 14.86 17.52 -11.10
N TYR C 112 14.63 18.82 -11.27
CA TYR C 112 13.30 19.41 -11.23
C TYR C 112 13.29 20.62 -12.16
N LEU C 113 12.09 21.03 -12.55
CA LEU C 113 11.90 22.16 -13.47
C LEU C 113 11.50 23.37 -12.64
N ASN C 114 12.49 24.16 -12.24
CA ASN C 114 12.23 25.40 -11.52
C ASN C 114 11.62 26.43 -12.47
N HIS C 115 10.39 26.85 -12.18
CA HIS C 115 9.77 27.93 -12.93
C HIS C 115 10.42 29.25 -12.53
N THR C 116 11.14 29.87 -13.47
CA THR C 116 11.99 31.01 -13.13
C THR C 116 11.18 32.19 -12.60
N THR C 117 10.08 32.53 -13.29
CA THR C 117 9.34 33.74 -12.94
C THR C 117 8.59 33.59 -11.62
N THR C 118 7.89 32.47 -11.45
CA THR C 118 7.03 32.28 -10.29
C THR C 118 7.70 31.51 -9.14
N GLY C 119 8.69 30.68 -9.46
CA GLY C 119 9.40 29.93 -8.44
C GLY C 119 8.77 28.61 -8.05
N ARG C 120 7.72 28.17 -8.73
CA ARG C 120 7.19 26.84 -8.51
C ARG C 120 8.21 25.79 -8.96
N THR C 121 8.05 24.58 -8.42
CA THR C 121 8.87 23.45 -8.82
C THR C 121 8.00 22.21 -8.98
N SER C 122 8.36 21.38 -9.95
CA SER C 122 7.90 20.01 -9.93
C SER C 122 8.54 19.27 -8.76
N LEU C 123 7.90 18.19 -8.33
CA LEU C 123 8.53 17.34 -7.34
C LEU C 123 9.78 16.74 -7.97
N PRO C 124 10.97 16.99 -7.43
CA PRO C 124 12.19 16.50 -8.07
C PRO C 124 12.17 14.98 -8.18
N LYS C 125 12.68 14.47 -9.30
CA LYS C 125 12.76 13.05 -9.53
C LYS C 125 14.18 12.65 -9.87
N CYS C 126 14.48 11.37 -9.65
CA CYS C 126 15.85 10.89 -9.65
C CYS C 126 16.52 11.07 -11.01
N TRP C 127 17.77 11.53 -10.98
CA TRP C 127 18.60 11.57 -12.18
C TRP C 127 19.10 10.16 -12.48
N LEU C 128 18.68 9.62 -13.62
CA LEU C 128 19.06 8.26 -13.99
C LEU C 128 20.56 8.15 -14.19
N VAL C 129 21.14 7.07 -13.65
CA VAL C 129 22.55 6.74 -13.84
C VAL C 129 22.66 5.38 -14.51
N SER C 130 23.56 5.30 -15.50
CA SER C 130 23.73 4.06 -16.27
C SER C 130 25.19 3.95 -16.69
N ASN C 131 25.61 2.71 -16.95
CA ASN C 131 26.92 2.44 -17.57
C ASN C 131 28.05 3.09 -16.77
N GLY C 132 27.83 3.31 -15.48
CA GLY C 132 28.81 3.95 -14.65
C GLY C 132 28.93 5.45 -14.81
N SER C 133 27.92 6.11 -15.37
CA SER C 133 27.97 7.55 -15.54
C SER C 133 26.55 8.11 -15.56
N TYR C 134 26.47 9.43 -15.38
CA TYR C 134 25.20 10.13 -15.56
C TYR C 134 24.75 10.12 -17.01
N LEU C 135 23.46 9.86 -17.22
CA LEU C 135 22.89 10.02 -18.56
C LEU C 135 22.96 11.47 -19.00
N ASN C 136 23.30 11.68 -20.25
CA ASN C 136 23.22 13.01 -20.84
C ASN C 136 21.78 13.52 -20.82
N GLU C 137 21.63 14.83 -20.56
CA GLU C 137 20.33 15.47 -20.59
C GLU C 137 19.62 15.26 -21.93
N THR C 138 20.39 15.06 -23.00
CA THR C 138 19.79 14.73 -24.30
C THR C 138 19.11 13.36 -24.28
N HIS C 139 19.69 12.40 -23.56
CA HIS C 139 19.17 11.03 -23.58
C HIS C 139 17.74 10.96 -23.05
N PHE C 140 17.48 11.59 -21.90
CA PHE C 140 16.15 11.60 -21.32
C PHE C 140 15.44 12.94 -21.49
N SER C 141 15.83 13.71 -22.51
CA SER C 141 15.11 14.93 -22.85
C SER C 141 13.61 14.69 -22.98
N ASP C 142 13.24 13.55 -23.58
CA ASP C 142 11.81 13.22 -23.74
C ASP C 142 11.12 13.15 -22.39
N ASP C 143 11.76 12.52 -21.40
CA ASP C 143 11.20 12.49 -20.06
C ASP C 143 11.11 13.89 -19.47
N ILE C 144 12.06 14.77 -19.79
CA ILE C 144 12.00 16.15 -19.28
C ILE C 144 10.78 16.86 -19.83
N GLU C 145 10.53 16.74 -21.14
CA GLU C 145 9.33 17.37 -21.69
C GLU C 145 8.05 16.72 -21.16
N GLN C 146 8.10 15.41 -20.91
CA GLN C 146 6.94 14.74 -20.32
C GLN C 146 6.65 15.29 -18.92
N GLN C 147 7.69 15.55 -18.14
CA GLN C 147 7.50 16.11 -16.81
C GLN C 147 7.05 17.57 -16.88
N ALA C 148 7.53 18.33 -17.87
CA ALA C 148 7.02 19.68 -18.07
C ALA C 148 5.53 19.66 -18.37
N ASP C 149 5.10 18.78 -19.27
CA ASP C 149 3.68 18.64 -19.57
C ASP C 149 2.91 18.16 -18.34
N ASN C 150 3.53 17.31 -17.52
CA ASN C 150 2.88 16.85 -16.30
C ASN C 150 2.69 17.99 -15.31
N MET C 151 3.69 18.86 -15.18
CA MET C 151 3.55 20.05 -14.36
C MET C 151 2.40 20.91 -14.85
N ILE C 152 2.35 21.16 -16.16
CA ILE C 152 1.29 22.00 -16.72
C ILE C 152 -0.08 21.39 -16.42
N THR C 153 -0.25 20.11 -16.72
CA THR C 153 -1.54 19.46 -16.52
C THR C 153 -1.92 19.43 -15.05
N GLU C 154 -0.96 19.16 -14.15
CA GLU C 154 -1.28 19.04 -12.74
C GLU C 154 -1.65 20.39 -12.15
N MET C 155 -0.98 21.48 -12.56
CA MET C 155 -1.38 22.78 -12.05
C MET C 155 -2.70 23.24 -12.65
N LEU C 156 -2.98 22.90 -13.92
CA LEU C 156 -4.27 23.26 -14.49
C LEU C 156 -5.40 22.38 -13.94
N GLN C 157 -5.07 21.24 -13.34
CA GLN C 157 -6.05 20.36 -12.73
C GLN C 157 -6.34 20.69 -11.28
N LYS C 158 -5.31 21.06 -10.51
CA LYS C 158 -5.52 21.34 -9.09
C LYS C 158 -6.43 22.54 -8.89
N GLU C 159 -6.26 23.58 -9.72
CA GLU C 159 -7.16 24.73 -9.64
C GLU C 159 -8.59 24.34 -9.95
N TYR C 160 -8.79 23.41 -10.90
CA TYR C 160 -10.13 22.90 -11.18
C TYR C 160 -10.69 22.19 -9.95
N MET C 161 -9.87 21.36 -9.31
CA MET C 161 -10.35 20.65 -8.12
C MET C 161 -10.69 21.62 -7.00
N GLU C 162 -9.90 22.68 -6.83
CA GLU C 162 -10.21 23.70 -5.83
C GLU C 162 -11.52 24.41 -6.14
N ARG C 163 -11.74 24.76 -7.42
CA ARG C 163 -12.99 25.38 -7.81
C ARG C 163 -14.17 24.45 -7.55
N GLN C 164 -14.01 23.17 -7.86
CA GLN C 164 -15.08 22.20 -7.61
C GLN C 164 -15.36 22.11 -6.11
N GLY C 165 -14.31 22.09 -5.30
CA GLY C 165 -14.50 22.00 -3.86
C GLY C 165 -15.23 23.18 -3.28
N LYS C 166 -14.90 24.38 -3.76
CA LYS C 166 -15.53 25.57 -3.18
C LYS C 166 -16.87 25.91 -3.84
N THR C 167 -17.01 25.69 -5.15
CA THR C 167 -18.25 26.04 -5.84
C THR C 167 -19.17 24.82 -5.93
N PRO C 168 -20.39 24.89 -5.41
CA PRO C 168 -21.31 23.75 -5.51
C PRO C 168 -21.88 23.62 -6.90
N LEU C 169 -22.48 22.44 -7.15
CA LEU C 169 -23.09 22.20 -8.45
C LEU C 169 -24.42 22.92 -8.61
N GLY C 170 -25.12 23.21 -7.50
CA GLY C 170 -26.35 23.96 -7.63
C GLY C 170 -26.16 25.33 -8.26
N LEU C 171 -24.95 25.89 -8.17
CA LEU C 171 -24.68 27.17 -8.80
C LEU C 171 -24.52 27.01 -10.30
N VAL C 172 -23.56 26.19 -10.73
CA VAL C 172 -23.32 26.05 -12.17
C VAL C 172 -24.56 25.49 -12.87
N ASP C 173 -25.30 24.61 -12.18
CA ASP C 173 -26.59 24.14 -12.70
C ASP C 173 -27.55 25.31 -12.87
N LEU C 174 -27.98 25.96 -11.78
CA LEU C 174 -28.99 26.99 -11.92
C LEU C 174 -28.52 28.11 -12.86
N PHE C 175 -27.21 28.24 -13.03
CA PHE C 175 -26.66 29.20 -13.99
C PHE C 175 -26.91 28.75 -15.43
N VAL C 176 -26.63 27.48 -15.74
CA VAL C 176 -26.81 27.03 -17.12
C VAL C 176 -28.30 26.95 -17.45
N PHE C 177 -29.12 26.55 -16.47
CA PHE C 177 -30.58 26.59 -16.69
C PHE C 177 -31.07 28.01 -16.90
N SER C 178 -30.59 28.98 -16.11
CA SER C 178 -31.07 30.35 -16.27
C SER C 178 -30.62 30.95 -17.60
N THR C 179 -29.36 30.69 -17.99
CA THR C 179 -28.88 31.18 -19.27
C THR C 179 -29.63 30.52 -20.43
N SER C 180 -29.94 29.22 -20.31
CA SER C 180 -30.73 28.56 -21.33
C SER C 180 -32.13 29.14 -21.43
N PHE C 181 -32.77 29.42 -20.29
CA PHE C 181 -34.10 30.00 -20.31
C PHE C 181 -34.09 31.44 -20.84
N TYR C 182 -33.01 32.17 -20.62
CA TYR C 182 -32.89 33.49 -21.25
C TYR C 182 -32.65 33.36 -22.75
N LEU C 183 -31.87 32.38 -23.17
CA LEU C 183 -31.71 32.13 -24.60
C LEU C 183 -33.05 31.75 -25.24
N ILE C 184 -33.88 31.01 -24.50
CA ILE C 184 -35.23 30.70 -24.96
C ILE C 184 -36.05 31.98 -25.08
N SER C 185 -35.90 32.89 -24.12
CA SER C 185 -36.62 34.17 -24.20
C SER C 185 -36.17 34.96 -25.43
N ILE C 186 -34.88 34.94 -25.73
CA ILE C 186 -34.37 35.60 -26.94
C ILE C 186 -34.93 34.93 -28.18
N PHE C 187 -35.08 33.60 -28.14
CA PHE C 187 -35.71 32.90 -29.26
C PHE C 187 -37.14 33.37 -29.46
N LEU C 188 -37.87 33.56 -28.36
CA LEU C 188 -39.24 34.04 -28.46
C LEU C 188 -39.29 35.46 -29.03
N HIS C 189 -38.33 36.30 -28.63
CA HIS C 189 -38.26 37.68 -29.13
C HIS C 189 -38.01 37.71 -30.62
N GLY D 2 -15.43 14.54 -29.68
CA GLY D 2 -16.56 14.56 -30.58
C GLY D 2 -17.05 13.17 -30.95
N GLN D 3 -16.88 12.23 -30.04
CA GLN D 3 -17.34 10.85 -30.21
C GLN D 3 -18.62 10.57 -29.45
N ILE D 4 -19.52 11.57 -29.38
CA ILE D 4 -20.75 11.43 -28.61
C ILE D 4 -21.67 10.35 -29.17
N VAL D 5 -21.53 10.02 -30.45
CA VAL D 5 -22.47 9.11 -31.10
C VAL D 5 -22.46 7.75 -30.41
N THR D 6 -21.28 7.23 -30.10
CA THR D 6 -21.18 5.93 -29.44
C THR D 6 -21.79 5.96 -28.04
N PHE D 7 -21.50 7.00 -27.27
CA PHE D 7 -22.02 7.10 -25.91
C PHE D 7 -23.53 7.28 -25.88
N PHE D 8 -24.09 8.01 -26.86
CA PHE D 8 -25.52 8.36 -26.81
C PHE D 8 -26.42 7.13 -26.77
N GLN D 9 -26.12 6.12 -27.59
CA GLN D 9 -26.91 4.90 -27.56
C GLN D 9 -26.79 4.20 -26.21
N GLU D 10 -25.58 4.20 -25.63
CA GLU D 10 -25.34 3.46 -24.40
C GLU D 10 -26.17 4.01 -23.24
N VAL D 11 -26.18 5.31 -23.05
CA VAL D 11 -26.82 5.88 -21.86
C VAL D 11 -27.61 7.15 -22.17
N PRO D 12 -28.77 7.05 -22.81
CA PRO D 12 -29.64 8.23 -22.97
C PRO D 12 -30.70 8.35 -21.88
N HIS D 13 -30.73 7.43 -20.92
CA HIS D 13 -31.79 7.41 -19.92
C HIS D 13 -31.75 8.64 -19.01
N VAL D 14 -30.56 9.07 -18.60
CA VAL D 14 -30.44 10.11 -17.60
C VAL D 14 -31.05 11.41 -18.08
N ILE D 15 -31.74 12.11 -17.18
CA ILE D 15 -32.46 13.34 -17.53
C ILE D 15 -31.50 14.42 -18.01
N GLU D 16 -30.34 14.55 -17.38
CA GLU D 16 -29.42 15.63 -17.73
C GLU D 16 -28.96 15.51 -19.18
N GLU D 17 -28.67 14.30 -19.64
CA GLU D 17 -28.28 14.12 -21.03
C GLU D 17 -29.39 14.54 -21.99
N VAL D 18 -30.64 14.12 -21.71
CA VAL D 18 -31.73 14.47 -22.62
C VAL D 18 -31.95 15.98 -22.63
N MET D 19 -31.81 16.62 -21.46
CA MET D 19 -31.94 18.08 -21.40
C MET D 19 -30.85 18.74 -22.23
N ASN D 20 -29.62 18.26 -22.12
CA ASN D 20 -28.53 18.84 -22.88
C ASN D 20 -28.77 18.70 -24.37
N ILE D 21 -29.19 17.51 -24.81
CA ILE D 21 -29.43 17.29 -26.24
C ILE D 21 -30.55 18.20 -26.72
N VAL D 22 -31.62 18.33 -25.93
CA VAL D 22 -32.73 19.19 -26.31
C VAL D 22 -32.25 20.63 -26.48
N LEU D 23 -31.50 21.14 -25.50
CA LEU D 23 -31.00 22.51 -25.58
C LEU D 23 -30.10 22.70 -26.78
N ILE D 24 -29.23 21.73 -27.07
CA ILE D 24 -28.36 21.83 -28.24
C ILE D 24 -29.17 21.86 -29.53
N ALA D 25 -30.18 21.01 -29.64
CA ALA D 25 -30.99 20.99 -30.85
C ALA D 25 -31.76 22.29 -31.02
N LEU D 26 -32.27 22.85 -29.91
CA LEU D 26 -32.95 24.13 -29.97
C LEU D 26 -32.00 25.23 -30.42
N SER D 27 -30.78 25.25 -29.87
CA SER D 27 -29.82 26.28 -30.25
C SER D 27 -29.43 26.16 -31.72
N VAL D 28 -29.21 24.93 -32.18
CA VAL D 28 -28.85 24.71 -33.59
C VAL D 28 -29.98 25.16 -34.51
N LEU D 29 -31.22 24.81 -34.16
CA LEU D 29 -32.34 25.22 -35.00
C LEU D 29 -32.49 26.73 -35.00
N ALA D 30 -32.28 27.38 -33.85
CA ALA D 30 -32.41 28.83 -33.79
C ALA D 30 -31.32 29.53 -34.59
N VAL D 31 -30.07 29.07 -34.48
CA VAL D 31 -28.99 29.68 -35.26
C VAL D 31 -29.21 29.47 -36.76
N LEU D 32 -29.64 28.27 -37.16
CA LEU D 32 -29.91 28.04 -38.58
C LEU D 32 -31.06 28.91 -39.08
N LYS D 33 -32.09 29.09 -38.25
CA LYS D 33 -33.18 30.00 -38.61
C LYS D 33 -32.66 31.43 -38.77
N GLY D 34 -31.81 31.89 -37.85
CA GLY D 34 -31.22 33.20 -37.97
C GLY D 34 -30.33 33.34 -39.20
N LEU D 35 -29.61 32.27 -39.53
CA LEU D 35 -28.73 32.27 -40.71
C LEU D 35 -29.55 32.44 -41.99
N THR D 59 -24.79 -13.86 -28.65
CA THR D 59 -24.77 -14.76 -27.50
C THR D 59 -25.02 -13.99 -26.21
N SER D 60 -23.97 -13.38 -25.67
CA SER D 60 -24.04 -12.60 -24.44
C SER D 60 -23.82 -11.14 -24.81
N LEU D 61 -24.93 -10.44 -25.06
CA LEU D 61 -24.91 -9.05 -25.46
C LEU D 61 -25.48 -8.19 -24.32
N TYR D 62 -24.72 -7.19 -23.91
CA TYR D 62 -25.11 -6.27 -22.85
C TYR D 62 -25.21 -4.86 -23.39
N LYS D 63 -26.13 -4.09 -22.80
CA LYS D 63 -26.59 -2.81 -23.35
C LYS D 63 -27.03 -3.05 -24.79
N GLY D 64 -26.36 -2.44 -25.76
CA GLY D 64 -26.69 -2.66 -27.15
C GLY D 64 -25.54 -3.25 -27.94
N VAL D 65 -24.31 -2.97 -27.50
CA VAL D 65 -23.12 -3.37 -28.24
C VAL D 65 -22.11 -4.11 -27.37
N TYR D 66 -22.10 -3.93 -26.05
CA TYR D 66 -21.11 -4.58 -25.21
C TYR D 66 -21.36 -6.08 -25.16
N GLU D 67 -20.28 -6.85 -25.26
CA GLU D 67 -20.36 -8.30 -25.33
C GLU D 67 -19.49 -8.92 -24.26
N LEU D 68 -19.96 -10.03 -23.69
CA LEU D 68 -19.21 -10.77 -22.66
C LEU D 68 -18.23 -11.73 -23.33
N GLN D 69 -17.20 -11.15 -23.93
CA GLN D 69 -16.08 -11.94 -24.44
C GLN D 69 -15.14 -12.26 -23.29
N THR D 70 -14.72 -13.53 -23.22
CA THR D 70 -13.97 -14.04 -22.08
C THR D 70 -12.56 -14.42 -22.49
N LEU D 71 -11.68 -14.49 -21.49
CA LEU D 71 -10.27 -14.83 -21.67
C LEU D 71 -9.95 -16.13 -20.95
N GLU D 72 -9.16 -16.97 -21.59
CA GLU D 72 -8.61 -18.17 -20.97
C GLU D 72 -7.09 -18.06 -21.11
N LEU D 73 -6.46 -17.48 -20.10
CA LEU D 73 -5.03 -17.19 -20.17
C LEU D 73 -4.23 -18.48 -20.19
N ASN D 74 -3.44 -18.66 -21.25
CA ASN D 74 -2.51 -19.78 -21.32
C ASN D 74 -1.34 -19.47 -20.40
N MET D 75 -1.37 -20.05 -19.20
CA MET D 75 -0.36 -19.71 -18.21
C MET D 75 0.93 -20.49 -18.40
N GLU D 76 0.98 -21.37 -19.41
CA GLU D 76 2.22 -22.03 -19.76
C GLU D 76 3.24 -21.04 -20.28
N THR D 77 2.80 -19.87 -20.71
CA THR D 77 3.72 -18.82 -21.15
C THR D 77 4.55 -18.30 -19.98
N LEU D 78 4.17 -18.60 -18.74
CA LEU D 78 4.97 -18.22 -17.58
C LEU D 78 5.76 -19.38 -17.01
N ASN D 79 5.98 -20.43 -17.82
CA ASN D 79 6.73 -21.59 -17.35
C ASN D 79 8.20 -21.26 -17.08
N MET D 80 8.73 -20.20 -17.68
CA MET D 80 10.15 -19.89 -17.57
C MET D 80 10.49 -19.04 -16.35
N THR D 81 9.49 -18.54 -15.63
CA THR D 81 9.76 -17.71 -14.46
C THR D 81 8.92 -18.07 -13.24
N MET D 82 7.76 -18.70 -13.40
CA MET D 82 6.84 -18.87 -12.28
C MET D 82 6.33 -20.30 -12.22
N PRO D 83 6.18 -20.85 -11.02
CA PRO D 83 5.57 -22.18 -10.88
C PRO D 83 4.05 -22.11 -11.01
N LEU D 84 3.49 -23.10 -11.69
CA LEU D 84 2.08 -23.12 -12.04
C LEU D 84 1.39 -24.29 -11.34
N SER D 85 0.20 -24.04 -10.81
CA SER D 85 -0.55 -25.03 -10.04
C SER D 85 -1.76 -25.51 -10.84
N CYS D 86 -1.88 -26.83 -10.99
CA CYS D 86 -3.07 -27.38 -11.62
C CYS D 86 -3.25 -28.84 -11.20
N THR D 87 -4.49 -29.32 -11.30
CA THR D 87 -4.83 -30.62 -10.75
C THR D 87 -5.64 -31.44 -11.75
N LYS D 88 -5.67 -32.75 -11.51
CA LYS D 88 -6.15 -33.74 -12.48
C LYS D 88 -7.53 -34.29 -12.13
N ASN D 89 -7.73 -34.76 -10.89
CA ASN D 89 -9.00 -35.40 -10.54
C ASN D 89 -9.47 -34.97 -9.15
N ASN D 90 -9.18 -33.74 -8.74
CA ASN D 90 -9.54 -33.16 -7.45
C ASN D 90 -8.78 -33.79 -6.29
N SER D 91 -7.95 -34.80 -6.55
CA SER D 91 -7.10 -35.41 -5.53
C SER D 91 -5.63 -35.41 -5.89
N HIS D 92 -5.28 -35.27 -7.17
CA HIS D 92 -3.89 -35.15 -7.62
C HIS D 92 -3.66 -33.71 -8.06
N HIS D 93 -3.06 -32.93 -7.18
CA HIS D 93 -2.71 -31.54 -7.40
C HIS D 93 -1.26 -31.48 -7.86
N TYR D 94 -0.89 -30.41 -8.54
CA TYR D 94 0.45 -30.37 -9.08
C TYR D 94 0.99 -28.95 -9.04
N ILE D 95 2.31 -28.85 -8.93
CA ILE D 95 3.03 -27.59 -9.11
C ILE D 95 4.20 -27.84 -10.05
N MET D 96 4.20 -27.16 -11.20
CA MET D 96 5.23 -27.32 -12.21
C MET D 96 6.11 -26.08 -12.24
N VAL D 97 7.42 -26.27 -12.12
CA VAL D 97 8.37 -25.16 -12.21
C VAL D 97 9.28 -25.43 -13.40
N GLY D 98 9.33 -24.49 -14.33
CA GLY D 98 10.01 -24.75 -15.57
C GLY D 98 9.20 -25.72 -16.42
N ASN D 99 9.86 -26.23 -17.47
CA ASN D 99 9.25 -27.24 -18.33
C ASN D 99 9.89 -28.60 -18.12
N GLU D 100 10.64 -28.78 -17.04
CA GLU D 100 11.36 -30.02 -16.78
C GLU D 100 11.01 -30.68 -15.46
N THR D 101 10.62 -29.92 -14.43
CA THR D 101 10.39 -30.48 -13.12
C THR D 101 9.06 -29.99 -12.54
N GLY D 102 8.46 -30.84 -11.71
CA GLY D 102 7.23 -30.51 -11.02
C GLY D 102 7.08 -31.41 -9.80
N LEU D 103 5.99 -31.19 -9.07
CA LEU D 103 5.69 -31.93 -7.86
C LEU D 103 4.24 -32.40 -7.81
N GLU D 104 4.09 -33.60 -7.25
CA GLU D 104 2.83 -34.25 -6.92
C GLU D 104 2.35 -33.68 -5.59
N LEU D 105 1.03 -33.52 -5.47
CA LEU D 105 0.33 -33.20 -4.23
C LEU D 105 -0.88 -34.13 -4.17
N THR D 106 -0.73 -35.29 -3.55
CA THR D 106 -1.73 -36.33 -3.59
C THR D 106 -2.35 -36.52 -2.21
N LEU D 107 -3.68 -36.40 -2.13
CA LEU D 107 -4.43 -36.71 -0.92
C LEU D 107 -4.79 -38.19 -0.98
N THR D 108 -4.19 -38.98 -0.08
CA THR D 108 -4.37 -40.43 -0.15
C THR D 108 -4.26 -41.03 1.23
N ASN D 109 -4.71 -42.28 1.34
CA ASN D 109 -4.61 -43.04 2.58
C ASN D 109 -3.31 -43.82 2.68
N THR D 110 -2.42 -43.71 1.70
CA THR D 110 -1.18 -44.48 1.65
C THR D 110 -0.01 -43.56 1.93
N SER D 111 0.91 -44.01 2.78
CA SER D 111 2.09 -43.24 3.16
C SER D 111 3.31 -43.81 2.46
N ILE D 112 4.03 -42.96 1.71
CA ILE D 112 5.30 -43.36 1.11
C ILE D 112 6.47 -43.25 2.08
N ILE D 113 6.27 -42.57 3.20
CA ILE D 113 7.33 -42.29 4.18
C ILE D 113 6.86 -42.77 5.54
N ASN D 114 7.74 -43.46 6.26
CA ASN D 114 7.42 -44.01 7.57
C ASN D 114 8.40 -43.55 8.64
N HIS D 115 9.08 -42.43 8.43
CA HIS D 115 10.01 -41.88 9.40
C HIS D 115 9.68 -40.40 9.61
N LYS D 116 9.76 -39.98 10.88
CA LYS D 116 9.41 -38.61 11.28
C LYS D 116 10.65 -37.73 11.31
N PHE D 117 11.22 -37.52 10.12
CA PHE D 117 12.37 -36.64 9.96
C PHE D 117 12.11 -35.63 8.86
N CYS D 118 12.86 -34.53 8.91
CA CYS D 118 12.92 -33.57 7.81
C CYS D 118 14.35 -33.04 7.77
N ASN D 119 15.18 -33.65 6.91
CA ASN D 119 16.62 -33.40 6.89
C ASN D 119 16.91 -32.15 6.07
N LEU D 120 16.48 -31.00 6.61
CA LEU D 120 16.64 -29.76 5.86
C LEU D 120 18.08 -29.27 5.85
N SER D 121 18.75 -29.33 7.01
CA SER D 121 20.11 -28.84 7.08
C SER D 121 21.07 -29.78 6.35
N ASP D 122 20.72 -31.06 6.25
CA ASP D 122 21.49 -31.98 5.42
C ASP D 122 21.31 -31.64 3.95
N ALA D 123 20.09 -31.27 3.56
CA ALA D 123 19.84 -30.86 2.17
C ALA D 123 20.65 -29.61 1.83
N HIS D 124 20.69 -28.65 2.75
CA HIS D 124 21.49 -27.45 2.51
C HIS D 124 22.98 -27.74 2.51
N LYS D 125 23.45 -28.69 3.34
CA LYS D 125 24.86 -29.06 3.30
C LYS D 125 25.27 -29.57 1.93
N LYS D 126 24.50 -30.52 1.37
CA LYS D 126 24.80 -31.07 0.05
C LYS D 126 23.88 -30.39 -0.95
N ASN D 127 24.35 -29.28 -1.52
CA ASN D 127 23.55 -28.48 -2.43
C ASN D 127 23.51 -29.17 -3.81
N LEU D 128 22.78 -30.28 -3.85
CA LEU D 128 22.57 -31.04 -5.07
C LEU D 128 21.12 -31.03 -5.51
N TYR D 129 20.28 -30.19 -4.91
CA TYR D 129 18.87 -30.12 -5.20
C TYR D 129 18.56 -28.91 -6.07
N ASP D 130 17.29 -28.82 -6.49
CA ASP D 130 16.83 -27.69 -7.28
C ASP D 130 16.34 -26.59 -6.33
N HIS D 131 16.89 -25.39 -6.49
CA HIS D 131 16.57 -24.31 -5.56
C HIS D 131 15.10 -23.92 -5.61
N ALA D 132 14.48 -23.99 -6.80
CA ALA D 132 13.08 -23.62 -6.94
C ALA D 132 12.19 -24.49 -6.08
N LEU D 133 12.41 -25.81 -6.10
CA LEU D 133 11.55 -26.73 -5.35
C LEU D 133 11.71 -26.52 -3.85
N MET D 134 12.95 -26.32 -3.39
CA MET D 134 13.17 -26.08 -1.98
C MET D 134 12.53 -24.77 -1.53
N SER D 135 12.59 -23.73 -2.37
CA SER D 135 11.90 -22.49 -2.03
C SER D 135 10.39 -22.68 -2.00
N ILE D 136 9.86 -23.51 -2.92
CA ILE D 136 8.44 -23.81 -2.92
C ILE D 136 8.03 -24.44 -1.59
N ILE D 137 8.76 -25.47 -1.17
CA ILE D 137 8.37 -26.16 0.05
C ILE D 137 8.64 -25.30 1.28
N SER D 138 9.66 -24.43 1.23
CA SER D 138 9.90 -23.52 2.34
C SER D 138 8.74 -22.55 2.52
N THR D 139 8.29 -21.96 1.41
CA THR D 139 7.10 -21.11 1.46
C THR D 139 5.89 -21.89 1.96
N PHE D 140 5.73 -23.13 1.49
CA PHE D 140 4.59 -23.94 1.94
C PHE D 140 4.63 -24.16 3.45
N HIS D 141 5.81 -24.46 4.00
CA HIS D 141 5.90 -24.74 5.42
C HIS D 141 5.88 -23.49 6.28
N LEU D 142 6.20 -22.32 5.73
CA LEU D 142 6.17 -21.12 6.53
C LEU D 142 4.84 -20.41 6.48
N SER D 143 3.88 -20.94 5.71
CA SER D 143 2.53 -20.41 5.62
C SER D 143 1.50 -21.25 6.36
N ILE D 144 1.92 -22.24 7.13
CA ILE D 144 0.97 -23.12 7.81
C ILE D 144 0.48 -22.40 9.07
N PRO D 145 -0.79 -22.02 9.13
CA PRO D 145 -1.27 -21.19 10.25
C PRO D 145 -1.14 -21.90 11.59
N ASN D 146 -0.45 -21.25 12.52
CA ASN D 146 -0.33 -21.72 13.91
C ASN D 146 0.20 -23.15 13.99
N PHE D 147 1.13 -23.50 13.10
CA PHE D 147 1.73 -24.82 13.13
C PHE D 147 2.46 -25.03 14.46
N ASN D 148 2.10 -26.08 15.19
CA ASN D 148 2.75 -26.38 16.46
C ASN D 148 3.14 -27.84 16.68
N GLN D 149 2.70 -28.77 15.83
CA GLN D 149 2.99 -30.19 16.00
C GLN D 149 3.93 -30.62 14.88
N TYR D 150 5.19 -30.84 15.22
CA TYR D 150 6.20 -31.22 14.23
C TYR D 150 6.27 -32.71 13.99
N GLU D 151 5.51 -33.52 14.75
CA GLU D 151 5.51 -34.96 14.52
C GLU D 151 4.91 -35.32 13.17
N ALA D 152 4.01 -34.47 12.65
CA ALA D 152 3.25 -34.82 11.45
C ALA D 152 4.13 -34.83 10.20
N MET D 153 4.99 -33.84 10.05
CA MET D 153 5.71 -33.63 8.80
C MET D 153 6.87 -34.60 8.67
N SER D 154 7.02 -35.16 7.47
CA SER D 154 8.10 -36.08 7.17
C SER D 154 8.70 -35.70 5.82
N CYS D 155 10.02 -35.83 5.69
CA CYS D 155 10.70 -35.36 4.49
C CYS D 155 11.69 -36.40 4.01
N ASP D 156 11.94 -36.38 2.70
CA ASP D 156 12.99 -37.15 2.05
C ASP D 156 13.60 -36.28 0.97
N PHE D 157 14.93 -36.15 1.01
CA PHE D 157 15.65 -35.32 0.05
C PHE D 157 16.84 -36.02 -0.60
N ASN D 158 16.97 -37.33 -0.44
CA ASN D 158 18.11 -38.05 -0.99
C ASN D 158 18.19 -37.88 -2.50
N GLY D 159 19.37 -37.48 -2.98
CA GLY D 159 19.62 -37.34 -4.40
C GLY D 159 19.08 -36.08 -5.04
N GLY D 160 18.51 -35.16 -4.26
CA GLY D 160 17.85 -34.00 -4.79
C GLY D 160 16.36 -34.14 -4.96
N LYS D 161 15.82 -35.33 -4.71
CA LYS D 161 14.38 -35.54 -4.77
C LYS D 161 13.68 -34.74 -3.67
N ILE D 162 12.53 -34.18 -4.01
CA ILE D 162 11.72 -33.43 -3.05
C ILE D 162 10.54 -34.32 -2.65
N SER D 163 10.56 -34.82 -1.42
CA SER D 163 9.44 -35.58 -0.88
C SER D 163 9.05 -35.03 0.49
N VAL D 164 7.78 -34.66 0.63
CA VAL D 164 7.23 -34.22 1.92
C VAL D 164 5.88 -34.89 2.12
N GLN D 165 5.74 -35.63 3.21
CA GLN D 165 4.45 -36.21 3.57
C GLN D 165 3.90 -35.54 4.81
N TYR D 166 2.57 -35.48 4.88
CA TYR D 166 1.85 -34.90 6.01
C TYR D 166 0.79 -35.88 6.51
N ASN D 167 0.74 -36.01 7.85
CA ASN D 167 -0.25 -36.82 8.55
C ASN D 167 -1.40 -35.93 8.98
N LEU D 168 -2.60 -36.22 8.46
CA LEU D 168 -3.77 -35.38 8.68
C LEU D 168 -4.70 -35.93 9.75
N SER D 169 -4.13 -36.63 10.73
CA SER D 169 -4.93 -37.19 11.82
C SER D 169 -5.44 -36.08 12.75
N HIS D 170 -6.65 -36.28 13.26
CA HIS D 170 -7.27 -35.30 14.15
C HIS D 170 -7.04 -35.68 15.61
N HIS D 179 -14.05 -32.39 16.93
CA HIS D 179 -13.44 -31.17 17.44
C HIS D 179 -12.33 -30.68 16.53
N CYS D 180 -12.03 -29.38 16.60
CA CYS D 180 -11.08 -28.77 15.68
C CYS D 180 -9.98 -28.03 16.43
N GLY D 181 -9.18 -27.26 15.71
CA GLY D 181 -7.97 -26.67 16.26
C GLY D 181 -6.80 -27.62 16.10
N THR D 182 -6.76 -28.31 14.96
CA THR D 182 -5.79 -29.36 14.71
C THR D 182 -4.87 -28.93 13.57
N VAL D 183 -3.67 -29.50 13.55
CA VAL D 183 -2.72 -29.21 12.48
C VAL D 183 -3.30 -29.58 11.13
N ALA D 184 -4.18 -30.58 11.08
CA ALA D 184 -4.84 -30.94 9.83
C ALA D 184 -5.63 -29.76 9.26
N ASN D 185 -6.30 -29.00 10.14
CA ASN D 185 -7.07 -27.85 9.69
C ASN D 185 -6.17 -26.87 8.93
N GLY D 186 -5.09 -26.43 9.57
CA GLY D 186 -4.21 -25.46 8.95
C GLY D 186 -3.49 -26.01 7.72
N VAL D 187 -3.19 -27.32 7.72
CA VAL D 187 -2.48 -27.91 6.59
C VAL D 187 -3.40 -27.98 5.37
N LEU D 188 -4.67 -28.35 5.56
CA LEU D 188 -5.63 -28.25 4.46
C LEU D 188 -5.84 -26.80 4.04
N GLN D 189 -5.85 -25.88 5.01
CA GLN D 189 -5.95 -24.46 4.68
C GLN D 189 -4.85 -24.04 3.72
N THR D 190 -3.59 -24.37 4.04
CA THR D 190 -2.50 -23.98 3.16
C THR D 190 -2.50 -24.77 1.86
N PHE D 191 -3.03 -26.00 1.86
CA PHE D 191 -3.24 -26.71 0.60
C PHE D 191 -4.13 -25.93 -0.34
N MET D 192 -5.30 -25.52 0.14
CA MET D 192 -6.20 -24.78 -0.73
C MET D 192 -5.80 -23.31 -0.89
N ARG D 193 -4.86 -22.83 -0.07
CA ARG D 193 -4.11 -21.63 -0.42
C ARG D 193 -3.27 -21.85 -1.67
N MET D 194 -2.64 -23.01 -1.80
CA MET D 194 -1.75 -23.25 -2.92
C MET D 194 -2.51 -23.75 -4.15
N ALA D 195 -3.16 -24.91 -4.04
CA ALA D 195 -3.75 -25.55 -5.21
C ALA D 195 -5.02 -24.83 -5.65
N TRP D 196 -5.81 -24.32 -4.71
CA TRP D 196 -7.11 -23.73 -4.98
C TRP D 196 -8.06 -24.72 -5.63
N GLY D 197 -7.92 -26.00 -5.28
CA GLY D 197 -8.82 -27.02 -5.79
C GLY D 197 -9.48 -27.84 -4.71
N GLY D 198 -10.80 -27.74 -4.59
CA GLY D 198 -11.54 -28.46 -3.58
C GLY D 198 -13.03 -28.17 -3.60
N ARG D 207 -17.24 -32.91 5.94
CA ARG D 207 -18.06 -31.71 6.07
C ARG D 207 -17.56 -30.82 7.21
N GLY D 208 -16.91 -29.72 6.84
CA GLY D 208 -16.29 -28.84 7.81
C GLY D 208 -16.90 -27.44 7.75
N ASN D 209 -16.95 -26.80 8.93
CA ASN D 209 -17.54 -25.48 9.08
C ASN D 209 -16.68 -24.65 10.02
N TRP D 210 -17.11 -23.41 10.23
CA TRP D 210 -16.46 -22.44 11.13
C TRP D 210 -14.94 -22.47 11.00
N ASP D 211 -14.46 -22.32 9.77
CA ASP D 211 -13.03 -22.28 9.46
C ASP D 211 -12.31 -23.55 9.91
N CYS D 212 -13.03 -24.66 9.94
CA CYS D 212 -12.45 -25.97 10.18
C CYS D 212 -12.85 -26.88 9.02
N ILE D 213 -11.89 -27.61 8.47
CA ILE D 213 -12.11 -28.44 7.29
C ILE D 213 -11.55 -29.82 7.57
N MET D 214 -12.34 -30.85 7.25
CA MET D 214 -11.94 -32.23 7.44
C MET D 214 -12.06 -32.98 6.11
N THR D 215 -11.15 -33.93 5.89
CA THR D 215 -11.20 -34.77 4.72
C THR D 215 -11.00 -36.23 5.13
N SER D 216 -11.62 -37.13 4.38
CA SER D 216 -11.48 -38.56 4.64
C SER D 216 -10.05 -39.04 4.40
N TYR D 217 -9.27 -38.33 3.59
CA TYR D 217 -7.90 -38.75 3.30
C TYR D 217 -7.03 -38.59 4.56
N GLN D 218 -6.34 -39.67 4.92
CA GLN D 218 -5.50 -39.64 6.12
C GLN D 218 -4.18 -38.92 5.88
N TYR D 219 -3.63 -38.99 4.67
CA TYR D 219 -2.28 -38.52 4.41
C TYR D 219 -2.27 -37.61 3.20
N LEU D 220 -1.17 -36.88 3.04
CA LEU D 220 -0.88 -36.18 1.79
C LEU D 220 0.59 -36.32 1.45
N ILE D 221 0.86 -36.40 0.15
CA ILE D 221 2.17 -36.70 -0.39
C ILE D 221 2.56 -35.56 -1.35
N ILE D 222 3.78 -35.07 -1.21
CA ILE D 222 4.40 -34.16 -2.16
C ILE D 222 5.65 -34.86 -2.67
N GLN D 223 5.79 -34.97 -3.99
CA GLN D 223 6.97 -35.67 -4.48
C GLN D 223 7.35 -35.25 -5.90
N ASN D 224 8.61 -35.48 -6.24
CA ASN D 224 9.14 -34.99 -7.51
C ASN D 224 8.56 -35.78 -8.69
N THR D 225 8.42 -35.11 -9.82
CA THR D 225 7.90 -35.74 -11.03
C THR D 225 8.32 -34.90 -12.23
N THR D 226 8.23 -35.52 -13.42
CA THR D 226 8.49 -34.81 -14.66
C THR D 226 7.26 -34.01 -15.08
N TRP D 227 7.33 -33.38 -16.24
CA TRP D 227 6.28 -32.49 -16.73
C TRP D 227 5.48 -33.17 -17.83
N GLU D 228 4.15 -33.14 -17.71
CA GLU D 228 3.23 -33.53 -18.76
C GLU D 228 2.03 -32.59 -18.69
N ASP D 229 0.97 -32.92 -19.45
CA ASP D 229 -0.26 -32.16 -19.45
C ASP D 229 -1.36 -32.82 -18.62
N HIS D 230 -0.99 -33.47 -17.52
CA HIS D 230 -1.88 -34.36 -16.77
C HIS D 230 -2.64 -33.63 -15.66
N CYS D 231 -3.29 -32.52 -15.98
CA CYS D 231 -4.12 -31.81 -15.00
C CYS D 231 -5.40 -31.31 -15.68
N GLN D 232 -6.11 -32.23 -16.32
CA GLN D 232 -7.37 -31.91 -17.01
C GLN D 232 -8.33 -31.10 -16.15
N PHE D 233 -8.42 -31.42 -14.85
CA PHE D 233 -9.42 -30.78 -14.00
C PHE D 233 -9.19 -29.27 -13.89
N SER D 234 -7.94 -28.85 -13.69
CA SER D 234 -7.64 -27.47 -13.35
C SER D 234 -6.64 -26.87 -14.32
N ARG D 235 -6.83 -25.60 -14.65
CA ARG D 235 -5.88 -24.88 -15.47
C ARG D 235 -4.64 -24.57 -14.61
N PRO D 236 -3.45 -24.56 -15.19
CA PRO D 236 -2.27 -24.14 -14.42
C PRO D 236 -2.29 -22.65 -14.13
N SER D 237 -1.93 -22.31 -12.88
CA SER D 237 -1.93 -20.93 -12.42
C SER D 237 -0.81 -20.76 -11.40
N PRO D 238 -0.19 -19.57 -11.34
CA PRO D 238 0.83 -19.30 -10.33
C PRO D 238 0.31 -18.69 -9.03
N ILE D 239 -0.95 -18.26 -9.01
CA ILE D 239 -1.47 -17.41 -7.93
C ILE D 239 -1.36 -18.09 -6.57
N GLY D 240 -1.44 -19.42 -6.52
CA GLY D 240 -1.35 -20.09 -5.23
C GLY D 240 -0.01 -19.85 -4.53
N TYR D 241 1.09 -19.90 -5.29
CA TYR D 241 2.40 -19.71 -4.68
C TYR D 241 2.65 -18.24 -4.34
N LEU D 242 2.23 -17.34 -5.22
CA LEU D 242 2.41 -15.91 -4.96
C LEU D 242 1.63 -15.48 -3.73
N GLY D 243 0.40 -15.98 -3.58
CA GLY D 243 -0.38 -15.69 -2.39
C GLY D 243 0.20 -16.34 -1.15
N LEU D 244 0.70 -17.57 -1.28
CA LEU D 244 1.33 -18.24 -0.15
C LEU D 244 2.57 -17.48 0.32
N LEU D 245 3.27 -16.83 -0.60
CA LEU D 245 4.42 -16.01 -0.21
C LEU D 245 4.02 -14.87 0.71
N SER D 246 2.75 -14.43 0.65
CA SER D 246 2.32 -13.30 1.46
C SER D 246 2.30 -13.65 2.94
N GLN D 247 1.79 -14.83 3.28
CA GLN D 247 1.47 -15.19 4.66
C GLN D 247 2.61 -15.97 5.33
N ARG D 248 3.73 -16.18 4.65
CA ARG D 248 4.83 -16.95 5.23
C ARG D 248 5.38 -16.26 6.48
N THR D 249 5.62 -17.08 7.51
CA THR D 249 6.11 -16.67 8.83
C THR D 249 5.13 -15.78 9.58
N ARG D 250 3.93 -15.55 9.05
CA ARG D 250 3.01 -14.62 9.70
C ARG D 250 2.40 -15.23 10.95
N ASP D 251 2.00 -16.49 10.91
CA ASP D 251 1.31 -17.16 12.01
C ASP D 251 2.19 -18.18 12.73
N ILE D 252 3.46 -17.87 12.89
CA ILE D 252 4.42 -18.84 13.42
C ILE D 252 4.51 -18.67 14.94
N TYR D 253 4.73 -19.77 15.64
CA TYR D 253 4.88 -19.76 17.08
C TYR D 253 6.34 -19.57 17.45
N ILE D 254 6.58 -18.96 18.61
CA ILE D 254 7.93 -18.74 19.09
C ILE D 254 8.40 -19.99 19.83
N SER D 255 9.55 -20.52 19.42
CA SER D 255 10.14 -21.67 20.08
C SER D 255 11.40 -21.33 20.86
N ARG D 256 11.92 -20.11 20.70
CA ARG D 256 13.09 -19.67 21.44
C ARG D 256 12.98 -18.17 21.65
N ARG D 257 13.55 -17.69 22.76
CA ARG D 257 13.46 -16.27 23.07
C ARG D 257 14.30 -15.43 22.11
N LEU D 258 15.53 -15.88 21.83
CA LEU D 258 16.43 -15.09 20.99
C LEU D 258 16.00 -15.14 19.52
N LEU D 259 15.69 -16.34 19.02
CA LEU D 259 15.35 -16.56 17.62
C LEU D 259 16.53 -16.23 16.71
N GLY E 2 -29.78 20.03 -7.20
CA GLY E 2 -30.58 21.20 -6.86
C GLY E 2 -30.74 21.39 -5.37
N GLN E 3 -29.74 20.97 -4.60
CA GLN E 3 -29.72 21.13 -3.15
C GLN E 3 -28.82 22.28 -2.72
N ILE E 4 -28.79 23.36 -3.51
CA ILE E 4 -27.90 24.48 -3.22
C ILE E 4 -28.25 25.18 -1.92
N VAL E 5 -29.50 25.06 -1.46
CA VAL E 5 -29.96 25.81 -0.30
C VAL E 5 -29.12 25.47 0.94
N THR E 6 -28.86 24.18 1.16
CA THR E 6 -28.06 23.77 2.31
C THR E 6 -26.63 24.29 2.22
N PHE E 7 -26.01 24.18 1.04
CA PHE E 7 -24.62 24.63 0.88
C PHE E 7 -24.49 26.15 1.02
N PHE E 8 -25.50 26.91 0.56
CA PHE E 8 -25.37 28.36 0.49
C PHE E 8 -25.11 28.98 1.87
N GLN E 9 -25.83 28.52 2.89
CA GLN E 9 -25.59 29.03 4.24
C GLN E 9 -24.19 28.67 4.71
N GLU E 10 -23.71 27.47 4.39
CA GLU E 10 -22.43 27.00 4.90
C GLU E 10 -21.27 27.86 4.39
N VAL E 11 -21.23 28.13 3.09
CA VAL E 11 -20.07 28.81 2.53
C VAL E 11 -20.45 29.87 1.50
N PRO E 12 -20.98 31.02 1.91
CA PRO E 12 -21.19 32.13 0.97
C PRO E 12 -20.05 33.13 0.93
N HIS E 13 -18.99 32.90 1.70
CA HIS E 13 -17.90 33.87 1.81
C HIS E 13 -17.14 34.04 0.49
N VAL E 14 -16.89 32.94 -0.22
CA VAL E 14 -16.02 32.99 -1.40
C VAL E 14 -16.61 33.90 -2.47
N ILE E 15 -15.73 34.66 -3.13
CA ILE E 15 -16.16 35.65 -4.12
C ILE E 15 -16.84 34.98 -5.31
N GLU E 16 -16.32 33.83 -5.75
CA GLU E 16 -16.88 33.20 -6.94
C GLU E 16 -18.34 32.81 -6.73
N GLU E 17 -18.69 32.29 -5.55
CA GLU E 17 -20.08 31.95 -5.27
C GLU E 17 -20.97 33.18 -5.33
N VAL E 18 -20.54 34.29 -4.71
CA VAL E 18 -21.39 35.49 -4.70
C VAL E 18 -21.55 36.02 -6.12
N MET E 19 -20.48 35.96 -6.93
CA MET E 19 -20.58 36.40 -8.31
C MET E 19 -21.56 35.53 -9.08
N ASN E 20 -21.51 34.22 -8.87
CA ASN E 20 -22.42 33.30 -9.56
C ASN E 20 -23.86 33.61 -9.18
N ILE E 21 -24.13 33.79 -7.88
CA ILE E 21 -25.50 34.06 -7.44
C ILE E 21 -25.99 35.39 -8.02
N VAL E 22 -25.12 36.40 -8.03
CA VAL E 22 -25.50 37.69 -8.60
C VAL E 22 -25.87 37.54 -10.06
N LEU E 23 -25.03 36.86 -10.84
CA LEU E 23 -25.30 36.67 -12.26
C LEU E 23 -26.60 35.91 -12.47
N ILE E 24 -26.85 34.87 -11.67
CA ILE E 24 -28.09 34.11 -11.79
C ILE E 24 -29.30 34.99 -11.50
N ALA E 25 -29.23 35.79 -10.44
CA ALA E 25 -30.36 36.65 -10.10
C ALA E 25 -30.59 37.69 -11.19
N LEU E 26 -29.53 38.24 -11.76
CA LEU E 26 -29.67 39.18 -12.86
C LEU E 26 -30.33 38.52 -14.06
N SER E 27 -29.89 37.31 -14.41
CA SER E 27 -30.46 36.61 -15.56
C SER E 27 -31.94 36.30 -15.33
N VAL E 28 -32.28 35.84 -14.11
CA VAL E 28 -33.67 35.52 -13.80
C VAL E 28 -34.53 36.78 -13.87
N LEU E 29 -34.05 37.90 -13.32
CA LEU E 29 -34.82 39.13 -13.38
C LEU E 29 -34.99 39.59 -14.82
N ALA E 30 -33.95 39.46 -15.64
CA ALA E 30 -34.04 39.89 -17.03
C ALA E 30 -35.01 39.02 -17.82
N VAL E 31 -34.95 37.70 -17.64
CA VAL E 31 -35.88 36.82 -18.36
C VAL E 31 -37.32 37.08 -17.92
N LEU E 32 -37.55 37.27 -16.61
CA LEU E 32 -38.90 37.57 -16.14
C LEU E 32 -39.40 38.90 -16.69
N LYS E 33 -38.51 39.91 -16.76
CA LYS E 33 -38.88 41.18 -17.38
C LYS E 33 -39.24 40.99 -18.85
N GLY E 34 -38.45 40.20 -19.58
CA GLY E 34 -38.79 39.92 -20.97
C GLY E 34 -40.09 39.15 -21.11
N LEU E 35 -40.37 38.23 -20.20
CA LEU E 35 -41.60 37.46 -20.22
C LEU E 35 -42.83 38.36 -20.05
N THR E 59 -24.69 23.00 22.14
CA THR E 59 -23.45 22.73 22.86
C THR E 59 -22.23 23.05 21.99
N SER E 60 -21.87 22.13 21.12
CA SER E 60 -20.73 22.28 20.22
C SER E 60 -21.28 22.41 18.80
N LEU E 61 -21.52 23.66 18.38
CA LEU E 61 -22.07 23.96 17.07
C LEU E 61 -21.00 24.63 16.22
N TYR E 62 -20.77 24.09 15.03
CA TYR E 62 -19.80 24.60 14.09
C TYR E 62 -20.48 25.03 12.81
N LYS E 63 -19.91 26.05 12.17
CA LYS E 63 -20.56 26.80 11.11
C LYS E 63 -21.93 27.28 11.61
N GLY E 64 -23.02 26.81 11.01
CA GLY E 64 -24.34 27.17 11.48
C GLY E 64 -25.14 25.97 11.91
N VAL E 65 -24.84 24.81 11.33
CA VAL E 65 -25.63 23.60 11.57
C VAL E 65 -24.78 22.40 11.97
N TYR E 66 -23.49 22.36 11.61
CA TYR E 66 -22.66 21.21 11.93
C TYR E 66 -22.43 21.11 13.44
N GLU E 67 -22.52 19.90 13.97
CA GLU E 67 -22.43 19.67 15.41
C GLU E 67 -21.36 18.63 15.70
N LEU E 68 -20.63 18.82 16.79
CA LEU E 68 -19.61 17.87 17.21
C LEU E 68 -20.24 16.75 18.04
N GLN E 69 -20.99 15.90 17.33
CA GLN E 69 -21.49 14.67 17.93
C GLN E 69 -20.40 13.62 17.92
N THR E 70 -20.21 12.93 19.04
CA THR E 70 -19.10 12.03 19.23
C THR E 70 -19.58 10.59 19.37
N LEU E 71 -18.65 9.66 19.12
CA LEU E 71 -18.91 8.23 19.19
C LEU E 71 -18.08 7.60 20.28
N GLU E 72 -18.68 6.68 21.03
CA GLU E 72 -17.98 5.85 22.00
C GLU E 72 -18.26 4.41 21.59
N LEU E 73 -17.38 3.85 20.78
CA LEU E 73 -17.61 2.52 20.21
C LEU E 73 -17.55 1.47 21.30
N ASN E 74 -18.64 0.72 21.45
CA ASN E 74 -18.67 -0.43 22.35
C ASN E 74 -17.88 -1.55 21.68
N MET E 75 -16.63 -1.73 22.10
CA MET E 75 -15.78 -2.69 21.43
C MET E 75 -15.99 -4.10 21.95
N GLU E 76 -16.87 -4.28 22.93
CA GLU E 76 -17.26 -5.61 23.36
C GLU E 76 -17.98 -6.37 22.25
N THR E 77 -18.51 -5.66 21.26
CA THR E 77 -19.13 -6.30 20.12
C THR E 77 -18.11 -7.06 19.28
N LEU E 78 -16.81 -6.84 19.50
CA LEU E 78 -15.77 -7.60 18.81
C LEU E 78 -15.15 -8.66 19.70
N ASN E 79 -15.84 -9.04 20.77
CA ASN E 79 -15.32 -10.06 21.68
C ASN E 79 -15.21 -11.43 21.03
N MET E 80 -15.98 -11.69 19.97
CA MET E 80 -16.02 -13.00 19.36
C MET E 80 -14.94 -13.23 18.32
N THR E 81 -14.20 -12.20 17.93
CA THR E 81 -13.15 -12.35 16.92
C THR E 81 -11.84 -11.69 17.29
N MET E 82 -11.83 -10.67 18.16
CA MET E 82 -10.64 -9.88 18.36
C MET E 82 -10.36 -9.70 19.85
N PRO E 83 -9.09 -9.74 20.26
CA PRO E 83 -8.75 -9.44 21.65
C PRO E 83 -8.75 -7.94 21.92
N LEU E 84 -9.27 -7.56 23.08
CA LEU E 84 -9.49 -6.16 23.44
C LEU E 84 -8.60 -5.78 24.62
N SER E 85 -8.00 -4.60 24.55
CA SER E 85 -7.06 -4.13 25.57
C SER E 85 -7.70 -3.01 26.38
N CYS E 86 -7.68 -3.17 27.70
CA CYS E 86 -8.14 -2.09 28.57
C CYS E 86 -7.54 -2.25 29.96
N THR E 87 -7.47 -1.14 30.70
CA THR E 87 -6.75 -1.11 31.96
C THR E 87 -7.58 -0.44 33.05
N LYS E 88 -7.19 -0.71 34.29
CA LYS E 88 -7.99 -0.40 35.48
C LYS E 88 -7.46 0.81 36.24
N ASN E 89 -6.17 0.84 36.58
CA ASN E 89 -5.63 1.91 37.42
C ASN E 89 -4.27 2.38 36.92
N ASN E 90 -4.03 2.34 35.61
CA ASN E 90 -2.78 2.74 34.95
C ASN E 90 -1.64 1.79 35.26
N SER E 91 -1.84 0.78 36.11
CA SER E 91 -0.84 -0.24 36.39
C SER E 91 -1.33 -1.65 36.12
N HIS E 92 -2.64 -1.89 36.09
CA HIS E 92 -3.22 -3.19 35.76
C HIS E 92 -3.83 -3.08 34.36
N HIS E 93 -3.10 -3.55 33.37
CA HIS E 93 -3.51 -3.58 31.97
C HIS E 93 -4.10 -4.96 31.69
N TYR E 94 -4.92 -5.04 30.66
CA TYR E 94 -5.58 -6.32 30.41
C TYR E 94 -5.76 -6.53 28.92
N ILE E 95 -5.76 -7.81 28.54
CA ILE E 95 -6.15 -8.23 27.20
C ILE E 95 -7.16 -9.37 27.32
N MET E 96 -8.37 -9.15 26.81
CA MET E 96 -9.44 -10.13 26.89
C MET E 96 -9.69 -10.72 25.50
N VAL E 97 -9.66 -12.04 25.40
CA VAL E 97 -9.96 -12.72 24.14
C VAL E 97 -11.18 -13.60 24.37
N GLY E 98 -12.21 -13.39 23.57
CA GLY E 98 -13.48 -14.04 23.85
C GLY E 98 -14.13 -13.41 25.07
N ASN E 99 -15.17 -14.09 25.56
CA ASN E 99 -15.85 -13.66 26.77
C ASN E 99 -15.55 -14.59 27.94
N GLU E 100 -14.52 -15.43 27.82
CA GLU E 100 -14.18 -16.42 28.83
C GLU E 100 -12.77 -16.29 29.38
N THR E 101 -11.80 -15.81 28.58
CA THR E 101 -10.41 -15.77 29.01
C THR E 101 -9.79 -14.41 28.73
N GLY E 102 -8.81 -14.06 29.56
CA GLY E 102 -8.06 -12.83 29.42
C GLY E 102 -6.74 -12.96 30.15
N LEU E 103 -5.95 -11.88 30.07
CA LEU E 103 -4.64 -11.83 30.69
C LEU E 103 -4.42 -10.52 31.43
N GLU E 104 -3.71 -10.66 32.56
CA GLU E 104 -3.20 -9.59 33.40
C GLU E 104 -1.91 -9.09 32.79
N LEU E 105 -1.70 -7.77 32.88
CA LEU E 105 -0.44 -7.09 32.54
C LEU E 105 -0.18 -6.10 33.69
N THR E 106 0.55 -6.55 34.69
CA THR E 106 0.72 -5.78 35.93
C THR E 106 2.17 -5.30 36.06
N LEU E 107 2.34 -4.00 36.20
CA LEU E 107 3.64 -3.39 36.50
C LEU E 107 3.80 -3.36 38.01
N THR E 108 4.72 -4.16 38.54
CA THR E 108 4.82 -4.29 39.99
C THR E 108 6.26 -4.61 40.38
N ASN E 109 6.55 -4.45 41.66
CA ASN E 109 7.84 -4.78 42.23
C ASN E 109 7.93 -6.23 42.70
N THR E 110 6.87 -7.01 42.54
CA THR E 110 6.81 -8.37 43.03
C THR E 110 6.87 -9.35 41.86
N SER E 111 7.69 -10.38 42.00
CA SER E 111 7.87 -11.39 40.96
C SER E 111 7.13 -12.67 41.36
N ILE E 112 6.25 -13.14 40.48
CA ILE E 112 5.58 -14.42 40.69
C ILE E 112 6.43 -15.59 40.22
N ILE E 113 7.49 -15.33 39.44
CA ILE E 113 8.32 -16.35 38.82
C ILE E 113 9.76 -16.08 39.22
N ASN E 114 10.48 -17.14 39.61
CA ASN E 114 11.86 -17.02 40.04
C ASN E 114 12.79 -17.94 39.25
N HIS E 115 12.39 -18.35 38.05
CA HIS E 115 13.21 -19.19 37.19
C HIS E 115 13.29 -18.57 35.81
N LYS E 116 14.48 -18.64 35.21
CA LYS E 116 14.75 -18.02 33.92
C LYS E 116 14.57 -19.05 32.79
N PHE E 117 13.32 -19.48 32.63
CA PHE E 117 12.97 -20.41 31.56
C PHE E 117 11.78 -19.87 30.78
N CYS E 118 11.63 -20.37 29.55
CA CYS E 118 10.42 -20.17 28.75
C CYS E 118 10.20 -21.44 27.94
N ASN E 119 9.36 -22.32 28.47
CA ASN E 119 9.19 -23.68 27.94
C ASN E 119 8.20 -23.65 26.78
N LEU E 120 8.64 -23.01 25.68
CA LEU E 120 7.74 -22.84 24.55
C LEU E 120 7.56 -24.14 23.78
N SER E 121 8.65 -24.88 23.54
CA SER E 121 8.55 -26.11 22.79
C SER E 121 7.85 -27.20 23.59
N ASP E 122 7.93 -27.13 24.92
CA ASP E 122 7.16 -28.03 25.76
C ASP E 122 5.67 -27.70 25.66
N ALA E 123 5.35 -26.40 25.60
CA ALA E 123 3.95 -25.99 25.44
C ALA E 123 3.40 -26.49 24.10
N HIS E 124 4.19 -26.38 23.04
CA HIS E 124 3.76 -26.88 21.74
C HIS E 124 3.66 -28.41 21.72
N LYS E 125 4.54 -29.10 22.44
CA LYS E 125 4.42 -30.56 22.51
C LYS E 125 3.09 -30.99 23.11
N LYS E 126 2.72 -30.41 24.25
CA LYS E 126 1.45 -30.75 24.91
C LYS E 126 0.46 -29.64 24.56
N ASN E 127 -0.27 -29.84 23.47
CA ASN E 127 -1.21 -28.82 22.97
C ASN E 127 -2.48 -28.85 23.83
N LEU E 128 -2.32 -28.36 25.06
CA LEU E 128 -3.43 -28.26 26.00
C LEU E 128 -3.75 -26.81 26.34
N TYR E 129 -3.17 -25.85 25.63
CA TYR E 129 -3.35 -24.44 25.89
C TYR E 129 -4.32 -23.83 24.89
N ASP E 130 -4.65 -22.55 25.11
CA ASP E 130 -5.51 -21.82 24.21
C ASP E 130 -4.66 -21.15 23.14
N HIS E 131 -4.99 -21.41 21.86
CA HIS E 131 -4.18 -20.94 20.77
C HIS E 131 -4.14 -19.41 20.70
N ALA E 132 -5.26 -18.76 21.04
CA ALA E 132 -5.33 -17.31 20.99
C ALA E 132 -4.29 -16.67 21.91
N LEU E 133 -4.19 -17.17 23.15
CA LEU E 133 -3.27 -16.58 24.11
C LEU E 133 -1.82 -16.78 23.68
N MET E 134 -1.49 -17.96 23.17
CA MET E 134 -0.13 -18.21 22.71
C MET E 134 0.21 -17.34 21.51
N SER E 135 -0.75 -17.12 20.61
CA SER E 135 -0.50 -16.21 19.50
C SER E 135 -0.32 -14.78 19.99
N ILE E 136 -1.09 -14.38 21.02
CA ILE E 136 -0.93 -13.05 21.61
C ILE E 136 0.49 -12.87 22.13
N ILE E 137 0.97 -13.83 22.93
CA ILE E 137 2.30 -13.67 23.51
C ILE E 137 3.39 -13.83 22.45
N SER E 138 3.15 -14.63 21.42
CA SER E 138 4.13 -14.74 20.33
C SER E 138 4.29 -13.41 19.61
N THR E 139 3.16 -12.77 19.28
CA THR E 139 3.21 -11.43 18.69
C THR E 139 3.90 -10.45 19.63
N PHE E 140 3.61 -10.54 20.93
CA PHE E 140 4.23 -9.63 21.89
C PHE E 140 5.74 -9.80 21.90
N HIS E 141 6.23 -11.04 21.87
CA HIS E 141 7.66 -11.27 21.94
C HIS E 141 8.37 -11.04 20.62
N LEU E 142 7.65 -11.06 19.50
CA LEU E 142 8.31 -10.84 18.22
C LEU E 142 8.29 -9.38 17.81
N SER E 143 7.67 -8.51 18.63
CA SER E 143 7.64 -7.07 18.40
C SER E 143 8.56 -6.30 19.34
N ILE E 144 9.40 -6.96 20.11
CA ILE E 144 10.25 -6.26 21.07
C ILE E 144 11.46 -5.71 20.31
N PRO E 145 11.59 -4.39 20.19
CA PRO E 145 12.64 -3.82 19.34
C PRO E 145 14.04 -4.17 19.83
N ASN E 146 14.82 -4.76 18.93
CA ASN E 146 16.24 -5.07 19.19
C ASN E 146 16.44 -5.90 20.45
N PHE E 147 15.53 -6.81 20.71
CA PHE E 147 15.66 -7.69 21.87
C PHE E 147 16.93 -8.52 21.74
N ASN E 148 17.80 -8.45 22.74
CA ASN E 148 19.04 -9.21 22.74
C ASN E 148 19.39 -9.91 24.05
N GLN E 149 18.70 -9.64 25.15
CA GLN E 149 19.00 -10.23 26.44
C GLN E 149 17.86 -11.17 26.81
N TYR E 150 18.12 -12.48 26.72
CA TYR E 150 17.10 -13.49 27.01
C TYR E 150 17.02 -13.85 28.48
N GLU E 151 17.93 -13.33 29.31
CA GLU E 151 17.87 -13.62 30.74
C GLU E 151 16.63 -13.03 31.39
N ALA E 152 16.08 -11.95 30.82
CA ALA E 152 15.01 -11.21 31.48
C ALA E 152 13.70 -11.99 31.46
N MET E 153 13.36 -12.62 30.34
CA MET E 153 12.04 -13.19 30.16
C MET E 153 11.92 -14.52 30.89
N SER E 154 10.79 -14.73 31.54
CA SER E 154 10.50 -15.96 32.25
C SER E 154 9.07 -16.39 31.94
N CYS E 155 8.85 -17.70 31.81
CA CYS E 155 7.55 -18.18 31.37
C CYS E 155 7.10 -19.35 32.24
N ASP E 156 5.78 -19.50 32.34
CA ASP E 156 5.13 -20.65 32.97
C ASP E 156 3.92 -21.00 32.13
N PHE E 157 3.82 -22.27 31.72
CA PHE E 157 2.72 -22.74 30.90
C PHE E 157 2.05 -24.01 31.41
N ASN E 158 2.35 -24.41 32.64
CA ASN E 158 1.80 -25.65 33.18
C ASN E 158 0.28 -25.61 33.19
N GLY E 159 -0.35 -26.64 32.62
CA GLY E 159 -1.79 -26.77 32.63
C GLY E 159 -2.53 -25.94 31.60
N GLY E 160 -1.80 -25.23 30.72
CA GLY E 160 -2.41 -24.31 29.79
C GLY E 160 -2.43 -22.87 30.26
N LYS E 161 -2.01 -22.62 31.50
CA LYS E 161 -1.92 -21.25 32.01
C LYS E 161 -0.87 -20.47 31.23
N ILE E 162 -1.15 -19.21 30.97
CA ILE E 162 -0.22 -18.31 30.28
C ILE E 162 0.37 -17.38 31.33
N SER E 163 1.65 -17.57 31.65
CA SER E 163 2.36 -16.67 32.55
C SER E 163 3.68 -16.26 31.91
N VAL E 164 3.90 -14.95 31.80
CA VAL E 164 5.16 -14.39 31.31
C VAL E 164 5.56 -13.24 32.22
N GLN E 165 6.74 -13.32 32.83
CA GLN E 165 7.26 -12.21 33.60
C GLN E 165 8.46 -11.60 32.90
N TYR E 166 8.64 -10.29 33.11
CA TYR E 166 9.76 -9.54 32.55
C TYR E 166 10.46 -8.75 33.64
N ASN E 167 11.79 -8.81 33.62
CA ASN E 167 12.67 -8.06 34.51
C ASN E 167 13.09 -6.77 33.84
N LEU E 168 12.72 -5.63 34.43
CA LEU E 168 12.92 -4.32 33.82
C LEU E 168 14.14 -3.60 34.40
N SER E 169 15.14 -4.36 34.84
CA SER E 169 16.35 -3.76 35.40
C SER E 169 17.18 -3.09 34.31
N HIS E 170 17.82 -1.98 34.68
CA HIS E 170 18.64 -1.22 33.74
C HIS E 170 20.10 -1.62 33.87
N HIS E 179 21.64 5.85 31.94
CA HIS E 179 21.95 5.49 30.57
C HIS E 179 20.89 4.56 29.99
N CYS E 180 20.79 4.54 28.66
CA CYS E 180 19.73 3.80 27.99
C CYS E 180 20.29 2.84 26.95
N GLY E 181 19.42 2.27 26.14
CA GLY E 181 19.79 1.19 25.25
C GLY E 181 19.64 -0.15 25.94
N THR E 182 18.60 -0.27 26.76
CA THR E 182 18.38 -1.42 27.61
C THR E 182 17.13 -2.16 27.15
N VAL E 183 17.07 -3.46 27.46
CA VAL E 183 15.89 -4.25 27.12
C VAL E 183 14.64 -3.69 27.77
N ALA E 184 14.79 -3.04 28.94
CA ALA E 184 13.64 -2.40 29.57
C ALA E 184 13.03 -1.34 28.67
N ASN E 185 13.86 -0.58 27.96
CA ASN E 185 13.34 0.45 27.05
C ASN E 185 12.42 -0.17 26.03
N GLY E 186 12.89 -1.17 25.29
CA GLY E 186 12.08 -1.79 24.26
C GLY E 186 10.88 -2.53 24.80
N VAL E 187 11.01 -3.10 25.99
CA VAL E 187 9.89 -3.85 26.58
C VAL E 187 8.77 -2.90 27.00
N LEU E 188 9.12 -1.76 27.60
CA LEU E 188 8.10 -0.73 27.84
C LEU E 188 7.53 -0.19 26.53
N GLN E 189 8.38 -0.04 25.50
CA GLN E 189 7.90 0.38 24.20
C GLN E 189 6.81 -0.54 23.69
N THR E 190 7.06 -1.86 23.70
CA THR E 190 6.04 -2.80 23.22
C THR E 190 4.84 -2.88 24.16
N PHE E 191 5.03 -2.62 25.46
CA PHE E 191 3.89 -2.51 26.36
C PHE E 191 2.95 -1.40 25.91
N MET E 192 3.48 -0.22 25.68
CA MET E 192 2.61 0.88 25.27
C MET E 192 2.25 0.81 23.78
N ARG E 193 2.93 -0.05 23.01
CA ARG E 193 2.38 -0.51 21.74
C ARG E 193 1.09 -1.30 21.94
N MET E 194 1.05 -2.15 22.96
CA MET E 194 -0.11 -3.00 23.16
C MET E 194 -1.21 -2.30 23.96
N ALA E 195 -0.92 -1.92 25.20
CA ALA E 195 -1.95 -1.41 26.09
C ALA E 195 -2.36 0.01 25.72
N TRP E 196 -1.42 0.82 25.26
CA TRP E 196 -1.63 2.24 24.98
C TRP E 196 -2.09 2.99 26.23
N GLY E 197 -1.61 2.57 27.40
CA GLY E 197 -1.92 3.25 28.63
C GLY E 197 -0.69 3.66 29.43
N GLY E 198 -0.48 4.96 29.59
CA GLY E 198 0.67 5.47 30.31
C GLY E 198 0.74 6.99 30.33
N ARG E 207 11.10 9.50 34.54
CA ARG E 207 11.16 10.55 33.54
C ARG E 207 12.14 10.18 32.43
N GLY E 208 11.59 9.81 31.27
CA GLY E 208 12.38 9.33 30.16
C GLY E 208 12.24 10.23 28.94
N ASN E 209 13.33 10.35 28.18
CA ASN E 209 13.37 11.21 27.00
C ASN E 209 14.13 10.48 25.89
N TRP E 210 14.23 11.16 24.74
CA TRP E 210 14.96 10.68 23.55
C TRP E 210 14.71 9.19 23.29
N ASP E 211 13.42 8.84 23.20
CA ASP E 211 12.99 7.47 22.90
C ASP E 211 13.53 6.47 23.93
N CYS E 212 13.73 6.93 25.16
CA CYS E 212 14.07 6.07 26.28
C CYS E 212 13.07 6.33 27.39
N ILE E 213 12.52 5.27 27.97
CA ILE E 213 11.47 5.38 28.98
C ILE E 213 11.86 4.52 30.17
N MET E 214 11.73 5.08 31.37
CA MET E 214 12.04 4.40 32.61
C MET E 214 10.83 4.43 33.53
N THR E 215 10.64 3.36 34.29
CA THR E 215 9.58 3.28 35.27
C THR E 215 10.14 2.76 36.59
N SER E 216 9.54 3.21 37.69
CA SER E 216 9.96 2.75 39.01
C SER E 216 9.65 1.27 39.22
N TYR E 217 8.70 0.71 38.48
CA TYR E 217 8.36 -0.70 38.63
C TYR E 217 9.49 -1.58 38.14
N GLN E 218 9.94 -2.51 39.00
CA GLN E 218 11.04 -3.40 38.64
C GLN E 218 10.61 -4.52 37.70
N TYR E 219 9.37 -5.00 37.81
CA TYR E 219 8.94 -6.19 37.11
C TYR E 219 7.63 -5.93 36.39
N LEU E 220 7.30 -6.85 35.47
CA LEU E 220 5.96 -6.90 34.90
C LEU E 220 5.51 -8.35 34.79
N ILE E 221 4.21 -8.55 34.98
CA ILE E 221 3.59 -9.87 35.06
C ILE E 221 2.49 -9.94 34.01
N ILE E 222 2.46 -11.03 33.26
CA ILE E 222 1.36 -11.39 32.38
C ILE E 222 0.83 -12.73 32.86
N GLN E 223 -0.48 -12.79 33.11
CA GLN E 223 -0.98 -14.08 33.61
C GLN E 223 -2.46 -14.27 33.31
N ASN E 224 -2.88 -15.53 33.32
CA ASN E 224 -4.24 -15.86 32.90
C ASN E 224 -5.26 -15.40 33.95
N THR E 225 -6.45 -15.06 33.47
CA THR E 225 -7.54 -14.61 34.34
C THR E 225 -8.86 -14.77 33.60
N THR E 226 -9.94 -14.75 34.37
CA THR E 226 -11.28 -14.77 33.80
C THR E 226 -11.69 -13.37 33.32
N TRP E 227 -12.92 -13.24 32.86
CA TRP E 227 -13.41 -11.99 32.27
C TRP E 227 -14.35 -11.29 33.24
N GLU E 228 -14.11 -10.00 33.46
CA GLU E 228 -15.04 -9.12 34.17
C GLU E 228 -14.98 -7.76 33.50
N ASP E 229 -15.59 -6.76 34.14
CA ASP E 229 -15.57 -5.38 33.65
C ASP E 229 -14.58 -4.50 34.41
N HIS E 230 -13.45 -5.08 34.82
CA HIS E 230 -12.53 -4.43 35.76
C HIS E 230 -11.45 -3.60 35.07
N CYS E 231 -11.83 -2.72 34.16
CA CYS E 231 -10.88 -1.82 33.52
C CYS E 231 -11.50 -0.42 33.38
N GLN E 232 -11.97 0.12 34.51
CA GLN E 232 -12.59 1.45 34.55
C GLN E 232 -11.74 2.51 33.85
N PHE E 233 -10.41 2.46 34.00
CA PHE E 233 -9.56 3.52 33.48
C PHE E 233 -9.64 3.61 31.96
N SER E 234 -9.60 2.47 31.26
CA SER E 234 -9.45 2.46 29.82
C SER E 234 -10.57 1.66 29.16
N ARG E 235 -11.02 2.14 28.02
CA ARG E 235 -11.99 1.41 27.23
C ARG E 235 -11.29 0.23 26.56
N PRO E 236 -11.97 -0.90 26.38
CA PRO E 236 -11.36 -2.00 25.63
C PRO E 236 -11.23 -1.68 24.15
N SER E 237 -10.08 -2.04 23.58
CA SER E 237 -9.78 -1.77 22.18
C SER E 237 -8.88 -2.88 21.65
N PRO E 238 -9.01 -3.24 20.37
CA PRO E 238 -8.12 -4.23 19.77
C PRO E 238 -6.86 -3.68 19.11
N ILE E 239 -6.79 -2.35 18.94
CA ILE E 239 -5.77 -1.73 18.09
C ILE E 239 -4.36 -2.06 18.55
N GLY E 240 -4.15 -2.28 19.85
CA GLY E 240 -2.80 -2.59 20.31
C GLY E 240 -2.26 -3.87 19.71
N TYR E 241 -3.09 -4.91 19.63
CA TYR E 241 -2.62 -6.19 19.10
C TYR E 241 -2.48 -6.12 17.58
N LEU E 242 -3.42 -5.48 16.91
CA LEU E 242 -3.34 -5.37 15.45
C LEU E 242 -2.10 -4.58 15.03
N GLY E 243 -1.80 -3.50 15.75
CA GLY E 243 -0.58 -2.76 15.47
C GLY E 243 0.68 -3.52 15.82
N LEU E 244 0.64 -4.28 16.93
CA LEU E 244 1.79 -5.09 17.29
C LEU E 244 2.06 -6.18 16.25
N LEU E 245 1.01 -6.66 15.58
CA LEU E 245 1.20 -7.62 14.51
C LEU E 245 2.02 -7.04 13.36
N SER E 246 2.02 -5.71 13.21
CA SER E 246 2.72 -5.09 12.09
C SER E 246 4.23 -5.24 12.25
N GLN E 247 4.75 -5.01 13.45
CA GLN E 247 6.18 -4.88 13.69
C GLN E 247 6.84 -6.18 14.12
N ARG E 248 6.08 -7.28 14.18
CA ARG E 248 6.66 -8.55 14.63
C ARG E 248 7.77 -9.01 13.69
N THR E 249 8.87 -9.48 14.28
CA THR E 249 10.08 -9.95 13.63
C THR E 249 10.80 -8.86 12.86
N ARG E 250 10.35 -7.61 12.96
CA ARG E 250 10.96 -6.55 12.17
C ARG E 250 12.33 -6.16 12.70
N ASP E 251 12.47 -6.03 14.03
CA ASP E 251 13.69 -5.57 14.66
C ASP E 251 14.44 -6.68 15.38
N ILE E 252 14.47 -7.87 14.80
CA ILE E 252 15.02 -9.04 15.47
C ILE E 252 16.49 -9.18 15.09
N TYR E 253 17.29 -9.68 16.02
CA TYR E 253 18.71 -9.91 15.78
C TYR E 253 18.93 -11.32 15.26
N ILE E 254 19.98 -11.48 14.47
CA ILE E 254 20.32 -12.79 13.91
C ILE E 254 21.15 -13.55 14.94
N SER E 255 20.72 -14.76 15.27
CA SER E 255 21.44 -15.63 16.18
C SER E 255 22.05 -16.83 15.48
N ARG E 256 21.73 -17.06 14.22
CA ARG E 256 22.29 -18.15 13.44
C ARG E 256 22.35 -17.73 11.99
N ARG E 257 23.34 -18.24 11.27
CA ARG E 257 23.49 -17.88 9.86
C ARG E 257 22.37 -18.46 9.01
N LEU E 258 22.04 -19.74 9.22
CA LEU E 258 21.05 -20.39 8.38
C LEU E 258 19.64 -19.90 8.71
N LEU E 259 19.31 -19.82 10.00
CA LEU E 259 17.98 -19.47 10.48
C LEU E 259 16.94 -20.49 10.02
N GLY F 2 -7.08 33.63 -12.13
CA GLY F 2 -6.82 34.64 -13.14
C GLY F 2 -5.35 34.77 -13.49
N GLN F 3 -4.63 33.66 -13.39
CA GLN F 3 -3.20 33.61 -13.74
C GLN F 3 -2.98 32.95 -15.10
N ILE F 4 -3.88 33.20 -16.05
CA ILE F 4 -3.81 32.57 -17.36
C ILE F 4 -2.56 33.00 -18.13
N VAL F 5 -2.00 34.16 -17.80
CA VAL F 5 -0.90 34.71 -18.60
C VAL F 5 0.29 33.75 -18.60
N THR F 6 0.64 33.21 -17.44
CA THR F 6 1.77 32.28 -17.36
C THR F 6 1.51 31.01 -18.15
N PHE F 7 0.30 30.43 -18.03
CA PHE F 7 -0.02 29.19 -18.73
C PHE F 7 -0.08 29.39 -20.25
N PHE F 8 -0.54 30.55 -20.71
CA PHE F 8 -0.77 30.75 -22.13
C PHE F 8 0.49 30.56 -22.97
N GLN F 9 1.61 31.12 -22.51
CA GLN F 9 2.87 30.92 -23.23
C GLN F 9 3.28 29.45 -23.24
N GLU F 10 3.05 28.74 -22.12
CA GLU F 10 3.51 27.36 -22.01
C GLU F 10 2.82 26.45 -23.02
N VAL F 11 1.49 26.54 -23.12
CA VAL F 11 0.76 25.57 -23.95
C VAL F 11 -0.35 26.23 -24.76
N PRO F 12 -0.03 26.97 -25.82
CA PRO F 12 -1.08 27.48 -26.72
C PRO F 12 -1.32 26.59 -27.93
N HIS F 13 -0.61 25.46 -28.04
CA HIS F 13 -0.71 24.60 -29.21
C HIS F 13 -2.10 23.98 -29.36
N VAL F 14 -2.69 23.53 -28.26
CA VAL F 14 -3.93 22.75 -28.34
C VAL F 14 -5.05 23.58 -28.95
N ILE F 15 -5.86 22.92 -29.79
CA ILE F 15 -6.92 23.60 -30.53
C ILE F 15 -7.97 24.19 -29.58
N GLU F 16 -8.31 23.46 -28.52
CA GLU F 16 -9.37 23.92 -27.63
C GLU F 16 -9.00 25.25 -26.98
N GLU F 17 -7.74 25.41 -26.56
CA GLU F 17 -7.32 26.68 -25.97
C GLU F 17 -7.45 27.83 -26.97
N VAL F 18 -7.00 27.62 -28.22
CA VAL F 18 -7.06 28.69 -29.20
C VAL F 18 -8.52 29.05 -29.49
N MET F 19 -9.39 28.03 -29.55
CA MET F 19 -10.81 28.29 -29.78
C MET F 19 -11.39 29.11 -28.63
N ASN F 20 -11.03 28.75 -27.39
CA ASN F 20 -11.54 29.48 -26.23
C ASN F 20 -11.09 30.93 -26.27
N ILE F 21 -9.80 31.16 -26.56
CA ILE F 21 -9.28 32.53 -26.60
C ILE F 21 -9.98 33.33 -27.69
N VAL F 22 -10.17 32.71 -28.86
CA VAL F 22 -10.85 33.38 -29.97
C VAL F 22 -12.26 33.80 -29.54
N LEU F 23 -13.02 32.86 -28.96
CA LEU F 23 -14.37 33.16 -28.54
C LEU F 23 -14.40 34.28 -27.49
N ILE F 24 -13.46 34.24 -26.54
CA ILE F 24 -13.40 35.29 -25.53
C ILE F 24 -13.12 36.64 -26.17
N ALA F 25 -12.17 36.70 -27.10
CA ALA F 25 -11.84 37.97 -27.74
C ALA F 25 -13.01 38.49 -28.55
N LEU F 26 -13.74 37.59 -29.23
CA LEU F 26 -14.92 38.00 -29.97
C LEU F 26 -15.98 38.56 -29.04
N SER F 27 -16.21 37.89 -27.91
CA SER F 27 -17.23 38.35 -26.96
C SER F 27 -16.84 39.71 -26.38
N VAL F 28 -15.56 39.88 -26.02
CA VAL F 28 -15.10 41.15 -25.47
C VAL F 28 -15.26 42.27 -26.49
N LEU F 29 -14.88 42.01 -27.75
CA LEU F 29 -15.02 43.03 -28.77
C LEU F 29 -16.48 43.37 -29.00
N ALA F 30 -17.37 42.37 -28.98
CA ALA F 30 -18.78 42.63 -29.20
C ALA F 30 -19.40 43.43 -28.05
N VAL F 31 -19.06 43.07 -26.81
CA VAL F 31 -19.60 43.82 -25.67
C VAL F 31 -19.08 45.26 -25.68
N LEU F 32 -17.79 45.46 -25.98
CA LEU F 32 -17.26 46.81 -26.04
C LEU F 32 -17.92 47.62 -27.17
N LYS F 33 -18.17 46.98 -28.31
CA LYS F 33 -18.91 47.65 -29.38
C LYS F 33 -20.30 48.03 -28.94
N GLY F 34 -21.00 47.13 -28.24
CA GLY F 34 -22.32 47.47 -27.71
C GLY F 34 -22.27 48.58 -26.69
N LEU F 35 -21.22 48.60 -25.85
CA LEU F 35 -21.06 49.63 -24.85
C LEU F 35 -20.90 51.01 -25.48
N THR F 59 21.23 27.79 -19.91
CA THR F 59 21.87 26.48 -19.99
C THR F 59 20.88 25.42 -20.45
N SER F 60 20.09 24.90 -19.52
CA SER F 60 19.09 23.88 -19.79
C SER F 60 17.72 24.52 -19.62
N LEU F 61 17.17 25.04 -20.72
CA LEU F 61 15.89 25.72 -20.73
C LEU F 61 14.88 24.86 -21.49
N TYR F 62 13.75 24.57 -20.85
CA TYR F 62 12.68 23.78 -21.44
C TYR F 62 11.41 24.62 -21.54
N LYS F 63 10.62 24.32 -22.57
CA LYS F 63 9.53 25.18 -23.02
C LYS F 63 10.08 26.57 -23.26
N GLY F 64 9.62 27.57 -22.50
CA GLY F 64 10.15 28.91 -22.63
C GLY F 64 10.79 29.41 -21.35
N VAL F 65 10.32 28.90 -20.21
CA VAL F 65 10.76 29.39 -18.91
C VAL F 65 11.23 28.27 -17.98
N TYR F 66 10.78 27.03 -18.16
CA TYR F 66 11.17 25.96 -17.26
C TYR F 66 12.64 25.62 -17.42
N GLU F 67 13.33 25.43 -16.29
CA GLU F 67 14.76 25.21 -16.28
C GLU F 67 15.08 23.93 -15.53
N LEU F 68 16.10 23.21 -16.01
CA LEU F 68 16.54 21.97 -15.36
C LEU F 68 17.53 22.30 -14.25
N GLN F 69 16.99 22.88 -13.17
CA GLN F 69 17.77 23.08 -11.96
C GLN F 69 17.79 21.78 -11.17
N THR F 70 18.97 21.40 -10.69
CA THR F 70 19.17 20.09 -10.07
C THR F 70 19.51 20.25 -8.59
N LEU F 71 19.31 19.16 -7.85
CA LEU F 71 19.56 19.10 -6.43
C LEU F 71 20.65 18.09 -6.12
N GLU F 72 21.54 18.44 -5.20
CA GLU F 72 22.55 17.52 -4.67
C GLU F 72 22.33 17.50 -3.16
N LEU F 73 21.51 16.56 -2.70
CA LEU F 73 21.12 16.51 -1.30
C LEU F 73 22.32 16.18 -0.42
N ASN F 74 22.65 17.07 0.51
CA ASN F 74 23.68 16.80 1.50
C ASN F 74 23.09 15.82 2.51
N MET F 75 23.42 14.55 2.37
CA MET F 75 22.80 13.53 3.21
C MET F 75 23.49 13.40 4.56
N GLU F 76 24.55 14.19 4.79
CA GLU F 76 25.17 14.24 6.10
C GLU F 76 24.21 14.84 7.13
N THR F 77 23.19 15.56 6.67
CA THR F 77 22.18 16.08 7.58
C THR F 77 21.37 14.97 8.22
N LEU F 78 21.45 13.74 7.71
CA LEU F 78 20.78 12.61 8.30
C LEU F 78 21.74 11.72 9.09
N ASN F 79 22.90 12.26 9.47
CA ASN F 79 23.87 11.47 10.22
C ASN F 79 23.38 11.10 11.61
N MET F 80 22.42 11.85 12.16
CA MET F 80 21.97 11.63 13.53
C MET F 80 20.88 10.59 13.66
N THR F 81 20.32 10.11 12.54
CA THR F 81 19.25 9.12 12.60
C THR F 81 19.42 7.95 11.64
N MET F 82 20.18 8.12 10.55
CA MET F 82 20.19 7.12 9.50
C MET F 82 21.62 6.82 9.07
N PRO F 83 21.93 5.55 8.79
CA PRO F 83 23.25 5.20 8.23
C PRO F 83 23.33 5.52 6.75
N LEU F 84 24.49 6.05 6.34
CA LEU F 84 24.69 6.54 5.00
C LEU F 84 25.75 5.70 4.29
N SER F 85 25.51 5.38 3.01
CA SER F 85 26.37 4.51 2.23
C SER F 85 27.11 5.33 1.18
N CYS F 86 28.43 5.22 1.15
CA CYS F 86 29.21 5.86 0.09
C CYS F 86 30.54 5.16 -0.07
N THR F 87 31.14 5.30 -1.25
CA THR F 87 32.33 4.54 -1.59
C THR F 87 33.39 5.43 -2.21
N LYS F 88 34.63 4.93 -2.19
CA LYS F 88 35.83 5.71 -2.48
C LYS F 88 36.41 5.43 -3.87
N ASN F 89 36.64 4.16 -4.21
CA ASN F 89 37.29 3.83 -5.47
C ASN F 89 36.64 2.63 -6.15
N ASN F 90 35.34 2.45 -5.98
CA ASN F 90 34.53 1.36 -6.54
C ASN F 90 34.86 0.01 -5.90
N SER F 91 35.83 -0.04 -4.99
CA SER F 91 36.14 -1.25 -4.25
C SER F 91 36.09 -1.08 -2.74
N HIS F 92 36.18 0.15 -2.24
CA HIS F 92 36.05 0.45 -0.82
C HIS F 92 34.71 1.14 -0.61
N HIS F 93 33.71 0.37 -0.17
CA HIS F 93 32.38 0.84 0.11
C HIS F 93 32.30 1.13 1.61
N TYR F 94 31.36 1.97 2.01
CA TYR F 94 31.30 2.34 3.40
C TYR F 94 29.87 2.54 3.85
N ILE F 95 29.64 2.30 5.14
CA ILE F 95 28.39 2.65 5.80
C ILE F 95 28.72 3.38 7.10
N MET F 96 28.28 4.62 7.21
CA MET F 96 28.57 5.46 8.38
C MET F 96 27.28 5.65 9.18
N VAL F 97 27.33 5.33 10.46
CA VAL F 97 26.19 5.53 11.35
C VAL F 97 26.62 6.52 12.43
N GLY F 98 25.88 7.62 12.55
CA GLY F 98 26.33 8.70 13.41
C GLY F 98 27.51 9.41 12.77
N ASN F 99 28.16 10.24 13.59
CA ASN F 99 29.37 10.93 13.16
C ASN F 99 30.62 10.38 13.85
N GLU F 100 30.50 9.20 14.45
CA GLU F 100 31.60 8.61 15.21
C GLU F 100 32.01 7.22 14.72
N THR F 101 31.10 6.44 14.15
CA THR F 101 31.39 5.06 13.77
C THR F 101 30.91 4.76 12.36
N GLY F 102 31.63 3.85 11.70
CA GLY F 102 31.27 3.38 10.38
C GLY F 102 31.91 2.04 10.11
N LEU F 103 31.65 1.51 8.92
CA LEU F 103 32.15 0.21 8.52
C LEU F 103 32.72 0.24 7.10
N GLU F 104 33.80 -0.53 6.94
CA GLU F 104 34.46 -0.84 5.70
C GLU F 104 33.69 -1.97 5.01
N LEU F 105 33.61 -1.89 3.68
CA LEU F 105 33.10 -2.94 2.79
C LEU F 105 34.10 -3.05 1.64
N THR F 106 35.10 -3.91 1.78
CA THR F 106 36.22 -3.97 0.85
C THR F 106 36.17 -5.28 0.07
N LEU F 107 36.14 -5.17 -1.27
CA LEU F 107 36.27 -6.32 -2.15
C LEU F 107 37.75 -6.54 -2.42
N THR F 108 38.29 -7.65 -1.90
CA THR F 108 39.74 -7.85 -1.98
C THR F 108 40.04 -9.34 -2.03
N ASN F 109 41.28 -9.65 -2.41
CA ASN F 109 41.77 -11.02 -2.44
C ASN F 109 42.40 -11.45 -1.11
N THR F 110 42.42 -10.57 -0.12
CA THR F 110 43.07 -10.83 1.16
C THR F 110 42.02 -11.05 2.24
N SER F 111 42.21 -12.08 3.05
CA SER F 111 41.28 -12.42 4.13
C SER F 111 41.88 -12.00 5.47
N ILE F 112 41.13 -11.19 6.22
CA ILE F 112 41.54 -10.84 7.58
C ILE F 112 41.14 -11.90 8.60
N ILE F 113 40.27 -12.83 8.22
CA ILE F 113 39.71 -13.82 9.12
C ILE F 113 39.95 -15.20 8.50
N ASN F 114 40.41 -16.14 9.32
CA ASN F 114 40.70 -17.50 8.86
C ASN F 114 39.97 -18.56 9.66
N HIS F 115 38.85 -18.20 10.30
CA HIS F 115 38.04 -19.13 11.06
C HIS F 115 36.59 -19.00 10.63
N LYS F 116 35.91 -20.14 10.50
CA LYS F 116 34.53 -20.20 10.03
C LYS F 116 33.55 -20.20 11.20
N PHE F 117 33.54 -19.07 11.91
CA PHE F 117 32.62 -18.87 13.02
C PHE F 117 31.87 -17.55 12.84
N CYS F 118 30.72 -17.45 13.52
CA CYS F 118 30.00 -16.19 13.68
C CYS F 118 29.37 -16.22 15.08
N ASN F 119 30.07 -15.62 16.04
CA ASN F 119 29.71 -15.71 17.46
C ASN F 119 28.63 -14.68 17.77
N LEU F 120 27.44 -14.92 17.21
CA LEU F 120 26.37 -13.94 17.39
C LEU F 120 25.77 -14.00 18.79
N SER F 121 25.54 -15.22 19.30
CA SER F 121 24.94 -15.35 20.62
C SER F 121 25.92 -14.96 21.72
N ASP F 122 27.22 -15.08 21.45
CA ASP F 122 28.23 -14.56 22.38
C ASP F 122 28.20 -13.04 22.38
N ALA F 123 28.02 -12.43 21.21
CA ALA F 123 27.91 -10.98 21.12
C ALA F 123 26.70 -10.49 21.89
N HIS F 124 25.57 -11.18 21.76
CA HIS F 124 24.37 -10.79 22.51
C HIS F 124 24.53 -11.03 24.00
N LYS F 125 25.27 -12.08 24.40
CA LYS F 125 25.52 -12.29 25.82
C LYS F 125 26.26 -11.11 26.44
N LYS F 126 27.35 -10.69 25.82
CA LYS F 126 28.14 -9.55 26.32
C LYS F 126 27.75 -8.33 25.51
N ASN F 127 26.74 -7.60 25.99
CA ASN F 127 26.21 -6.45 25.27
C ASN F 127 27.16 -5.26 25.44
N LEU F 128 28.31 -5.36 24.79
CA LEU F 128 29.32 -4.31 24.80
C LEU F 128 29.52 -3.70 23.41
N TYR F 129 28.65 -4.02 22.46
CA TYR F 129 28.76 -3.55 21.09
C TYR F 129 27.77 -2.42 20.84
N ASP F 130 27.87 -1.84 19.64
CA ASP F 130 26.96 -0.78 19.21
C ASP F 130 25.75 -1.41 18.53
N HIS F 131 24.56 -1.08 19.03
CA HIS F 131 23.34 -1.72 18.54
C HIS F 131 23.10 -1.40 17.06
N ALA F 132 23.45 -0.20 16.63
CA ALA F 132 23.23 0.19 15.23
C ALA F 132 23.99 -0.73 14.28
N LEU F 133 25.27 -1.00 14.58
CA LEU F 133 26.08 -1.82 13.68
C LEU F 133 25.56 -3.25 13.63
N MET F 134 25.17 -3.81 14.78
CA MET F 134 24.64 -5.16 14.79
C MET F 134 23.32 -5.24 14.03
N SER F 135 22.48 -4.21 14.14
CA SER F 135 21.25 -4.20 13.35
C SER F 135 21.56 -4.09 11.85
N ILE F 136 22.58 -3.31 11.50
CA ILE F 136 23.01 -3.20 10.11
C ILE F 136 23.39 -4.58 9.57
N ILE F 137 24.25 -5.29 10.28
CA ILE F 137 24.71 -6.58 9.78
C ILE F 137 23.60 -7.63 9.84
N SER F 138 22.68 -7.51 10.80
CA SER F 138 21.54 -8.43 10.85
C SER F 138 20.66 -8.26 9.61
N THR F 139 20.35 -7.00 9.27
CA THR F 139 19.60 -6.73 8.06
C THR F 139 20.36 -7.23 6.83
N PHE F 140 21.68 -7.03 6.80
CA PHE F 140 22.47 -7.50 5.67
C PHE F 140 22.39 -9.01 5.51
N HIS F 141 22.48 -9.75 6.62
CA HIS F 141 22.46 -11.20 6.54
C HIS F 141 21.06 -11.77 6.33
N LEU F 142 20.01 -11.02 6.65
CA LEU F 142 18.67 -11.54 6.47
C LEU F 142 18.10 -11.18 5.09
N SER F 143 18.84 -10.44 4.29
CA SER F 143 18.46 -10.08 2.93
C SER F 143 19.22 -10.85 1.86
N ILE F 144 20.01 -11.86 2.23
CA ILE F 144 20.80 -12.59 1.25
C ILE F 144 19.90 -13.60 0.56
N PRO F 145 19.62 -13.44 -0.73
CA PRO F 145 18.62 -14.29 -1.39
C PRO F 145 19.04 -15.76 -1.41
N ASN F 146 18.15 -16.61 -0.88
CA ASN F 146 18.32 -18.06 -0.92
C ASN F 146 19.66 -18.51 -0.33
N PHE F 147 20.10 -17.83 0.73
CA PHE F 147 21.34 -18.21 1.39
C PHE F 147 21.20 -19.62 1.95
N ASN F 148 22.13 -20.51 1.57
CA ASN F 148 22.10 -21.88 2.04
C ASN F 148 23.45 -22.45 2.48
N GLN F 149 24.56 -21.77 2.22
CA GLN F 149 25.89 -22.26 2.57
C GLN F 149 26.46 -21.37 3.66
N TYR F 150 26.50 -21.89 4.88
CA TYR F 150 26.98 -21.15 6.03
C TYR F 150 28.49 -21.23 6.22
N GLU F 151 29.18 -22.04 5.42
CA GLU F 151 30.63 -22.12 5.52
C GLU F 151 31.31 -20.81 5.12
N ALA F 152 30.65 -20.01 4.27
CA ALA F 152 31.31 -18.84 3.69
C ALA F 152 31.49 -17.74 4.73
N MET F 153 30.47 -17.49 5.54
CA MET F 153 30.46 -16.31 6.41
C MET F 153 31.35 -16.52 7.62
N SER F 154 32.12 -15.50 7.97
CA SER F 154 32.98 -15.53 9.14
C SER F 154 32.84 -14.22 9.89
N CYS F 155 32.88 -14.28 11.22
CA CYS F 155 32.61 -13.09 12.02
C CYS F 155 33.63 -12.95 13.13
N ASP F 156 33.86 -11.72 13.54
CA ASP F 156 34.66 -11.37 14.71
C ASP F 156 33.97 -10.21 15.42
N PHE F 157 33.72 -10.37 16.72
CA PHE F 157 33.04 -9.36 17.51
C PHE F 157 33.76 -9.01 18.81
N ASN F 158 35.00 -9.45 18.99
CA ASN F 158 35.72 -9.21 20.24
C ASN F 158 35.84 -7.72 20.51
N GLY F 159 35.45 -7.30 21.72
CA GLY F 159 35.58 -5.93 22.14
C GLY F 159 34.53 -4.98 21.63
N GLY F 160 33.52 -5.48 20.91
CA GLY F 160 32.54 -4.64 20.26
C GLY F 160 32.84 -4.33 18.81
N LYS F 161 33.99 -4.75 18.31
CA LYS F 161 34.33 -4.57 16.91
C LYS F 161 33.39 -5.39 16.03
N ILE F 162 33.01 -4.81 14.89
CA ILE F 162 32.15 -5.49 13.92
C ILE F 162 33.04 -5.92 12.76
N SER F 163 33.27 -7.22 12.64
CA SER F 163 34.00 -7.77 11.49
C SER F 163 33.22 -8.92 10.90
N VAL F 164 32.94 -8.86 9.60
CA VAL F 164 32.30 -9.94 8.86
C VAL F 164 33.02 -10.11 7.54
N GLN F 165 33.54 -11.32 7.29
CA GLN F 165 34.14 -11.63 6.01
C GLN F 165 33.28 -12.63 5.25
N TYR F 166 33.31 -12.53 3.93
CA TYR F 166 32.59 -13.42 3.03
C TYR F 166 33.52 -13.98 1.98
N ASN F 167 33.40 -15.29 1.76
CA ASN F 167 34.14 -16.03 0.74
C ASN F 167 33.28 -16.13 -0.52
N LEU F 168 33.75 -15.55 -1.61
CA LEU F 168 32.99 -15.43 -2.85
C LEU F 168 33.39 -16.48 -3.88
N SER F 169 33.83 -17.66 -3.42
CA SER F 169 34.22 -18.73 -4.32
C SER F 169 33.01 -19.34 -5.01
N HIS F 170 33.19 -19.73 -6.26
CA HIS F 170 32.11 -20.33 -7.05
C HIS F 170 32.16 -21.85 -6.99
N HIS F 179 29.27 -21.61 -14.29
CA HIS F 179 27.92 -21.92 -13.83
C HIS F 179 27.54 -21.06 -12.63
N CYS F 180 26.24 -20.90 -12.42
CA CYS F 180 25.74 -19.99 -11.39
C CYS F 180 24.78 -20.69 -10.44
N GLY F 181 24.10 -19.91 -9.60
CA GLY F 181 23.33 -20.47 -8.52
C GLY F 181 24.18 -20.65 -7.28
N THR F 182 25.08 -19.71 -7.05
CA THR F 182 26.08 -19.79 -6.00
C THR F 182 25.80 -18.70 -4.97
N VAL F 183 26.26 -18.95 -3.74
CA VAL F 183 26.12 -17.96 -2.67
C VAL F 183 26.79 -16.65 -3.04
N ALA F 184 27.86 -16.71 -3.85
CA ALA F 184 28.52 -15.49 -4.31
C ALA F 184 27.54 -14.62 -5.10
N ASN F 185 26.69 -15.22 -5.91
CA ASN F 185 25.71 -14.46 -6.68
C ASN F 185 24.83 -13.62 -5.75
N GLY F 186 24.19 -14.28 -4.78
CA GLY F 186 23.29 -13.57 -3.89
C GLY F 186 24.02 -12.59 -2.98
N VAL F 187 25.25 -12.89 -2.61
CA VAL F 187 26.00 -12.00 -1.73
C VAL F 187 26.41 -10.73 -2.47
N LEU F 188 26.83 -10.84 -3.72
CA LEU F 188 27.03 -9.63 -4.54
C LEU F 188 25.72 -8.89 -4.77
N GLN F 189 24.63 -9.64 -4.96
CA GLN F 189 23.31 -9.01 -5.10
C GLN F 189 23.01 -8.12 -3.90
N THR F 190 23.15 -8.65 -2.69
CA THR F 190 22.86 -7.83 -1.51
C THR F 190 23.90 -6.74 -1.29
N PHE F 191 25.14 -6.94 -1.75
CA PHE F 191 26.11 -5.85 -1.74
C PHE F 191 25.61 -4.67 -2.54
N MET F 192 25.20 -4.90 -3.79
CA MET F 192 24.73 -3.80 -4.61
C MET F 192 23.30 -3.39 -4.28
N ARG F 193 22.59 -4.19 -3.49
CA ARG F 193 21.42 -3.69 -2.76
C ARG F 193 21.81 -2.63 -1.75
N MET F 194 22.92 -2.82 -1.05
CA MET F 194 23.31 -1.88 0.00
C MET F 194 24.11 -0.70 -0.57
N ALA F 195 25.27 -0.97 -1.14
CA ALA F 195 26.18 0.10 -1.54
C ALA F 195 25.67 0.83 -2.78
N TRP F 196 25.05 0.11 -3.72
CA TRP F 196 24.63 0.65 -5.01
C TRP F 196 25.82 1.19 -5.80
N GLY F 197 26.98 0.57 -5.64
CA GLY F 197 28.15 0.96 -6.40
C GLY F 197 28.79 -0.20 -7.15
N GLY F 198 28.78 -0.12 -8.48
CA GLY F 198 29.34 -1.17 -9.30
C GLY F 198 29.18 -0.91 -10.79
N ARG F 207 32.25 -10.67 -15.96
CA ARG F 207 31.12 -10.45 -16.85
C ARG F 207 29.99 -11.42 -16.56
N GLY F 208 28.93 -10.92 -15.94
CA GLY F 208 27.82 -11.74 -15.49
C GLY F 208 26.52 -11.33 -16.17
N ASN F 209 25.66 -12.32 -16.42
CA ASN F 209 24.40 -12.13 -17.10
C ASN F 209 23.32 -12.96 -16.42
N TRP F 210 22.10 -12.86 -16.94
CA TRP F 210 20.92 -13.60 -16.48
C TRP F 210 20.86 -13.67 -14.95
N ASP F 211 20.91 -12.49 -14.32
CA ASP F 211 20.81 -12.35 -12.87
C ASP F 211 21.90 -13.15 -12.14
N CYS F 212 23.04 -13.31 -12.80
CA CYS F 212 24.23 -13.88 -12.18
C CYS F 212 25.38 -12.91 -12.37
N ILE F 213 26.12 -12.64 -11.29
CA ILE F 213 27.19 -11.65 -11.32
C ILE F 213 28.43 -12.27 -10.72
N MET F 214 29.57 -12.08 -11.40
CA MET F 214 30.85 -12.61 -10.96
C MET F 214 31.85 -11.46 -10.85
N THR F 215 32.75 -11.56 -9.87
CA THR F 215 33.82 -10.59 -9.71
C THR F 215 35.13 -11.32 -9.48
N SER F 216 36.22 -10.70 -9.95
CA SER F 216 37.54 -11.27 -9.76
C SER F 216 37.95 -11.30 -8.28
N TYR F 217 37.35 -10.46 -7.44
CA TYR F 217 37.70 -10.44 -6.03
C TYR F 217 37.23 -11.72 -5.35
N GLN F 218 38.14 -12.39 -4.65
CA GLN F 218 37.81 -13.64 -3.98
C GLN F 218 37.04 -13.43 -2.69
N TYR F 219 37.31 -12.33 -1.98
CA TYR F 219 36.79 -12.13 -0.63
C TYR F 219 36.14 -10.76 -0.51
N LEU F 220 35.36 -10.59 0.57
CA LEU F 220 34.91 -9.27 0.97
C LEU F 220 34.99 -9.14 2.48
N ILE F 221 35.31 -7.92 2.93
CA ILE F 221 35.61 -7.61 4.32
C ILE F 221 34.66 -6.50 4.76
N ILE F 222 34.05 -6.67 5.92
CA ILE F 222 33.30 -5.63 6.61
C ILE F 222 33.97 -5.43 7.95
N GLN F 223 34.33 -4.19 8.26
CA GLN F 223 35.02 -4.00 9.55
C GLN F 223 34.85 -2.59 10.08
N ASN F 224 35.06 -2.44 11.39
CA ASN F 224 34.78 -1.17 12.06
C ASN F 224 35.84 -0.14 11.69
N THR F 225 35.42 1.13 11.66
CA THR F 225 36.32 2.23 11.35
C THR F 225 35.71 3.52 11.88
N THR F 226 36.55 4.55 11.98
CA THR F 226 36.09 5.88 12.35
C THR F 226 35.49 6.60 11.15
N TRP F 227 35.12 7.86 11.34
CA TRP F 227 34.43 8.64 10.31
C TRP F 227 35.38 9.66 9.70
N GLU F 228 35.43 9.69 8.37
CA GLU F 228 36.11 10.75 7.63
C GLU F 228 35.27 11.02 6.38
N ASP F 229 35.83 11.81 5.45
CA ASP F 229 35.19 12.12 4.18
C ASP F 229 35.76 11.30 3.02
N HIS F 230 36.16 10.05 3.28
CA HIS F 230 36.94 9.24 2.35
C HIS F 230 36.07 8.41 1.41
N CYS F 231 35.10 9.03 0.75
CA CYS F 231 34.28 8.33 -0.25
C CYS F 231 34.03 9.25 -1.45
N GLN F 232 35.13 9.76 -2.02
CA GLN F 232 35.06 10.64 -3.19
C GLN F 232 34.18 10.09 -4.30
N PHE F 233 34.23 8.78 -4.55
CA PHE F 233 33.51 8.21 -5.69
C PHE F 233 32.00 8.39 -5.55
N SER F 234 31.45 8.13 -4.37
CA SER F 234 30.01 8.06 -4.20
C SER F 234 29.54 9.00 -3.10
N ARG F 235 28.38 9.61 -3.33
CA ARG F 235 27.76 10.45 -2.32
C ARG F 235 27.17 9.54 -1.23
N PRO F 236 27.19 9.96 0.03
CA PRO F 236 26.53 9.16 1.07
C PRO F 236 25.02 9.19 0.92
N SER F 237 24.40 8.01 1.09
CA SER F 237 22.97 7.85 0.96
C SER F 237 22.50 6.76 1.92
N PRO F 238 21.28 6.88 2.46
CA PRO F 238 20.72 5.82 3.31
C PRO F 238 19.91 4.77 2.58
N ILE F 239 19.59 4.98 1.31
CA ILE F 239 18.59 4.17 0.61
C ILE F 239 18.97 2.69 0.57
N GLY F 240 20.27 2.38 0.58
CA GLY F 240 20.65 0.97 0.53
C GLY F 240 20.17 0.19 1.74
N TYR F 241 20.27 0.78 2.93
CA TYR F 241 19.86 0.08 4.13
C TYR F 241 18.34 0.03 4.25
N LEU F 242 17.67 1.13 3.91
CA LEU F 242 16.21 1.15 3.97
C LEU F 242 15.60 0.13 3.00
N GLY F 243 16.17 0.03 1.80
CA GLY F 243 15.71 -0.98 0.86
C GLY F 243 16.05 -2.39 1.30
N LEU F 244 17.24 -2.57 1.87
CA LEU F 244 17.60 -3.89 2.39
C LEU F 244 16.67 -4.34 3.52
N LEU F 245 16.15 -3.38 4.29
CA LEU F 245 15.18 -3.72 5.33
C LEU F 245 13.91 -4.33 4.74
N SER F 246 13.61 -4.03 3.47
CA SER F 246 12.38 -4.53 2.87
C SER F 246 12.43 -6.04 2.68
N GLN F 247 13.55 -6.56 2.19
CA GLN F 247 13.66 -7.93 1.72
C GLN F 247 14.19 -8.88 2.79
N ARG F 248 14.43 -8.39 4.01
CA ARG F 248 14.97 -9.25 5.06
C ARG F 248 14.01 -10.38 5.40
N THR F 249 14.57 -11.58 5.55
CA THR F 249 13.88 -12.84 5.84
C THR F 249 12.92 -13.27 4.72
N ARG F 250 12.92 -12.56 3.59
CA ARG F 250 11.96 -12.89 2.53
C ARG F 250 12.35 -14.16 1.81
N ASP F 251 13.63 -14.34 1.49
CA ASP F 251 14.11 -15.46 0.69
C ASP F 251 14.89 -16.47 1.52
N ILE F 252 14.45 -16.72 2.74
CA ILE F 252 15.21 -17.55 3.67
C ILE F 252 14.73 -18.99 3.55
N TYR F 253 15.65 -19.93 3.74
CA TYR F 253 15.33 -21.35 3.70
C TYR F 253 14.96 -21.84 5.08
N ILE F 254 14.10 -22.86 5.12
CA ILE F 254 13.68 -23.45 6.38
C ILE F 254 14.71 -24.49 6.82
N SER F 255 15.22 -24.33 8.04
CA SER F 255 16.16 -25.28 8.61
C SER F 255 15.57 -26.11 9.73
N ARG F 256 14.37 -25.78 10.20
CA ARG F 256 13.68 -26.53 11.23
C ARG F 256 12.19 -26.41 11.00
N ARG F 257 11.46 -27.46 11.39
CA ARG F 257 10.01 -27.45 11.18
C ARG F 257 9.32 -26.44 12.10
N LEU F 258 9.71 -26.40 13.38
CA LEU F 258 9.04 -25.53 14.32
C LEU F 258 9.41 -24.07 14.10
N LEU F 259 10.70 -23.80 13.93
CA LEU F 259 11.25 -22.45 13.80
C LEU F 259 10.99 -21.63 15.06
C1 NAG G . 18.09 -37.24 8.96
C2 NAG G . 18.23 -38.58 8.20
C3 NAG G . 18.30 -39.74 9.19
C4 NAG G . 19.41 -39.51 10.21
C5 NAG G . 19.20 -38.17 10.90
C6 NAG G . 20.30 -37.81 11.86
C7 NAG G . 17.26 -39.45 6.12
C8 NAG G . 16.03 -39.55 5.28
N2 NAG G . 17.14 -38.77 7.27
O3 NAG G . 18.53 -40.96 8.48
O4 NAG G . 19.40 -40.55 11.18
O5 NAG G . 19.16 -37.12 9.91
O6 NAG G . 20.36 -38.73 12.94
O7 NAG G . 18.33 -39.97 5.78
C1 NAG G . 20.56 -41.40 10.96
C2 NAG G . 20.58 -42.48 12.04
C3 NAG G . 21.76 -43.41 11.82
C4 NAG G . 21.74 -43.96 10.41
C5 NAG G . 21.67 -42.82 9.39
C6 NAG G . 21.52 -43.31 7.96
C7 NAG G . 19.63 -42.06 14.26
C8 NAG G . 19.83 -41.38 15.59
N2 NAG G . 20.61 -41.90 13.37
O3 NAG G . 21.70 -44.48 12.76
O4 NAG G . 22.93 -44.72 10.16
O5 NAG G . 20.52 -42.00 9.67
O6 NAG G . 21.63 -44.72 7.88
O7 NAG G . 18.62 -42.70 14.01
C1 NAG H . -0.41 -40.67 11.67
C2 NAG H . 0.62 -41.75 12.00
C3 NAG H . -0.06 -42.98 12.59
C4 NAG H . -0.95 -42.59 13.77
C5 NAG H . -1.92 -41.48 13.36
C6 NAG H . -2.74 -40.96 14.51
C7 NAG H . 2.71 -42.42 10.91
C8 NAG H . 3.37 -42.76 9.60
N2 NAG H . 1.42 -42.11 10.84
O3 NAG H . 0.92 -43.92 13.01
O4 NAG H . -1.69 -43.71 14.22
O5 NAG H . -1.18 -40.36 12.84
O6 NAG H . -2.27 -39.69 14.95
O7 NAG H . 3.32 -42.43 11.98
C1 NAG H . -1.25 -44.07 15.55
C2 NAG H . -2.39 -44.78 16.28
C3 NAG H . -1.93 -45.20 17.68
C4 NAG H . -0.65 -46.03 17.59
C5 NAG H . 0.42 -45.28 16.79
C6 NAG H . 1.67 -46.10 16.56
C7 NAG H . -4.52 -43.93 15.43
C8 NAG H . -5.67 -43.00 15.68
N2 NAG H . -3.56 -43.93 16.37
O3 NAG H . -2.95 -45.96 18.30
O4 NAG H . -0.15 -46.29 18.90
O5 NAG H . -0.09 -44.93 15.50
O6 NAG H . 1.60 -46.81 15.33
O7 NAG H . -4.47 -44.65 14.45
C1 NAG I . 7.60 -22.93 -22.01
C2 NAG I . 7.25 -23.94 -23.10
C3 NAG I . 8.08 -23.66 -24.35
C4 NAG I . 8.01 -22.18 -24.75
C5 NAG I . 8.22 -21.26 -23.56
C6 NAG I . 7.95 -19.81 -23.86
C7 NAG I . 6.75 -26.34 -23.11
C8 NAG I . 7.10 -27.67 -22.54
N2 NAG I . 7.45 -25.30 -22.64
O3 NAG I . 7.62 -24.49 -25.42
O4 NAG I . 9.05 -21.91 -25.69
O5 NAG I . 7.33 -21.63 -22.49
O6 NAG I . 7.20 -19.18 -22.83
O7 NAG I . 5.88 -26.20 -23.97
C1 NAG I . 8.61 -21.91 -27.05
C2 NAG I . 9.74 -21.34 -27.90
C3 NAG I . 9.40 -21.41 -29.39
C4 NAG I . 8.96 -22.82 -29.78
C5 NAG I . 7.84 -23.30 -28.86
C6 NAG I . 7.44 -24.73 -29.11
C7 NAG I . 10.90 -19.66 -26.54
C8 NAG I . 11.08 -18.20 -26.27
N2 NAG I . 10.04 -19.97 -27.52
O3 NAG I . 10.54 -21.04 -30.16
O4 NAG I . 8.48 -22.82 -31.13
O5 NAG I . 8.29 -23.24 -27.50
O6 NAG I . 6.92 -24.91 -30.43
O7 NAG I . 11.50 -20.52 -25.89
C1 XYS J . 16.16 -23.87 27.27
C2 XYS J . 16.73 -22.44 27.28
C3 XYS J . 18.16 -22.36 26.86
C4 XYS J . 19.02 -23.44 27.45
C5 XYS J . 18.37 -24.82 27.28
O1 XYS J . 16.00 -24.28 25.99
O2 XYS J . 15.93 -21.65 26.39
O3 XYS J . 18.69 -21.08 27.29
O4 XYS J . 20.29 -23.45 26.80
O5 XYS J . 17.07 -24.81 27.97
C1 BDP J . 18.82 -20.15 26.17
C2 BDP J . 19.85 -20.68 25.18
C3 BDP J . 20.00 -19.79 24.04
C4 BDP J . 18.70 -19.49 23.38
C5 BDP J . 17.66 -19.00 24.38
C6 BDP J . 16.37 -18.86 23.69
O2 BDP J . 21.14 -20.81 25.86
O3 BDP J . 20.90 -20.48 23.03
O4 BDP J . 18.89 -18.46 22.41
O5 BDP J . 17.52 -19.91 25.50
O6A BDP J . 16.24 -18.06 22.76
O6B BDP J . 15.40 -19.56 24.05
C1 XYS J . 21.94 -19.56 22.63
C2 XYS J . 22.50 -19.99 21.28
C3 XYS J . 23.40 -21.18 21.35
C4 XYS J . 24.41 -21.09 22.45
C5 XYS J . 23.73 -20.74 23.79
O2 XYS J . 21.41 -20.30 20.40
O3 XYS J . 24.12 -21.31 20.09
O4 XYS J . 25.07 -22.35 22.58
O5 XYS J . 23.04 -19.45 23.66
C1 NAG K . 11.54 -26.06 31.10
C2 NAG K . 10.94 -26.44 32.47
C3 NAG K . 12.05 -26.81 33.45
C4 NAG K . 12.94 -27.89 32.87
C5 NAG K . 13.48 -27.44 31.51
C6 NAG K . 14.30 -28.50 30.82
C7 NAG K . 9.06 -25.56 33.78
C8 NAG K . 8.35 -24.32 34.24
N2 NAG K . 10.13 -25.35 33.00
O3 NAG K . 11.46 -27.25 34.67
O4 NAG K . 14.01 -28.17 33.75
O5 NAG K . 12.40 -27.12 30.63
O6 NAG K . 15.48 -28.82 31.56
O7 NAG K . 8.70 -26.68 34.10
C1 NAG K . 13.80 -29.47 34.36
C2 NAG K . 14.99 -29.78 35.27
C3 NAG K . 14.78 -31.13 35.96
C4 NAG K . 13.44 -31.14 36.68
C5 NAG K . 12.31 -30.76 35.72
C6 NAG K . 10.97 -30.65 36.40
C7 NAG K . 17.23 -28.90 34.76
C8 NAG K . 18.44 -29.04 33.89
N2 NAG K . 16.23 -29.77 34.52
O3 NAG K . 15.83 -31.36 36.87
O4 NAG K . 13.19 -32.45 37.20
O5 NAG K . 12.59 -29.49 35.12
O6 NAG K . 11.04 -31.05 37.77
O7 NAG K . 17.14 -28.04 35.62
C1 NAG L . 16.21 -8.91 37.88
C2 NAG L . 16.58 -10.17 38.65
C3 NAG L . 17.36 -9.80 39.92
C4 NAG L . 18.55 -8.92 39.57
C5 NAG L . 18.11 -7.72 38.75
C6 NAG L . 19.25 -6.87 38.26
C7 NAG L . 15.40 -12.29 39.02
C8 NAG L . 14.09 -12.93 39.39
N2 NAG L . 15.40 -10.94 39.00
O3 NAG L . 17.79 -10.98 40.57
O4 NAG L . 19.20 -8.47 40.76
O5 NAG L . 17.39 -8.16 37.57
O6 NAG L . 19.50 -7.08 36.88
O7 NAG L . 16.39 -12.94 38.77
C1 NAG L . 20.51 -9.06 40.83
C2 NAG L . 21.42 -8.15 41.65
C3 NAG L . 22.80 -8.77 41.79
C4 NAG L . 22.71 -10.18 42.34
C5 NAG L . 21.74 -11.01 41.49
C6 NAG L . 21.50 -12.39 42.07
C7 NAG L . 20.67 -5.83 41.38
C8 NAG L . 20.90 -4.53 40.68
N2 NAG L . 21.50 -6.82 41.07
O3 NAG L . 23.60 -7.96 42.65
O4 NAG L . 23.99 -10.80 42.32
O5 NAG L . 20.47 -10.36 41.43
O6 NAG L . 20.37 -12.40 42.93
O7 NAG L . 19.76 -5.97 42.20
C1 NAG M . -19.85 -10.90 23.42
C2 NAG M . -20.78 -10.72 24.61
C3 NAG M . -22.13 -11.41 24.33
C4 NAG M . -22.69 -10.99 22.97
C5 NAG M . -21.62 -11.07 21.88
C6 NAG M . -22.07 -10.48 20.57
C7 NAG M . -20.48 -10.75 27.04
C8 NAG M . -19.78 -11.41 28.19
N2 NAG M . -20.19 -11.24 25.83
O3 NAG M . -23.05 -11.07 25.36
O4 NAG M . -23.73 -11.88 22.61
O5 NAG M . -20.45 -10.35 22.27
O6 NAG M . -21.06 -9.68 19.98
O7 NAG M . -21.26 -9.83 27.20
C1 NAG M . -25.04 -11.38 22.89
C2 NAG M . -26.05 -12.31 22.21
C3 NAG M . -27.49 -11.91 22.54
C4 NAG M . -27.67 -11.75 24.05
C5 NAG M . -26.60 -10.83 24.62
C6 NAG M . -26.66 -10.73 26.13
C7 NAG M . -24.99 -13.16 20.16
C8 NAG M . -24.91 -13.04 18.66
N2 NAG M . -25.85 -12.33 20.77
O3 NAG M . -28.38 -12.88 22.04
O4 NAG M . -28.96 -11.21 24.32
O5 NAG M . -25.30 -11.33 24.29
O6 NAG M . -27.89 -10.18 26.57
O7 NAG M . -24.30 -13.97 20.79
C1 XYS N . 28.30 -22.38 16.13
C2 XYS N . 28.09 -22.64 14.64
C3 XYS N . 27.55 -23.99 14.31
C4 XYS N . 28.18 -25.10 15.11
C5 XYS N . 28.23 -24.74 16.60
O1 XYS N . 27.09 -22.24 16.73
O2 XYS N . 27.19 -21.64 14.14
O3 XYS N . 27.78 -24.26 12.90
O4 XYS N . 27.42 -26.30 14.93
O5 XYS N . 29.03 -23.53 16.77
C1 BDP N . 26.56 -24.12 12.12
C2 BDP N . 25.55 -25.17 12.55
C3 BDP N . 24.29 -25.07 11.81
C4 BDP N . 23.73 -23.70 11.86
C5 BDP N . 24.75 -22.64 11.47
C6 BDP N . 24.16 -21.31 11.70
O2 BDP N . 26.12 -26.51 12.33
O3 BDP N . 23.30 -26.04 12.42
O4 BDP N . 22.63 -23.61 10.96
O5 BDP N . 25.98 -22.76 12.25
O6A BDP N . 23.17 -20.96 11.07
O6B BDP N . 24.67 -20.53 12.52
C1 XYS N . 22.72 -26.83 11.37
C2 XYS N . 21.37 -27.38 11.85
C3 XYS N . 21.51 -28.53 12.81
C4 XYS N . 22.51 -29.56 12.38
C5 XYS N . 23.84 -28.90 12.00
O2 XYS N . 20.63 -26.33 12.48
O3 XYS N . 20.21 -29.16 12.95
O4 XYS N . 22.73 -30.47 13.45
O5 XYS N . 23.63 -27.93 10.91
C1 NAG O . 32.93 -18.69 18.86
C2 NAG O . 34.37 -18.25 19.17
C3 NAG O . 35.31 -19.47 19.17
C4 NAG O . 34.78 -20.54 20.11
C5 NAG O . 33.35 -20.90 19.73
C6 NAG O . 32.73 -21.89 20.68
C7 NAG O . 35.73 -16.31 18.54
C8 NAG O . 36.10 -15.36 17.43
N2 NAG O . 34.84 -17.26 18.22
O3 NAG O . 36.61 -19.06 19.56
O4 NAG O . 35.61 -21.70 20.04
O5 NAG O . 32.53 -19.72 19.77
O6 NAG O . 33.40 -23.14 20.64
O7 NAG O . 36.21 -16.21 19.66
C1 NAG O . 36.37 -21.80 21.26
C2 NAG O . 37.22 -23.07 21.19
C3 NAG O . 38.08 -23.20 22.45
C4 NAG O . 38.90 -21.94 22.66
C5 NAG O . 38.00 -20.71 22.65
C6 NAG O . 38.76 -19.40 22.72
C7 NAG O . 36.44 -25.03 19.94
C8 NAG O . 35.50 -26.21 19.93
N2 NAG O . 36.38 -24.25 21.01
O3 NAG O . 38.93 -24.33 22.33
O4 NAG O . 39.59 -22.00 23.90
O5 NAG O . 37.23 -20.66 21.43
O6 NAG O . 40.15 -19.64 22.92
O7 NAG O . 37.20 -24.80 19.01
C1 NAG P . 37.28 -19.85 0.37
C2 NAG P . 38.18 -20.53 1.42
C3 NAG P . 39.31 -21.27 0.73
C4 NAG P . 38.77 -22.22 -0.32
C5 NAG P . 37.85 -21.48 -1.29
C6 NAG P . 37.18 -22.38 -2.29
C7 NAG P . 38.88 -19.85 3.66
C8 NAG P . 39.42 -18.73 4.51
N2 NAG P . 38.69 -19.56 2.38
O3 NAG P . 40.06 -21.99 1.69
O4 NAG P . 39.85 -22.81 -1.06
O5 NAG P . 36.81 -20.82 -0.56
O6 NAG P . 35.81 -22.61 -1.97
O7 NAG P . 38.62 -20.95 4.12
C1 NAG P . 39.88 -24.23 -0.77
C2 NAG P . 40.52 -24.95 -1.95
C3 NAG P . 40.62 -26.45 -1.66
C4 NAG P . 41.34 -26.69 -0.34
C5 NAG P . 40.68 -25.89 0.78
C6 NAG P . 41.42 -25.97 2.09
C7 NAG P . 40.04 -23.71 -4.01
C8 NAG P . 39.18 -23.61 -5.23
N2 NAG P . 39.78 -24.72 -3.18
O3 NAG P . 41.32 -27.09 -2.72
O4 NAG P . 41.29 -28.08 -0.01
O5 NAG P . 40.64 -24.49 0.42
O6 NAG P . 42.37 -24.93 2.22
O7 NAG P . 40.94 -22.89 -3.79
C1 NAG Q . 26.04 15.62 11.77
C2 NAG Q . 27.27 16.50 11.62
C3 NAG Q . 27.19 17.67 12.61
C4 NAG Q . 25.83 18.38 12.50
C5 NAG Q . 24.67 17.38 12.50
C6 NAG Q . 23.34 18.02 12.20
C7 NAG Q . 29.67 16.07 11.28
C8 NAG Q . 30.82 15.18 11.62
N2 NAG Q . 28.50 15.75 11.85
O3 NAG Q . 28.24 18.59 12.34
O4 NAG Q . 25.66 19.21 13.64
O5 NAG Q . 24.89 16.37 11.50
O6 NAG Q . 22.59 17.24 11.27
O7 NAG Q . 29.77 17.02 10.52
C1 NAG Q . 25.98 20.60 13.38
C2 NAG Q . 25.50 21.41 14.59
C3 NAG Q . 25.90 22.88 14.45
C4 NAG Q . 27.38 23.01 14.14
C5 NAG Q . 27.76 22.15 12.95
C6 NAG Q . 29.25 22.15 12.66
C7 NAG Q . 23.49 20.30 15.45
C8 NAG Q . 21.98 20.32 15.52
N2 NAG Q . 24.06 21.29 14.76
O3 NAG Q . 25.58 23.56 15.65
O4 NAG Q . 27.69 24.37 13.85
O5 NAG Q . 27.38 20.79 13.20
O6 NAG Q . 29.71 23.44 12.34
O7 NAG Q . 24.14 19.42 16.00
C1 XYS R . 16.37 -33.44 13.73
C2 XYS R . 14.93 -33.21 14.20
C3 XYS R . 14.81 -32.95 15.68
C4 XYS R . 15.67 -33.86 16.51
C5 XYS R . 17.10 -33.91 15.97
O1 XYS R . 17.04 -32.26 13.76
O2 XYS R . 14.39 -32.09 13.49
O3 XYS R . 13.42 -33.17 16.07
O4 XYS R . 15.70 -33.38 17.85
O5 XYS R . 17.08 -34.43 14.60
C1 BDP R . 12.74 -31.91 16.30
C2 BDP R . 13.36 -31.18 17.48
C3 BDP R . 12.72 -29.89 17.73
C4 BDP R . 12.65 -29.04 16.52
C5 BDP R . 12.06 -29.78 15.33
C6 BDP R . 12.18 -28.94 14.13
O2 BDP R . 13.25 -32.01 18.67
O3 BDP R . 13.51 -29.17 18.80
O4 BDP R . 11.83 -27.91 16.77
O5 BDP R . 12.75 -31.06 15.09
O6A BDP R . 11.59 -27.86 14.08
O6B BDP R . 12.87 -29.32 13.17
C1 XYS R . 12.60 -28.72 19.83
C2 XYS R . 13.25 -27.55 20.58
C3 XYS R . 14.33 -27.99 21.54
C4 XYS R . 13.94 -29.16 22.38
C5 XYS R . 13.38 -30.30 21.51
O2 XYS R . 13.81 -26.64 19.64
O3 XYS R . 14.64 -26.87 22.42
O4 XYS R . 15.09 -29.63 23.08
O5 XYS R . 12.21 -29.82 20.76
C1 NAG S . -11.06 -22.42 -13.05
C2 NAG S . -10.60 -23.42 -11.99
C3 NAG S . -10.06 -24.67 -12.66
C4 NAG S . -11.07 -25.25 -13.65
C5 NAG S . -11.54 -24.17 -14.63
C6 NAG S . -12.66 -24.64 -15.52
C7 NAG S . -9.39 -23.17 -9.87
C8 NAG S . -8.29 -22.45 -9.15
N2 NAG S . -9.58 -22.82 -11.14
O3 NAG S . -9.77 -25.64 -11.66
O4 NAG S . -10.47 -26.31 -14.40
O5 NAG S . -12.03 -23.04 -13.90
O6 NAG S . -12.42 -25.95 -16.02
O7 NAG S . -10.07 -24.04 -9.33
C1 NAG T . -13.33 -7.04 -29.97
C2 NAG T . -11.97 -7.75 -29.99
C3 NAG T . -11.23 -7.47 -31.29
C4 NAG T . -12.12 -7.80 -32.48
C5 NAG T . -13.45 -7.08 -32.38
C6 NAG T . -14.42 -7.46 -33.47
C7 NAG T . -10.72 -8.19 -27.91
C8 NAG T . -9.89 -7.59 -26.81
N2 NAG T . -11.15 -7.33 -28.84
O3 NAG T . -10.04 -8.24 -31.34
O4 NAG T . -11.47 -7.41 -33.69
O5 NAG T . -14.09 -7.42 -31.13
O6 NAG T . -15.74 -7.01 -33.17
O7 NAG T . -10.99 -9.38 -27.95
C1 NAG U . -26.80 -22.64 -14.57
C2 NAG U . -27.51 -23.35 -13.42
C3 NAG U . -27.72 -24.81 -13.76
C4 NAG U . -28.45 -24.96 -15.09
C5 NAG U . -27.71 -24.18 -16.18
C6 NAG U . -28.45 -24.17 -17.50
C7 NAG U . -27.21 -22.56 -11.11
C8 NAG U . -26.29 -22.52 -9.93
N2 NAG U . -26.75 -23.21 -12.18
O3 NAG U . -28.48 -25.43 -12.72
O4 NAG U . -28.51 -26.33 -15.46
O5 NAG U . -27.56 -22.81 -15.78
O6 NAG U . -27.93 -23.17 -18.38
O7 NAG U . -28.32 -22.03 -11.09
C1 NAG V . -9.46 6.88 25.60
C2 NAG V . -8.34 6.14 26.33
C3 NAG V . -8.89 5.37 27.53
C4 NAG V . -9.72 6.29 28.42
C5 NAG V . -10.76 7.04 27.61
C6 NAG V . -11.51 8.09 28.40
C7 NAG V . -6.36 4.89 25.57
C8 NAG V . -5.82 3.94 24.54
N2 NAG V . -7.65 5.23 25.43
O3 NAG V . -7.81 4.84 28.27
O4 NAG V . -10.38 5.54 29.42
O5 NAG V . -10.14 7.73 26.51
O6 NAG V . -11.87 7.60 29.68
O7 NAG V . -5.67 5.33 26.48
C1 NAG W . -27.81 13.37 13.40
C2 NAG W . -27.85 11.90 13.80
C3 NAG W . -29.25 11.31 13.56
C4 NAG W . -30.31 12.17 14.22
C5 NAG W . -30.17 13.62 13.78
C6 NAG W . -31.14 14.55 14.49
C7 NAG W . -25.86 10.46 13.70
C8 NAG W . -24.91 9.72 12.80
N2 NAG W . -26.85 11.12 13.08
O3 NAG W . -29.30 9.98 14.07
O4 NAG W . -31.61 11.70 13.87
O5 NAG W . -28.85 14.08 14.09
O6 NAG W . -30.78 15.91 14.29
O7 NAG W . -25.74 10.46 14.92
C1 NAG X . -9.62 22.26 29.26
C2 NAG X . -8.33 22.72 29.94
C3 NAG X . -8.47 22.63 31.46
C4 NAG X . -9.72 23.38 31.92
C5 NAG X . -10.94 22.90 31.16
C6 NAG X . -12.18 23.70 31.48
C7 NAG X . -6.16 22.47 28.82
C8 NAG X . -5.07 21.51 28.43
N2 NAG X . -7.18 21.95 29.49
O3 NAG X . -7.32 23.18 32.07
O4 NAG X . -9.91 23.18 33.32
O5 NAG X . -10.71 23.02 29.74
O6 NAG X . -13.21 23.46 30.53
O7 NAG X . -6.11 23.66 28.54
C1 NAG Y . 25.45 9.12 -8.01
C2 NAG Y . 26.17 7.84 -7.62
C3 NAG Y . 27.50 8.15 -6.92
C4 NAG Y . 28.34 9.10 -7.77
C5 NAG Y . 27.53 10.33 -8.16
C6 NAG Y . 28.27 11.22 -9.13
C7 NAG Y . 25.40 5.68 -6.71
C8 NAG Y . 24.45 5.01 -5.76
N2 NAG Y . 25.34 7.01 -6.76
O3 NAG Y . 28.21 6.93 -6.71
O4 NAG Y . 29.48 9.52 -7.03
O5 NAG Y . 26.32 9.92 -8.81
O6 NAG Y . 29.62 11.40 -8.75
O7 NAG Y . 26.19 5.05 -7.40
C1 NAG Z . 14.16 29.10 -8.93
C2 NAG Z . 14.73 28.81 -7.54
C3 NAG Z . 14.68 30.06 -6.65
C4 NAG Z . 15.33 31.25 -7.36
C5 NAG Z . 14.71 31.44 -8.73
C6 NAG Z . 15.38 32.53 -9.54
C7 NAG Z . 14.64 26.57 -6.54
C8 NAG Z . 13.75 25.54 -5.90
N2 NAG Z . 14.03 27.70 -6.91
O3 NAG Z . 15.34 29.80 -5.43
O4 NAG Z . 15.14 32.43 -6.59
O5 NAG Z . 14.84 30.24 -9.50
O6 NAG Z . 15.00 32.50 -10.90
O7 NAG Z . 15.83 26.38 -6.74
C1 NAG AA . 27.30 12.35 -23.38
C2 NAG AA . 27.81 11.17 -24.18
C3 NAG AA . 29.33 11.20 -24.26
C4 NAG AA . 29.81 12.54 -24.80
C5 NAG AA . 29.20 13.68 -23.98
C6 NAG AA . 29.54 15.04 -24.53
C7 NAG AA . 26.54 9.06 -24.23
C8 NAG AA . 26.18 7.82 -23.47
N2 NAG AA . 27.36 9.91 -23.59
O3 NAG AA . 29.79 10.15 -25.12
O4 NAG AA . 31.23 12.61 -24.73
O5 NAG AA . 27.78 13.57 -23.96
O6 NAG AA . 28.71 16.05 -23.96
O7 NAG AA . 26.12 9.28 -25.36
C1 NAG BA . 12.13 -25.50 -21.96
C2 NAG BA . 12.49 -26.52 -23.04
C3 NAG BA . 13.82 -26.17 -23.70
C4 NAG BA . 13.80 -24.73 -24.20
C5 NAG BA . 13.38 -23.78 -23.08
C6 NAG BA . 13.22 -22.35 -23.54
C7 NAG BA . 11.87 -28.91 -23.02
C8 NAG BA . 12.04 -30.22 -22.32
N2 NAG BA . 12.53 -27.88 -22.49
O3 NAG BA . 14.08 -27.06 -24.77
O4 NAG BA . 15.08 -24.37 -24.69
O5 NAG BA . 12.12 -24.18 -22.54
O6 NAG BA . 12.22 -22.25 -24.56
O7 NAG BA . 11.18 -28.79 -24.02
C1 NAG CA . -9.32 -43.20 3.82
C2 NAG CA . -10.27 -43.62 2.70
C3 NAG CA . -11.46 -44.42 3.26
C4 NAG CA . -12.15 -43.65 4.37
C5 NAG CA . -11.15 -43.04 5.33
C6 NAG CA . -11.46 -43.32 6.78
C7 NAG CA . -11.17 -42.56 0.68
C8 NAG CA . -11.61 -41.27 0.05
N2 NAG CA . -10.73 -42.47 1.94
O3 NAG CA . -11.01 -45.68 3.73
O4 NAG CA . -12.97 -42.62 3.82
O5 NAG CA . -9.85 -43.61 5.07
O6 NAG CA . -10.69 -44.40 7.28
O7 NAG CA . -11.21 -43.62 0.07
C1 NAG DA . -19.89 -15.88 24.98
C2 NAG DA . -20.87 -16.39 26.04
C3 NAG DA . -21.68 -17.57 25.50
C4 NAG DA . -22.33 -17.21 24.18
C5 NAG DA . -21.31 -16.67 23.20
C6 NAG DA . -21.91 -16.18 21.91
C7 NAG DA . -20.52 -16.30 28.46
C8 NAG DA . -19.69 -16.79 29.62
N2 NAG DA . -20.18 -16.76 27.26
O3 NAG DA . -22.66 -17.95 26.46
O4 NAG DA . -22.98 -18.35 23.62
O5 NAG DA . -20.61 -15.56 23.78
O6 NAG DA . -22.85 -15.13 22.14
O7 NAG DA . -21.46 -15.54 28.63
C1 NAG EA . 9.50 -0.30 43.18
C2 NAG EA . 8.52 0.60 43.93
C3 NAG EA . 9.26 1.55 44.87
C4 NAG EA . 10.34 2.34 44.13
C5 NAG EA . 11.13 1.42 43.21
C6 NAG EA . 12.63 1.58 43.34
C7 NAG EA . 6.47 1.83 43.34
C8 NAG EA . 5.74 2.57 42.27
N2 NAG EA . 7.68 1.34 43.01
O3 NAG EA . 9.84 0.82 45.94
O4 NAG EA . 9.75 3.38 43.37
O5 NAG EA . 10.83 0.05 43.51
O6 NAG EA . 13.17 0.57 44.17
O7 NAG EA . 6.00 1.68 44.47
C1 NAG FA . 28.17 14.49 16.40
C2 NAG FA . 29.35 15.28 16.95
C3 NAG FA . 29.02 15.83 18.34
C4 NAG FA . 27.73 16.62 18.29
C5 NAG FA . 26.61 15.78 17.69
C6 NAG FA . 25.32 16.55 17.51
C7 NAG FA . 31.72 14.82 16.48
C8 NAG FA . 32.86 13.85 16.62
N2 NAG FA . 30.55 14.45 17.01
O3 NAG FA . 30.09 16.65 18.78
O4 NAG FA . 27.35 17.02 19.61
O5 NAG FA . 27.00 15.32 16.39
O6 NAG FA . 25.51 17.67 16.66
O7 NAG FA . 31.86 15.91 15.92
C1 NAG GA . 42.06 -11.71 -7.25
C2 NAG GA . 42.78 -10.59 -8.01
C3 NAG GA . 43.54 -11.15 -9.22
C4 NAG GA . 42.62 -12.00 -10.11
C5 NAG GA . 41.76 -12.92 -9.27
C6 NAG GA . 41.77 -14.35 -9.75
C7 NAG GA . 42.22 -8.30 -8.71
C8 NAG GA . 41.12 -7.37 -9.13
N2 NAG GA . 41.85 -9.56 -8.44
O3 NAG GA . 44.64 -11.94 -8.76
O4 NAG GA . 41.79 -11.15 -10.90
O5 NAG GA . 42.25 -12.94 -7.92
O6 NAG GA . 42.66 -15.16 -9.00
O7 NAG GA . 43.38 -7.93 -8.60
#